data_5C07
#
_entry.id   5C07
#
_cell.length_a   43.700
_cell.length_b   100.470
_cell.length_c   122.100
_cell.angle_alpha   96.950
_cell.angle_beta   98.110
_cell.angle_gamma   96.610
#
_symmetry.space_group_name_H-M   'P 1'
#
loop_
_entity.id
_entity.type
_entity.pdbx_description
1 polymer 'HLA class I histocompatibility antigen, A-2 alpha chain'
2 polymer Beta-2-microglobulin
3 polymer 'Marker peptide'
4 polymer '1E6 TCR Alpha Chain'
5 polymer '1E6 TCR Beta Chain'
6 non-polymer 'SULFATE ION'
7 non-polymer 1,2-ETHANEDIOL
8 non-polymer GLYCEROL
9 water water
#
loop_
_entity_poly.entity_id
_entity_poly.type
_entity_poly.pdbx_seq_one_letter_code
_entity_poly.pdbx_strand_id
1 'polypeptide(L)'
;MGSHSMRYFFTSVSRPGRGEPRFIAVGYVDDTQFVRFDSDAASQRMEPRAPWIEQEGPEYWDGETRKVKAHSQTHRVDLG
TLRGYYNQSEAGSHTVQRMYGCDVGSDWRFLRGYHQYAYDGKDYIALKEDLRSWTAADMAAQTTKHKWEAAHVAEQLRAY
LEGTCVEWLRRYLENGKETLQRTDAPKTHMTHHAVSDHEATLRCWALSFYPAEITLTWQRDGEDQTQDTELVETRPAGDG
TFQKWAAVVVPSGQEQRYTCHVQHEGLPKPLTLRWEP
;
A,F
2 'polypeptide(L)'
;MIQRTPKIQVYSRHPAENGKSNFLNCYVSGFHPSDIEVDLLKNGERIEKVEHSDLSFSKDWSFYLLYYTEFTPTEKDEYA
CRVNHVTLSQPKIVKWDRDM
;
B,G
3 'polypeptide(L)' YQFGPDFPIA C,H
4 'polypeptide(L)'
;KEVEQDPGPLSVPEGAIVSLNCTYSNSAFQYFMWYRQYSRKGPELLMYTYSSGNKEDGRFTAQVDKSSKYISLFIRDSQP
SDSATYLCAMRGDSSYKLIFGSGTRLLVRPDIQNPDPAVYQLRDSKSSDKSVCLFTDFDSQTNVSQSKDSDVYITDKCVL
DMRSMDFKSNSAVAWSNKSDFACANAFNNSIIPEDTFFP
;
D,I
5 'polypeptide(L)'
;DAGVIQSPRHEVTEMGQQVTLRCKPISGHDYLFWYRQTMMRGLELLIYFNNNVPIDDSGMPEDRFSAKMPNASFSTLKIQ
PSEPRDSAVYFCASSLWEKLAKNIQYFGAGTRLSVLEDLKNVFPPEVAVFEPSEAEISHTQKATLVCLATGFYPDHVELS
WWVNGKEVHSGVCTDPQPLKEQPALNDSRYALSSRLRVSATFWQDPRNHFRCQVQFYGLSENDEWTQDRAKPVTQIVSAE
AWGRAD
;
E,J
#
loop_
_chem_comp.id
_chem_comp.type
_chem_comp.name
_chem_comp.formula
EDO non-polymer 1,2-ETHANEDIOL 'C2 H6 O2'
GOL non-polymer GLYCEROL 'C3 H8 O3'
SO4 non-polymer 'SULFATE ION' 'O4 S -2'
#
# COMPACT_ATOMS: atom_id res chain seq x y z
N GLY A 2 18.18 6.65 45.77
CA GLY A 2 19.04 7.83 45.57
C GLY A 2 19.14 8.09 44.07
N SER A 3 19.71 9.23 43.74
CA SER A 3 19.92 9.65 42.37
C SER A 3 21.04 8.88 41.76
N HIS A 4 21.09 8.85 40.44
CA HIS A 4 22.17 8.19 39.74
C HIS A 4 22.62 9.06 38.58
N SER A 5 23.79 8.77 38.03
CA SER A 5 24.35 9.50 36.87
C SER A 5 25.16 8.59 36.00
N MET A 6 25.17 8.87 34.71
CA MET A 6 26.09 8.28 33.79
C MET A 6 26.86 9.44 33.17
N ARG A 7 28.19 9.33 33.15
CA ARG A 7 29.08 10.40 32.67
C ARG A 7 30.24 9.86 31.92
N TYR A 8 30.58 10.61 30.88
CA TYR A 8 31.68 10.31 30.04
C TYR A 8 32.66 11.50 30.04
N PHE A 9 33.95 11.16 30.00
CA PHE A 9 35.03 12.12 30.13
C PHE A 9 36.00 11.83 29.02
N PHE A 10 36.31 12.88 28.21
CA PHE A 10 37.24 12.77 27.07
C PHE A 10 38.37 13.79 27.14
N THR A 11 39.62 13.32 27.15
CA THR A 11 40.78 14.23 27.26
C THR A 11 41.72 14.02 26.10
N SER A 12 42.13 15.07 25.43
CA SER A 12 43.20 14.98 24.43
C SER A 12 44.27 15.98 24.72
N VAL A 13 45.51 15.51 24.60
CA VAL A 13 46.69 16.36 24.84
C VAL A 13 47.58 16.38 23.61
N SER A 14 47.78 17.56 23.04
CA SER A 14 48.69 17.64 21.89
C SER A 14 50.13 17.34 22.28
N ARG A 15 50.87 16.82 21.32
CA ARG A 15 52.22 16.38 21.56
C ARG A 15 53.06 16.78 20.37
N PRO A 16 53.40 18.07 20.31
CA PRO A 16 54.23 18.43 19.20
C PRO A 16 55.52 17.63 19.12
N GLY A 17 55.84 17.20 17.90
CA GLY A 17 56.98 16.32 17.66
C GLY A 17 56.67 14.85 17.84
N ARG A 18 55.54 14.51 18.40
CA ARG A 18 55.15 13.10 18.58
C ARG A 18 54.08 12.70 17.58
N GLY A 19 53.60 13.68 16.83
CA GLY A 19 52.54 13.43 15.88
C GLY A 19 51.21 13.51 16.60
N GLU A 20 50.44 12.42 16.59
CA GLU A 20 49.09 12.46 17.07
C GLU A 20 48.92 12.72 18.59
N PRO A 21 47.93 13.45 18.98
CA PRO A 21 47.63 13.70 20.35
C PRO A 21 47.25 12.43 21.15
N ARG A 22 47.50 12.47 22.45
CA ARG A 22 47.11 11.41 23.34
C ARG A 22 45.64 11.66 23.73
N PHE A 23 44.80 10.67 23.43
CA PHE A 23 43.38 10.76 23.65
C PHE A 23 43.01 9.66 24.65
N ILE A 24 42.34 10.05 25.74
CA ILE A 24 41.88 9.11 26.80
C ILE A 24 40.44 9.39 27.14
N ALA A 25 39.63 8.33 27.18
CA ALA A 25 38.22 8.43 27.44
C ALA A 25 37.83 7.40 28.45
N VAL A 26 36.94 7.82 29.35
CA VAL A 26 36.45 6.94 30.40
C VAL A 26 34.96 7.23 30.58
N GLY A 27 34.24 6.18 30.89
CA GLY A 27 32.80 6.28 31.27
C GLY A 27 32.55 5.77 32.70
N TYR A 28 31.61 6.42 33.36
CA TYR A 28 31.25 6.12 34.71
C TYR A 28 29.75 5.96 34.86
N VAL A 29 29.32 5.00 35.68
CA VAL A 29 27.97 5.10 36.32
C VAL A 29 28.14 5.38 37.79
N ASP A 30 27.53 6.46 38.26
CA ASP A 30 27.77 6.93 39.62
C ASP A 30 29.30 6.99 39.81
N ASP A 31 29.81 6.41 40.91
CA ASP A 31 31.23 6.41 41.18
C ASP A 31 32.00 5.24 40.59
N THR A 32 31.37 4.47 39.70
CA THR A 32 31.99 3.23 39.26
C THR A 32 32.38 3.38 37.83
N GLN A 33 33.66 3.23 37.51
CA GLN A 33 34.09 3.18 36.14
C GLN A 33 33.70 1.89 35.33
N PHE A 34 33.32 2.05 34.07
CA PHE A 34 32.88 0.87 33.34
C PHE A 34 33.43 0.68 31.93
N VAL A 35 33.98 1.74 31.34
CA VAL A 35 34.72 1.62 30.09
C VAL A 35 35.89 2.58 30.05
N ARG A 36 36.82 2.26 29.13
CA ARG A 36 37.94 3.19 28.83
C ARG A 36 38.40 3.01 27.38
N PHE A 37 39.06 4.03 26.84
CA PHE A 37 39.76 3.95 25.61
C PHE A 37 40.99 4.79 25.76
N ASP A 38 42.09 4.27 25.20
CA ASP A 38 43.36 5.01 25.12
C ASP A 38 43.97 4.95 23.67
N SER A 39 44.10 6.11 23.02
CA SER A 39 44.66 6.16 21.65
C SER A 39 45.99 5.49 21.55
N ASP A 40 46.77 5.42 22.63
CA ASP A 40 48.06 4.80 22.51
C ASP A 40 48.01 3.30 22.88
N ALA A 41 46.95 2.72 23.40
CA ALA A 41 47.02 1.27 23.75
C ALA A 41 46.86 0.44 22.48
N ALA A 42 47.16 -0.85 22.62
CA ALA A 42 47.21 -1.75 21.52
C ALA A 42 45.84 -2.05 20.92
N SER A 43 44.85 -2.28 21.77
CA SER A 43 43.54 -2.82 21.31
C SER A 43 42.84 -1.93 20.27
N GLN A 44 42.93 -0.62 20.44
CA GLN A 44 42.15 0.31 19.66
C GLN A 44 40.63 0.06 19.74
N ARG A 45 40.17 -0.33 20.91
CA ARG A 45 38.77 -0.62 21.13
C ARG A 45 38.38 0.00 22.45
N MET A 46 37.11 0.28 22.62
CA MET A 46 36.60 0.59 23.94
C MET A 46 36.75 -0.66 24.78
N GLU A 47 37.21 -0.53 26.01
CA GLU A 47 37.43 -1.71 26.82
C GLU A 47 36.55 -1.70 28.08
N PRO A 48 36.01 -2.85 28.49
CA PRO A 48 35.20 -2.90 29.71
C PRO A 48 36.07 -2.79 30.97
N ARG A 49 35.46 -2.18 31.97
CA ARG A 49 36.16 -2.07 33.21
C ARG A 49 35.30 -2.39 34.38
N ALA A 50 34.14 -2.94 34.14
CA ALA A 50 33.27 -3.40 35.24
C ALA A 50 32.63 -4.65 34.73
N PRO A 51 32.28 -5.55 35.62
CA PRO A 51 31.89 -6.84 35.09
C PRO A 51 30.54 -6.79 34.45
N TRP A 52 29.70 -5.85 34.87
CA TRP A 52 28.32 -5.87 34.36
C TRP A 52 28.24 -5.38 32.95
N ILE A 53 29.21 -4.66 32.45
CA ILE A 53 29.17 -4.22 31.07
C ILE A 53 29.70 -5.29 30.15
N GLU A 54 30.45 -6.25 30.68
CA GLU A 54 30.93 -7.39 29.89
C GLU A 54 29.84 -8.16 29.21
N GLN A 55 28.63 -8.19 29.77
CA GLN A 55 27.52 -8.91 29.14
C GLN A 55 26.95 -8.26 27.84
N GLU A 56 27.29 -7.00 27.58
CA GLU A 56 26.92 -6.43 26.29
C GLU A 56 27.56 -7.18 25.07
N GLY A 57 26.74 -7.35 24.03
CA GLY A 57 27.16 -8.10 22.88
C GLY A 57 28.07 -7.35 21.91
N PRO A 58 28.47 -8.04 20.85
CA PRO A 58 29.34 -7.57 19.82
C PRO A 58 28.93 -6.23 19.21
N GLU A 59 27.65 -6.02 18.97
CA GLU A 59 27.15 -4.80 18.37
C GLU A 59 27.38 -3.57 19.27
N TYR A 60 27.10 -3.76 20.56
CA TYR A 60 27.33 -2.74 21.51
C TYR A 60 28.80 -2.28 21.40
N TRP A 61 29.74 -3.22 21.50
CA TRP A 61 31.14 -2.87 21.64
C TRP A 61 31.63 -2.27 20.37
N ASP A 62 31.13 -2.77 19.22
CA ASP A 62 31.58 -2.18 17.96
C ASP A 62 31.12 -0.71 17.89
N GLY A 63 29.88 -0.48 18.31
CA GLY A 63 29.28 0.84 18.34
C GLY A 63 30.02 1.83 19.22
N GLU A 64 30.38 1.36 20.41
CA GLU A 64 31.01 2.23 21.36
C GLU A 64 32.44 2.54 20.87
N THR A 65 33.10 1.54 20.27
CA THR A 65 34.42 1.68 19.81
C THR A 65 34.45 2.72 18.63
N ARG A 66 33.44 2.64 17.78
CA ARG A 66 33.40 3.50 16.68
C ARG A 66 33.14 4.99 17.10
N LYS A 67 32.19 5.19 18.02
CA LYS A 67 31.91 6.49 18.52
C LYS A 67 33.12 7.07 19.23
N VAL A 68 33.84 6.27 20.03
CA VAL A 68 34.92 6.83 20.81
C VAL A 68 36.14 7.20 19.90
N LYS A 69 36.35 6.39 18.85
CA LYS A 69 37.43 6.69 17.91
C LYS A 69 37.11 7.96 17.10
N ALA A 70 35.87 8.06 16.65
CA ALA A 70 35.37 9.24 15.96
C ALA A 70 35.56 10.49 16.85
N HIS A 71 35.29 10.31 18.12
CA HIS A 71 35.52 11.35 19.10
C HIS A 71 37.01 11.77 19.21
N SER A 72 37.94 10.82 19.19
CA SER A 72 39.33 11.17 19.20
C SER A 72 39.78 12.02 17.97
N GLN A 73 39.14 11.81 16.85
CA GLN A 73 39.48 12.53 15.62
C GLN A 73 39.02 13.99 15.68
N THR A 74 37.84 14.24 16.25
CA THR A 74 37.37 15.59 16.38
C THR A 74 38.11 16.33 17.46
N HIS A 75 38.44 15.66 18.57
CA HIS A 75 39.33 16.26 19.53
C HIS A 75 40.69 16.68 18.88
N ARG A 76 41.23 15.82 18.00
CA ARG A 76 42.50 16.15 17.35
C ARG A 76 42.37 17.43 16.42
N VAL A 77 41.28 17.51 15.65
CA VAL A 77 41.02 18.68 14.81
C VAL A 77 40.91 19.90 15.74
N ASP A 78 40.13 19.71 16.82
CA ASP A 78 39.86 20.78 17.73
C ASP A 78 41.14 21.42 18.31
N LEU A 79 42.11 20.59 18.68
CA LEU A 79 43.35 21.07 19.23
C LEU A 79 44.06 22.03 18.21
N GLY A 80 43.96 21.73 16.92
CA GLY A 80 44.55 22.61 15.91
C GLY A 80 43.72 23.85 15.74
N THR A 81 42.41 23.68 15.71
CA THR A 81 41.53 24.81 15.52
C THR A 81 41.69 25.84 16.66
N LEU A 82 41.62 25.35 17.90
CA LEU A 82 41.82 26.21 19.07
C LEU A 82 43.18 26.87 19.24
N ARG A 83 44.26 26.13 18.99
CA ARG A 83 45.56 26.71 18.76
C ARG A 83 45.55 27.95 17.83
N GLY A 84 44.89 27.83 16.67
CA GLY A 84 44.70 28.96 15.79
C GLY A 84 43.85 30.08 16.40
N TYR A 85 42.75 29.72 17.05
CA TYR A 85 41.87 30.72 17.55
C TYR A 85 42.67 31.62 18.50
N TYR A 86 43.57 31.00 19.28
CA TYR A 86 44.31 31.72 20.33
C TYR A 86 45.71 32.17 19.84
N ASN A 87 46.01 31.98 18.58
CA ASN A 87 47.33 32.28 18.01
C ASN A 87 48.51 31.75 18.80
N GLN A 88 48.51 30.45 19.09
CA GLN A 88 49.47 29.94 20.04
C GLN A 88 50.53 29.23 19.21
N SER A 89 51.72 29.14 19.75
CA SER A 89 52.83 28.43 19.06
C SER A 89 52.52 26.91 18.92
N GLU A 90 53.06 26.33 17.85
CA GLU A 90 52.94 24.91 17.56
C GLU A 90 53.87 24.09 18.43
N ALA A 91 54.78 24.75 19.11
CA ALA A 91 55.71 24.10 20.04
C ALA A 91 55.07 23.65 21.34
N GLY A 92 53.96 24.25 21.74
CA GLY A 92 53.38 23.87 23.05
C GLY A 92 52.35 22.73 23.03
N SER A 93 52.26 22.06 24.15
CA SER A 93 51.29 21.07 24.35
C SER A 93 50.04 21.70 24.99
N HIS A 94 48.88 21.38 24.45
CA HIS A 94 47.60 21.83 24.99
C HIS A 94 46.60 20.69 25.18
N THR A 95 45.48 21.02 25.80
CA THR A 95 44.53 20.06 26.29
C THR A 95 43.12 20.52 25.95
N VAL A 96 42.36 19.59 25.40
CA VAL A 96 40.94 19.75 25.26
C VAL A 96 40.26 18.69 26.09
N GLN A 97 39.20 19.08 26.79
CA GLN A 97 38.40 18.14 27.63
C GLN A 97 36.94 18.33 27.30
N ARG A 98 36.24 17.22 27.18
CA ARG A 98 34.80 17.22 27.05
C ARG A 98 34.20 16.26 28.11
N MET A 99 33.08 16.66 28.71
CA MET A 99 32.35 15.79 29.66
C MET A 99 30.87 15.89 29.31
N TYR A 100 30.17 14.78 29.32
CA TYR A 100 28.76 14.83 29.20
C TYR A 100 28.09 13.70 29.97
N GLY A 101 26.80 13.87 30.20
CA GLY A 101 26.10 12.94 31.00
C GLY A 101 24.71 13.30 31.43
N CYS A 102 24.09 12.34 32.13
CA CYS A 102 22.77 12.53 32.61
C CYS A 102 22.62 11.96 33.99
N ASP A 103 21.77 12.64 34.76
CA ASP A 103 21.32 12.17 36.08
C ASP A 103 19.86 11.71 36.07
N VAL A 104 19.55 10.84 37.00
CA VAL A 104 18.18 10.49 37.26
C VAL A 104 17.92 10.55 38.75
N GLY A 105 16.70 10.86 39.12
CA GLY A 105 16.24 10.80 40.53
C GLY A 105 16.15 9.39 41.05
N SER A 106 15.70 9.20 42.29
CA SER A 106 15.66 7.86 42.84
C SER A 106 14.46 7.11 42.35
N ASP A 107 13.51 7.81 41.72
CA ASP A 107 12.53 7.16 40.83
C ASP A 107 13.10 6.79 39.46
N TRP A 108 14.36 7.15 39.18
CA TRP A 108 15.02 6.87 37.90
C TRP A 108 14.41 7.60 36.71
N ARG A 109 13.62 8.65 36.91
CA ARG A 109 13.31 9.56 35.80
C ARG A 109 14.39 10.60 35.62
N PHE A 110 14.43 11.23 34.45
CA PHE A 110 15.36 12.33 34.14
C PHE A 110 15.30 13.48 35.15
N LEU A 111 16.43 13.87 35.70
CA LEU A 111 16.59 15.07 36.51
C LEU A 111 17.30 16.15 35.68
N ARG A 112 18.42 15.79 35.03
CA ARG A 112 19.17 16.79 34.27
C ARG A 112 20.21 16.15 33.38
N GLY A 113 20.67 16.91 32.41
CA GLY A 113 21.65 16.48 31.44
C GLY A 113 22.67 17.59 31.41
N TYR A 114 23.85 17.30 30.88
CA TYR A 114 24.92 18.28 30.84
C TYR A 114 25.92 17.87 29.78
N HIS A 115 26.63 18.90 29.30
CA HIS A 115 27.61 18.76 28.27
C HIS A 115 28.48 19.99 28.30
N GLN A 116 29.77 19.78 28.58
CA GLN A 116 30.72 20.88 28.81
C GLN A 116 32.06 20.57 28.21
N TYR A 117 32.80 21.63 27.93
CA TYR A 117 34.03 21.59 27.17
C TYR A 117 34.98 22.59 27.71
N ALA A 118 36.24 22.18 27.82
CA ALA A 118 37.31 23.01 28.39
C ALA A 118 38.56 22.99 27.54
N TYR A 119 39.27 24.13 27.54
CA TYR A 119 40.51 24.28 26.78
C TYR A 119 41.55 24.62 27.80
N ASP A 120 42.65 23.90 27.80
CA ASP A 120 43.68 24.08 28.81
C ASP A 120 43.20 24.22 30.24
N GLY A 121 42.30 23.31 30.63
CA GLY A 121 41.82 23.27 31.97
C GLY A 121 40.85 24.36 32.38
N LYS A 122 40.37 25.15 31.43
CA LYS A 122 39.39 26.21 31.71
C LYS A 122 38.11 26.08 30.92
N ASP A 123 37.02 26.51 31.53
CA ASP A 123 35.73 26.47 30.87
C ASP A 123 35.84 27.07 29.47
N TYR A 124 35.24 26.45 28.48
CA TYR A 124 35.31 26.99 27.15
C TYR A 124 33.91 27.26 26.63
N ILE A 125 33.13 26.20 26.48
CA ILE A 125 31.71 26.30 26.16
C ILE A 125 30.90 25.22 26.87
N ALA A 126 29.64 25.50 27.23
CA ALA A 126 28.81 24.53 27.93
C ALA A 126 27.36 24.74 27.52
N LEU A 127 26.65 23.64 27.47
CA LEU A 127 25.22 23.61 27.26
C LEU A 127 24.55 23.98 28.58
N LYS A 128 23.60 24.92 28.58
CA LYS A 128 22.93 25.32 29.80
C LYS A 128 21.95 24.24 30.16
N GLU A 129 21.34 24.37 31.33
CA GLU A 129 20.48 23.32 31.87
C GLU A 129 19.23 23.09 31.05
N ASP A 130 18.72 24.13 30.40
CA ASP A 130 17.57 23.94 29.54
C ASP A 130 17.87 23.04 28.34
N LEU A 131 19.16 22.76 28.07
CA LEU A 131 19.61 21.93 26.93
C LEU A 131 19.25 22.49 25.57
N ARG A 132 19.03 23.80 25.51
CA ARG A 132 18.70 24.49 24.26
C ARG A 132 19.67 25.64 23.92
N SER A 133 20.57 25.99 24.84
CA SER A 133 21.34 27.21 24.71
C SER A 133 22.78 26.99 25.22
N TRP A 134 23.69 27.84 24.82
CA TRP A 134 25.10 27.65 25.10
C TRP A 134 25.65 28.85 25.85
N THR A 135 26.58 28.61 26.76
CA THR A 135 27.38 29.66 27.39
C THR A 135 28.78 29.50 26.98
N ALA A 136 29.40 30.61 26.54
CA ALA A 136 30.74 30.61 25.94
C ALA A 136 31.55 31.47 26.82
N ALA A 137 32.77 31.05 27.14
CA ALA A 137 33.62 31.78 28.10
C ALA A 137 34.31 33.04 27.52
N ASP A 138 34.60 33.07 26.22
CA ASP A 138 35.36 34.16 25.54
C ASP A 138 34.97 34.19 24.07
N MET A 139 35.61 35.04 23.26
CA MET A 139 35.27 35.13 21.84
C MET A 139 35.70 33.94 20.94
N ALA A 140 36.73 33.20 21.31
CA ALA A 140 37.00 31.94 20.64
C ALA A 140 35.78 31.03 20.76
N ALA A 141 35.40 30.81 21.99
CA ALA A 141 34.24 30.04 22.28
C ALA A 141 33.00 30.56 21.61
N GLN A 142 32.90 31.86 21.36
CA GLN A 142 31.73 32.39 20.65
C GLN A 142 31.66 31.87 19.24
N THR A 143 32.82 31.86 18.59
CA THR A 143 32.97 31.34 17.24
C THR A 143 32.50 29.88 17.13
N THR A 144 32.93 29.04 18.06
CA THR A 144 32.41 27.66 18.23
C THR A 144 30.89 27.64 18.46
N LYS A 145 30.39 28.60 19.26
CA LYS A 145 28.97 28.62 19.61
C LYS A 145 28.16 28.90 18.39
N HIS A 146 28.67 29.85 17.59
CA HIS A 146 27.98 30.20 16.34
C HIS A 146 27.98 29.03 15.35
N LYS A 147 29.07 28.34 15.20
CA LYS A 147 29.06 27.07 14.44
C LYS A 147 28.05 26.01 14.97
N TRP A 148 28.01 25.78 16.28
CA TRP A 148 27.17 24.74 16.84
C TRP A 148 25.71 25.07 16.87
N GLU A 149 25.40 26.36 16.96
CA GLU A 149 24.02 26.83 16.81
C GLU A 149 23.50 26.68 15.38
N ALA A 150 24.30 27.16 14.44
CA ALA A 150 23.99 26.95 13.01
C ALA A 150 23.84 25.46 12.70
N ALA A 151 24.59 24.59 13.40
CA ALA A 151 24.53 23.14 13.08
C ALA A 151 23.43 22.40 13.83
N HIS A 152 22.83 23.06 14.81
CA HIS A 152 21.73 22.49 15.60
C HIS A 152 22.24 21.34 16.42
N VAL A 153 23.41 21.53 16.96
CA VAL A 153 24.04 20.53 17.80
C VAL A 153 23.22 20.33 19.09
N ALA A 154 22.79 21.45 19.66
CA ALA A 154 21.99 21.39 20.89
C ALA A 154 20.79 20.51 20.80
N GLU A 155 20.03 20.56 19.70
CA GLU A 155 18.86 19.69 19.65
C GLU A 155 19.31 18.21 19.69
N GLN A 156 20.45 17.85 19.09
CA GLN A 156 20.84 16.42 19.03
C GLN A 156 21.22 15.97 20.39
N LEU A 157 22.01 16.80 21.04
CA LEU A 157 22.36 16.54 22.40
C LEU A 157 21.13 16.35 23.31
N ARG A 158 20.14 17.22 23.20
CA ARG A 158 19.04 17.17 24.12
C ARG A 158 18.25 15.88 23.92
N ALA A 159 18.01 15.47 22.67
CA ALA A 159 17.28 14.20 22.41
C ALA A 159 18.04 13.06 23.06
N TYR A 160 19.36 13.05 22.93
CA TYR A 160 20.16 12.06 23.62
C TYR A 160 20.07 12.06 25.17
N LEU A 161 20.33 13.20 25.78
CA LEU A 161 20.40 13.32 27.23
C LEU A 161 19.06 12.99 27.94
N GLU A 162 17.96 13.44 27.35
CA GLU A 162 16.62 13.19 27.87
C GLU A 162 16.06 11.82 27.50
N GLY A 163 16.64 11.16 26.49
CA GLY A 163 16.12 9.86 26.04
C GLY A 163 17.19 8.81 26.30
N THR A 164 17.98 8.54 25.27
CA THR A 164 18.98 7.48 25.19
C THR A 164 19.85 7.37 26.41
N CYS A 165 20.40 8.50 26.88
CA CYS A 165 21.33 8.49 28.00
C CYS A 165 20.62 7.88 29.20
N VAL A 166 19.39 8.32 29.48
CA VAL A 166 18.77 7.87 30.72
C VAL A 166 18.26 6.47 30.56
N GLU A 167 17.93 6.06 29.34
CA GLU A 167 17.44 4.71 29.10
C GLU A 167 18.56 3.70 29.32
N TRP A 168 19.78 4.06 28.90
CA TRP A 168 20.91 3.17 29.02
C TRP A 168 21.43 3.18 30.44
N LEU A 169 21.45 4.36 31.06
CA LEU A 169 21.71 4.42 32.49
C LEU A 169 20.81 3.45 33.29
N ARG A 170 19.51 3.47 33.02
CA ARG A 170 18.54 2.60 33.77
C ARG A 170 18.88 1.16 33.52
N ARG A 171 19.15 0.84 32.26
CA ARG A 171 19.64 -0.48 31.87
C ARG A 171 20.90 -0.94 32.61
N TYR A 172 21.94 -0.12 32.67
CA TYR A 172 23.13 -0.46 33.45
C TYR A 172 22.83 -0.69 34.96
N LEU A 173 21.99 0.15 35.55
CA LEU A 173 21.67 0.01 37.01
C LEU A 173 20.99 -1.31 37.33
N GLU A 174 20.21 -1.78 36.39
CA GLU A 174 19.49 -3.03 36.54
C GLU A 174 20.48 -4.16 36.32
N ASN A 175 21.15 -4.16 35.18
CA ASN A 175 22.11 -5.23 34.91
C ASN A 175 23.23 -5.32 35.92
N GLY A 176 23.75 -4.17 36.33
CA GLY A 176 24.76 -4.14 37.38
C GLY A 176 24.24 -3.95 38.79
N LYS A 177 23.03 -4.41 39.11
CA LYS A 177 22.44 -4.02 40.39
C LYS A 177 23.23 -4.48 41.63
N GLU A 178 23.96 -5.56 41.49
CA GLU A 178 24.81 -6.12 42.55
C GLU A 178 25.99 -5.21 42.93
N THR A 179 26.51 -4.53 41.94
CA THR A 179 27.66 -3.60 42.04
C THR A 179 27.09 -2.21 42.36
N LEU A 180 26.25 -1.74 41.45
CA LEU A 180 25.75 -0.38 41.41
C LEU A 180 24.64 -0.06 42.40
N GLN A 181 23.83 -1.04 42.82
CA GLN A 181 22.75 -0.75 43.76
C GLN A 181 23.06 -1.25 45.14
N ARG A 182 24.31 -1.60 45.36
CA ARG A 182 24.73 -2.03 46.69
C ARG A 182 25.02 -0.76 47.47
N THR A 183 24.83 -0.78 48.78
CA THR A 183 25.61 0.14 49.62
C THR A 183 26.46 -0.65 50.61
N ASP A 184 27.71 -0.21 50.77
CA ASP A 184 28.66 -0.74 51.75
C ASP A 184 28.82 0.36 52.80
N ALA A 185 28.31 0.08 54.00
CA ALA A 185 28.33 1.03 55.09
C ALA A 185 29.79 1.28 55.54
N PRO A 186 30.14 2.53 55.92
CA PRO A 186 31.50 2.74 56.43
C PRO A 186 31.84 1.95 57.68
N LYS A 187 33.07 1.46 57.71
CA LYS A 187 33.71 0.97 58.92
C LYS A 187 34.51 2.15 59.51
N THR A 188 34.30 2.41 60.79
CA THR A 188 34.71 3.63 61.45
C THR A 188 35.60 3.30 62.64
N HIS A 189 36.56 4.16 62.92
CA HIS A 189 37.30 4.11 64.17
C HIS A 189 37.96 5.42 64.45
N MET A 190 38.53 5.56 65.65
CA MET A 190 39.13 6.82 66.01
C MET A 190 40.60 6.70 66.41
N THR A 191 41.38 7.70 66.01
CA THR A 191 42.75 7.79 66.47
C THR A 191 42.98 9.01 67.34
N HIS A 192 44.00 8.84 68.18
CA HIS A 192 44.39 9.81 69.14
C HIS A 192 45.90 10.03 69.04
N HIS A 193 46.31 11.28 68.94
CA HIS A 193 47.71 11.60 68.96
C HIS A 193 47.89 12.90 69.69
N ALA A 194 48.88 12.97 70.58
CA ALA A 194 49.16 14.23 71.24
C ALA A 194 49.94 15.16 70.31
N VAL A 195 49.80 16.46 70.58
CA VAL A 195 50.42 17.54 69.82
C VAL A 195 50.74 18.62 70.89
N SER A 196 51.28 19.79 70.51
CA SER A 196 51.33 21.01 71.36
C SER A 196 51.66 20.81 72.83
N ASP A 197 50.94 19.87 73.45
CA ASP A 197 51.04 19.54 74.88
C ASP A 197 50.09 20.34 75.76
N HIS A 198 49.40 21.32 75.19
CA HIS A 198 48.06 21.67 75.69
C HIS A 198 46.98 21.03 74.78
N GLU A 199 47.40 20.40 73.67
CA GLU A 199 46.47 19.94 72.62
C GLU A 199 46.72 18.51 72.13
N ALA A 200 45.67 17.84 71.67
CA ALA A 200 45.77 16.54 71.00
C ALA A 200 44.87 16.52 69.77
N THR A 201 45.19 15.60 68.85
CA THR A 201 44.42 15.44 67.60
C THR A 201 43.60 14.18 67.66
N LEU A 202 42.30 14.36 67.44
CA LEU A 202 41.39 13.24 67.29
C LEU A 202 41.10 13.09 65.78
N ARG A 203 41.21 11.87 65.26
CA ARG A 203 40.92 11.64 63.86
C ARG A 203 39.94 10.50 63.73
N CYS A 204 38.87 10.81 63.02
CA CYS A 204 37.72 9.94 62.90
C CYS A 204 37.81 9.34 61.52
N TRP A 205 37.78 8.01 61.44
CA TRP A 205 38.00 7.29 60.20
C TRP A 205 36.74 6.57 59.70
N ALA A 206 36.48 6.75 58.40
CA ALA A 206 35.52 5.95 57.64
C ALA A 206 36.19 5.23 56.45
N LEU A 207 36.15 3.90 56.47
CA LEU A 207 36.79 3.09 55.44
C LEU A 207 35.74 2.23 54.73
N SER A 208 36.10 1.81 53.52
CA SER A 208 35.47 0.68 52.87
C SER A 208 33.99 0.95 52.55
N PHE A 209 33.66 2.18 52.21
CA PHE A 209 32.28 2.50 51.99
C PHE A 209 31.97 2.73 50.51
N TYR A 210 30.72 2.52 50.12
CA TYR A 210 30.23 2.86 48.77
C TYR A 210 28.77 3.21 48.95
N PRO A 211 28.28 4.33 48.41
CA PRO A 211 28.98 5.19 47.44
C PRO A 211 29.92 6.18 48.10
N ALA A 212 30.57 6.99 47.26
CA ALA A 212 31.58 7.92 47.76
C ALA A 212 30.99 9.01 48.69
N GLU A 213 29.76 9.38 48.39
CA GLU A 213 29.06 10.38 49.15
C GLU A 213 29.08 10.04 50.66
N ILE A 214 29.50 10.96 51.49
CA ILE A 214 29.55 10.71 52.93
C ILE A 214 29.74 12.02 53.66
N THR A 215 29.19 12.12 54.87
CA THR A 215 29.30 13.35 55.67
C THR A 215 29.82 13.04 57.06
N LEU A 216 31.01 13.57 57.34
CA LEU A 216 31.68 13.47 58.62
C LEU A 216 31.66 14.86 59.24
N THR A 217 31.26 14.94 60.53
CA THR A 217 31.42 16.18 61.28
C THR A 217 31.83 15.91 62.71
N TRP A 218 32.51 16.88 63.28
CA TRP A 218 32.87 16.87 64.67
C TRP A 218 31.93 17.80 65.44
N GLN A 219 31.57 17.38 66.64
CA GLN A 219 30.78 18.22 67.56
C GLN A 219 31.53 18.44 68.87
N ARG A 220 31.42 19.65 69.44
CA ARG A 220 31.86 19.93 70.82
C ARG A 220 30.57 20.07 71.65
N ASP A 221 30.30 19.11 72.52
CA ASP A 221 29.06 19.13 73.34
C ASP A 221 27.79 19.29 72.50
N GLY A 222 27.64 18.46 71.47
CA GLY A 222 26.46 18.47 70.64
C GLY A 222 26.36 19.67 69.71
N GLU A 223 27.47 20.40 69.55
CA GLU A 223 27.50 21.66 68.77
C GLU A 223 28.43 21.54 67.56
N ASP A 224 27.90 21.89 66.38
CA ASP A 224 28.65 21.78 65.12
C ASP A 224 30.02 22.44 65.23
N GLN A 225 31.06 21.67 64.96
CA GLN A 225 32.42 22.11 65.22
C GLN A 225 33.25 22.09 63.94
N THR A 226 33.00 23.05 63.04
CA THR A 226 33.80 23.20 61.82
C THR A 226 34.91 24.22 62.03
N GLN A 227 35.42 24.27 63.25
CA GLN A 227 36.34 25.32 63.66
C GLN A 227 37.65 24.61 64.01
N ASP A 228 38.75 25.03 63.37
CA ASP A 228 39.92 24.14 63.16
C ASP A 228 39.57 22.64 63.31
N THR A 229 38.71 22.22 62.39
CA THR A 229 38.52 20.81 62.04
C THR A 229 39.06 20.64 60.65
N GLU A 230 39.20 19.40 60.21
CA GLU A 230 39.95 19.14 58.98
C GLU A 230 39.61 17.85 58.26
N LEU A 231 39.22 17.99 56.99
CA LEU A 231 38.65 16.92 56.17
C LEU A 231 39.59 16.61 54.99
N VAL A 232 40.16 15.42 54.91
CA VAL A 232 40.78 15.03 53.65
C VAL A 232 39.74 14.77 52.61
N GLU A 233 40.19 14.97 51.38
CA GLU A 233 39.44 14.65 50.20
C GLU A 233 39.10 13.14 50.24
N THR A 234 37.87 12.76 49.93
CA THR A 234 37.55 11.35 49.80
C THR A 234 38.49 10.69 48.73
N ARG A 235 38.94 9.48 49.04
CA ARG A 235 40.00 8.82 48.27
C ARG A 235 39.58 7.32 48.05
N PRO A 236 39.83 6.83 46.83
CA PRO A 236 39.47 5.47 46.48
C PRO A 236 40.43 4.47 47.16
N ALA A 237 39.87 3.39 47.70
CA ALA A 237 40.66 2.35 48.31
C ALA A 237 41.32 1.45 47.27
N GLY A 238 40.70 1.37 46.10
CA GLY A 238 41.24 0.67 44.93
C GLY A 238 40.49 -0.60 44.67
N ASP A 239 39.57 -0.98 45.57
CA ASP A 239 38.84 -2.22 45.48
C ASP A 239 37.37 -1.92 45.20
N GLY A 240 37.07 -0.67 44.80
CA GLY A 240 35.69 -0.20 44.60
C GLY A 240 35.03 0.54 45.75
N THR A 241 35.69 0.57 46.91
CA THR A 241 35.21 1.30 48.03
C THR A 241 35.97 2.63 48.19
N PHE A 242 35.58 3.43 49.17
CA PHE A 242 36.24 4.70 49.43
C PHE A 242 36.63 4.82 50.90
N GLN A 243 37.43 5.87 51.16
CA GLN A 243 37.99 6.16 52.45
C GLN A 243 37.97 7.65 52.70
N LYS A 244 37.82 8.02 53.97
CA LYS A 244 37.84 9.42 54.37
C LYS A 244 38.08 9.56 55.89
N TRP A 245 38.70 10.66 56.28
CA TRP A 245 38.77 10.97 57.64
C TRP A 245 38.59 12.43 57.87
N ALA A 246 38.29 12.75 59.13
CA ALA A 246 38.28 14.12 59.57
C ALA A 246 38.96 14.22 60.91
N ALA A 247 39.50 15.40 61.16
CA ALA A 247 40.34 15.63 62.29
C ALA A 247 39.85 16.87 63.03
N VAL A 248 40.02 16.84 64.34
CA VAL A 248 39.79 18.01 65.17
C VAL A 248 40.95 18.08 66.13
N VAL A 249 41.48 19.28 66.30
CA VAL A 249 42.56 19.50 67.26
C VAL A 249 41.90 20.10 68.51
N VAL A 250 42.13 19.47 69.66
CA VAL A 250 41.40 19.85 70.89
C VAL A 250 42.32 20.01 72.10
N PRO A 251 41.90 20.84 73.09
CA PRO A 251 42.69 20.90 74.33
C PRO A 251 42.69 19.53 75.04
N SER A 252 43.84 19.07 75.55
CA SER A 252 43.94 17.72 76.16
C SER A 252 43.10 17.63 77.45
N GLY A 253 42.54 16.45 77.74
CA GLY A 253 41.52 16.29 78.78
C GLY A 253 40.14 16.83 78.45
N GLN A 254 39.93 17.35 77.24
CA GLN A 254 38.58 17.65 76.74
C GLN A 254 38.06 16.54 75.80
N GLU A 255 38.76 15.41 75.73
CA GLU A 255 38.50 14.38 74.70
C GLU A 255 37.04 13.93 74.63
N GLN A 256 36.45 13.75 75.81
CA GLN A 256 35.11 13.22 75.94
C GLN A 256 34.06 14.18 75.39
N ARG A 257 34.37 15.48 75.41
CA ARG A 257 33.46 16.51 74.89
C ARG A 257 33.21 16.43 73.40
N TYR A 258 34.05 15.68 72.69
CA TYR A 258 34.04 15.64 71.23
C TYR A 258 33.42 14.36 70.74
N THR A 259 32.55 14.50 69.74
CA THR A 259 31.98 13.35 69.07
C THR A 259 32.08 13.52 67.56
N CYS A 260 32.22 12.38 66.88
CA CYS A 260 32.26 12.35 65.45
C CYS A 260 30.97 11.76 64.94
N HIS A 261 30.41 12.39 63.93
CA HIS A 261 29.12 11.99 63.37
C HIS A 261 29.29 11.54 61.92
N VAL A 262 28.88 10.33 61.64
CA VAL A 262 29.07 9.78 60.32
C VAL A 262 27.72 9.57 59.66
N GLN A 263 27.48 10.25 58.54
CA GLN A 263 26.26 10.05 57.75
C GLN A 263 26.58 9.36 56.42
N HIS A 264 25.84 8.31 56.12
CA HIS A 264 26.06 7.58 54.88
C HIS A 264 24.87 6.68 54.61
N GLU A 265 24.59 6.56 53.33
CA GLU A 265 23.42 5.91 52.83
C GLU A 265 23.31 4.49 53.29
N GLY A 266 24.45 3.87 53.54
CA GLY A 266 24.53 2.54 54.13
C GLY A 266 24.14 2.46 55.60
N LEU A 267 24.00 3.62 56.24
CA LEU A 267 23.73 3.69 57.65
C LEU A 267 22.27 3.98 57.88
N PRO A 268 21.52 2.97 58.37
CA PRO A 268 20.11 3.25 58.68
C PRO A 268 19.98 4.39 59.69
N LYS A 269 21.04 4.63 60.47
CA LYS A 269 21.07 5.71 61.45
C LYS A 269 22.49 6.29 61.51
N PRO A 270 22.60 7.64 61.59
CA PRO A 270 23.90 8.32 61.77
C PRO A 270 24.67 7.83 62.99
N LEU A 271 25.94 7.47 62.80
CA LEU A 271 26.78 6.98 63.87
C LEU A 271 27.37 8.14 64.63
N THR A 272 27.54 7.92 65.93
CA THR A 272 28.24 8.83 66.81
C THR A 272 29.47 8.07 67.34
N LEU A 273 30.64 8.66 67.28
CA LEU A 273 31.84 8.05 67.84
C LEU A 273 32.49 8.96 68.87
N ARG A 274 33.16 8.37 69.85
CA ARG A 274 33.76 9.11 70.94
C ARG A 274 35.06 8.42 71.35
N TRP A 275 36.12 9.18 71.58
CA TRP A 275 37.40 8.59 71.94
C TRP A 275 37.30 7.58 73.12
N GLU A 276 37.58 6.31 72.84
CA GLU A 276 37.12 5.24 73.75
C GLU A 276 37.99 4.94 74.99
N PRO A 277 39.22 4.42 74.80
CA PRO A 277 39.99 4.02 75.99
C PRO A 277 40.77 5.17 76.65
N MET B 1 48.66 30.33 30.45
CA MET B 1 47.81 29.18 30.81
C MET B 1 47.88 28.86 32.30
N ILE B 2 46.77 28.29 32.79
CA ILE B 2 46.59 27.91 34.18
C ILE B 2 47.26 26.56 34.51
N GLN B 3 48.10 26.50 35.55
CA GLN B 3 48.61 25.21 36.06
C GLN B 3 48.14 24.97 37.51
N ARG B 4 47.84 23.73 37.89
CA ARG B 4 47.49 23.43 39.26
C ARG B 4 48.39 22.30 39.67
N THR B 5 48.94 22.42 40.88
CA THR B 5 49.92 21.46 41.34
C THR B 5 49.17 20.29 42.02
N PRO B 6 49.75 19.10 42.00
CA PRO B 6 48.97 17.95 42.48
C PRO B 6 48.83 17.81 43.99
N LYS B 7 47.68 17.34 44.49
CA LYS B 7 47.54 16.99 45.90
C LYS B 7 47.88 15.56 45.91
N ILE B 8 48.54 15.11 46.97
CA ILE B 8 49.04 13.73 47.06
C ILE B 8 48.65 13.12 48.35
N GLN B 9 48.11 11.92 48.28
CA GLN B 9 47.82 11.14 49.47
C GLN B 9 48.45 9.79 49.29
N VAL B 10 49.15 9.31 50.32
CA VAL B 10 49.75 7.97 50.33
C VAL B 10 49.20 7.11 51.44
N TYR B 11 48.76 5.89 51.11
CA TYR B 11 48.02 5.14 52.12
C TYR B 11 47.83 3.73 51.70
N SER B 12 47.51 2.87 52.63
CA SER B 12 47.20 1.45 52.30
C SER B 12 45.71 1.25 52.06
N ARG B 13 45.39 0.21 51.32
CA ARG B 13 44.01 -0.17 51.04
C ARG B 13 43.33 -0.64 52.29
N HIS B 14 43.98 -1.54 53.01
CA HIS B 14 43.48 -2.11 54.28
C HIS B 14 44.36 -1.58 55.36
N PRO B 15 43.83 -1.57 56.61
CA PRO B 15 44.63 -1.34 57.79
C PRO B 15 45.93 -2.15 57.74
N ALA B 16 47.05 -1.50 57.93
CA ALA B 16 48.36 -2.18 57.81
C ALA B 16 48.67 -3.12 58.97
N GLU B 17 49.17 -4.32 58.67
CA GLU B 17 49.53 -5.26 59.71
C GLU B 17 50.82 -5.81 59.24
N ASN B 18 51.85 -5.66 60.06
CA ASN B 18 53.18 -6.08 59.68
C ASN B 18 53.14 -7.57 59.29
N GLY B 19 53.81 -7.90 58.17
CA GLY B 19 53.82 -9.27 57.67
C GLY B 19 52.62 -9.65 56.79
N LYS B 20 51.68 -8.76 56.55
CA LYS B 20 50.54 -9.16 55.74
C LYS B 20 50.41 -8.32 54.46
N SER B 21 50.31 -9.05 53.35
CA SER B 21 50.02 -8.47 52.04
C SER B 21 48.84 -7.49 52.04
N ASN B 22 49.02 -6.42 51.31
CA ASN B 22 48.10 -5.27 51.33
C ASN B 22 48.37 -4.56 49.96
N PHE B 23 47.79 -3.40 49.73
CA PHE B 23 48.11 -2.55 48.60
C PHE B 23 48.48 -1.19 49.10
N LEU B 24 49.55 -0.66 48.50
CA LEU B 24 49.99 0.66 48.76
C LEU B 24 49.44 1.57 47.65
N ASN B 25 48.85 2.70 48.05
CA ASN B 25 48.20 3.59 47.12
C ASN B 25 48.89 4.90 47.16
N CYS B 26 49.09 5.52 45.99
CA CYS B 26 49.37 6.96 45.90
C CYS B 26 48.32 7.63 45.01
N TYR B 27 47.55 8.55 45.56
CA TYR B 27 46.44 9.22 44.86
C TYR B 27 46.83 10.66 44.62
N VAL B 28 46.87 11.07 43.36
CA VAL B 28 47.21 12.42 42.98
C VAL B 28 46.00 13.01 42.36
N SER B 29 45.69 14.26 42.70
CA SER B 29 44.45 14.85 42.24
C SER B 29 44.67 16.33 42.20
N GLY B 30 43.74 17.04 41.54
CA GLY B 30 43.74 18.53 41.56
C GLY B 30 44.79 19.10 40.62
N PHE B 31 45.38 18.28 39.76
CA PHE B 31 46.48 18.79 38.95
C PHE B 31 46.11 19.14 37.50
N HIS B 32 46.91 20.02 36.89
CA HIS B 32 46.75 20.39 35.50
C HIS B 32 48.05 21.01 35.04
N PRO B 33 48.63 20.57 33.93
CA PRO B 33 48.05 19.71 32.97
C PRO B 33 48.25 18.23 33.38
N SER B 34 47.86 17.34 32.51
CA SER B 34 47.75 15.94 32.93
C SER B 34 49.05 15.14 32.96
N ASP B 35 50.09 15.53 32.24
CA ASP B 35 51.34 14.81 32.26
C ASP B 35 51.87 14.82 33.69
N ILE B 36 52.26 13.67 34.22
CA ILE B 36 52.72 13.60 35.59
C ILE B 36 53.52 12.30 35.77
N GLU B 37 54.54 12.34 36.61
CA GLU B 37 55.35 11.19 36.89
C GLU B 37 55.11 10.87 38.35
N VAL B 38 54.84 9.61 38.64
CA VAL B 38 54.59 9.14 40.01
C VAL B 38 55.28 7.80 40.26
N ASP B 39 56.06 7.67 41.31
CA ASP B 39 56.71 6.38 41.64
C ASP B 39 56.37 6.02 43.05
N LEU B 40 56.24 4.75 43.35
CA LEU B 40 56.16 4.29 44.73
C LEU B 40 57.55 3.83 45.10
N LEU B 41 58.00 4.24 46.29
CA LEU B 41 59.32 3.98 46.79
C LEU B 41 59.29 3.00 47.96
N LYS B 42 60.27 2.11 48.00
CA LYS B 42 60.56 1.24 49.13
C LYS B 42 61.99 1.51 49.55
N ASN B 43 62.18 1.95 50.78
CA ASN B 43 63.44 2.51 51.29
C ASN B 43 64.23 3.30 50.29
N GLY B 44 63.56 4.23 49.61
CA GLY B 44 64.21 5.09 48.60
C GLY B 44 64.26 4.60 47.15
N GLU B 45 63.95 3.33 46.95
CA GLU B 45 64.12 2.68 45.67
C GLU B 45 62.79 2.43 44.97
N ARG B 46 62.73 2.71 43.67
CA ARG B 46 61.50 2.51 42.93
C ARG B 46 61.01 1.10 42.99
N ILE B 47 59.71 0.98 43.16
CA ILE B 47 58.99 -0.26 43.03
C ILE B 47 58.63 -0.37 41.55
N GLU B 48 58.95 -1.47 40.91
CA GLU B 48 58.77 -1.52 39.45
C GLU B 48 57.36 -1.98 38.97
N LYS B 49 56.59 -2.70 39.75
CA LYS B 49 55.37 -3.21 39.10
C LYS B 49 54.11 -2.26 39.12
N VAL B 50 54.29 -0.96 39.23
CA VAL B 50 53.18 -0.14 39.74
C VAL B 50 52.15 0.06 38.66
N GLU B 51 50.88 -0.03 39.01
CA GLU B 51 49.77 0.15 38.09
C GLU B 51 49.05 1.49 38.42
N HIS B 52 48.24 1.95 37.49
CA HIS B 52 47.45 3.14 37.69
C HIS B 52 46.08 3.04 37.05
N SER B 53 45.16 3.82 37.62
CA SER B 53 43.84 4.02 37.06
C SER B 53 43.88 4.82 35.71
N ASP B 54 42.80 4.79 34.96
CA ASP B 54 42.67 5.50 33.72
C ASP B 54 42.48 7.00 33.98
N LEU B 55 43.13 7.84 33.19
CA LEU B 55 43.09 9.32 33.45
C LEU B 55 41.68 9.84 33.43
N SER B 56 41.25 10.46 34.53
CA SER B 56 39.96 11.09 34.59
C SER B 56 40.04 12.45 35.25
N PHE B 57 38.91 13.14 35.39
CA PHE B 57 38.96 14.53 35.89
C PHE B 57 37.70 14.98 36.61
N SER B 58 37.85 15.99 37.44
CA SER B 58 36.83 16.43 38.35
C SER B 58 36.03 17.59 37.75
N LYS B 59 35.09 18.06 38.56
CA LYS B 59 34.16 19.09 38.16
C LYS B 59 34.94 20.33 37.70
N ASP B 60 36.01 20.67 38.43
CA ASP B 60 36.83 21.84 38.05
C ASP B 60 37.81 21.58 36.90
N TRP B 61 37.72 20.40 36.28
CA TRP B 61 38.54 20.01 35.14
C TRP B 61 39.88 19.46 35.55
N SER B 62 40.23 19.53 36.83
CA SER B 62 41.51 19.01 37.27
C SER B 62 41.55 17.53 37.22
N PHE B 63 42.75 16.96 37.04
CA PHE B 63 42.88 15.51 36.87
C PHE B 63 43.14 14.74 38.13
N TYR B 64 42.88 13.43 38.09
CA TYR B 64 43.20 12.55 39.19
C TYR B 64 43.49 11.14 38.72
N LEU B 65 44.42 10.48 39.43
CA LEU B 65 44.95 9.15 39.17
C LEU B 65 45.29 8.46 40.45
N LEU B 66 44.99 7.17 40.52
CA LEU B 66 45.47 6.30 41.58
C LEU B 66 46.56 5.38 41.09
N TYR B 67 47.74 5.47 41.71
CA TYR B 67 48.83 4.54 41.50
C TYR B 67 48.87 3.53 42.64
N TYR B 68 49.19 2.27 42.36
CA TYR B 68 49.05 1.28 43.42
C TYR B 68 49.83 0.04 43.08
N THR B 69 50.21 -0.70 44.12
CA THR B 69 50.94 -1.97 44.00
C THR B 69 50.66 -2.83 45.21
N GLU B 70 50.85 -4.16 45.09
CA GLU B 70 50.80 -5.06 46.27
C GLU B 70 52.08 -4.81 47.05
N PHE B 71 51.98 -4.91 48.36
CA PHE B 71 53.12 -4.77 49.23
C PHE B 71 52.80 -5.42 50.58
N THR B 72 53.89 -5.79 51.26
CA THR B 72 53.85 -6.31 52.59
C THR B 72 54.58 -5.35 53.50
N PRO B 73 53.80 -4.57 54.20
CA PRO B 73 54.33 -3.68 55.23
C PRO B 73 55.07 -4.44 56.31
N THR B 74 56.13 -3.81 56.81
CA THR B 74 56.94 -4.38 57.89
C THR B 74 57.13 -3.27 58.88
N GLU B 75 57.79 -3.58 60.01
CA GLU B 75 58.15 -2.54 61.00
C GLU B 75 59.13 -1.51 60.47
N LYS B 76 60.15 -1.94 59.74
CA LYS B 76 61.30 -1.09 59.42
C LYS B 76 61.27 -0.51 58.00
N ASP B 77 60.62 -1.16 57.04
CA ASP B 77 60.59 -0.58 55.67
C ASP B 77 59.80 0.72 55.53
N GLU B 78 60.40 1.65 54.81
CA GLU B 78 59.85 2.95 54.59
C GLU B 78 59.28 2.98 53.19
N TYR B 79 58.04 3.41 53.08
CA TYR B 79 57.37 3.53 51.81
C TYR B 79 56.99 4.97 51.56
N ALA B 80 57.02 5.38 50.30
CA ALA B 80 56.77 6.78 49.95
C ALA B 80 56.28 6.87 48.53
N CYS B 81 55.63 7.99 48.21
CA CYS B 81 55.25 8.34 46.88
C CYS B 81 56.12 9.49 46.42
N ARG B 82 56.59 9.45 45.18
CA ARG B 82 57.34 10.58 44.59
C ARG B 82 56.70 11.10 43.29
N VAL B 83 56.34 12.38 43.28
CA VAL B 83 55.60 12.96 42.20
C VAL B 83 56.42 14.04 41.56
N ASN B 84 56.44 14.05 40.24
CA ASN B 84 56.90 15.22 39.53
C ASN B 84 55.85 15.68 38.50
N HIS B 85 55.86 16.98 38.24
CA HIS B 85 54.80 17.63 37.47
C HIS B 85 55.34 19.03 37.14
N VAL B 86 54.91 19.60 36.02
CA VAL B 86 55.55 20.82 35.52
C VAL B 86 55.50 21.92 36.56
N THR B 87 54.56 21.87 37.51
CA THR B 87 54.46 22.92 38.56
C THR B 87 55.54 22.80 39.64
N LEU B 88 56.27 21.70 39.65
CA LEU B 88 57.30 21.43 40.64
C LEU B 88 58.67 21.58 40.05
N SER B 89 59.51 22.35 40.71
CA SER B 89 60.86 22.58 40.23
C SER B 89 61.70 21.38 40.58
N GLN B 90 61.20 20.55 41.49
CA GLN B 90 61.81 19.24 41.75
C GLN B 90 60.83 18.31 42.40
N PRO B 91 61.07 17.02 42.24
CA PRO B 91 60.09 16.07 42.71
C PRO B 91 59.67 16.27 44.20
N LYS B 92 58.40 15.94 44.49
CA LYS B 92 57.83 16.02 45.84
C LYS B 92 57.79 14.59 46.31
N ILE B 93 58.34 14.31 47.50
CA ILE B 93 58.32 13.01 48.14
C ILE B 93 57.38 13.13 49.34
N VAL B 94 56.39 12.24 49.45
CA VAL B 94 55.50 12.10 50.61
C VAL B 94 55.64 10.67 51.15
N LYS B 95 56.16 10.60 52.38
CA LYS B 95 56.30 9.36 53.14
C LYS B 95 54.93 8.79 53.45
N TRP B 96 54.78 7.47 53.39
CA TRP B 96 53.58 6.79 53.92
C TRP B 96 53.59 6.89 55.43
N ASP B 97 52.56 7.48 56.01
CA ASP B 97 52.37 7.41 57.47
C ASP B 97 51.22 6.44 57.74
N ARG B 98 51.49 5.22 58.19
CA ARG B 98 50.44 4.22 58.27
C ARG B 98 49.28 4.63 59.19
N ASP B 99 49.49 5.61 60.07
CA ASP B 99 48.34 6.22 60.82
C ASP B 99 47.54 7.29 59.99
N MET B 100 47.51 7.14 58.64
CA MET B 100 46.99 8.23 57.72
C MET B 100 46.61 8.03 56.21
N TYR C 1 26.28 4.08 27.32
CA TYR C 1 26.10 4.29 25.84
C TYR C 1 26.39 5.74 25.42
N GLN C 2 27.40 5.94 24.58
CA GLN C 2 27.80 7.29 24.17
C GLN C 2 26.81 7.94 23.21
N PHE C 3 26.80 9.28 23.19
CA PHE C 3 26.13 10.07 22.16
C PHE C 3 26.81 9.79 20.86
N GLY C 4 26.05 9.72 19.77
CA GLY C 4 26.75 9.50 18.50
C GLY C 4 25.89 9.97 17.35
N PRO C 5 26.37 9.86 16.13
CA PRO C 5 27.58 9.07 15.85
C PRO C 5 28.82 9.72 16.29
N ASP C 6 28.75 11.06 16.35
CA ASP C 6 29.92 11.81 16.66
C ASP C 6 29.57 13.27 16.90
N PHE C 7 30.57 14.09 17.14
CA PHE C 7 30.41 15.52 17.40
C PHE C 7 30.89 16.40 16.28
N PRO C 8 30.37 17.64 16.19
CA PRO C 8 30.94 18.57 15.26
C PRO C 8 32.24 19.13 15.81
N ILE C 9 33.11 19.57 14.92
CA ILE C 9 34.39 20.15 15.35
C ILE C 9 34.15 21.52 15.97
N ALA C 10 35.03 21.95 16.86
CA ALA C 10 34.87 23.24 17.52
C ALA C 10 35.24 24.41 16.59
N LYS D 1 19.54 -5.71 10.97
CA LYS D 1 19.78 -4.71 9.90
C LYS D 1 19.34 -5.21 8.49
N GLU D 2 18.14 -5.78 8.40
CA GLU D 2 17.54 -6.19 7.12
C GLU D 2 16.24 -5.38 6.97
N VAL D 3 16.08 -4.79 5.79
CA VAL D 3 14.94 -4.03 5.51
C VAL D 3 14.37 -4.58 4.24
N GLU D 4 13.08 -4.87 4.30
CA GLU D 4 12.34 -5.53 3.30
C GLU D 4 11.48 -4.50 2.57
N GLN D 5 11.41 -4.61 1.26
CA GLN D 5 10.74 -3.60 0.42
C GLN D 5 10.28 -4.37 -0.80
N ASP D 6 9.11 -4.07 -1.29
CA ASP D 6 8.64 -4.81 -2.43
C ASP D 6 9.12 -4.11 -3.70
N PRO D 7 9.58 -4.89 -4.67
CA PRO D 7 10.19 -4.34 -5.86
C PRO D 7 9.20 -3.78 -6.83
N GLY D 8 7.94 -4.19 -6.69
CA GLY D 8 6.95 -3.81 -7.67
C GLY D 8 7.22 -4.67 -8.87
N PRO D 9 7.20 -4.09 -10.07
CA PRO D 9 7.05 -2.67 -10.28
C PRO D 9 5.62 -2.18 -10.14
N LEU D 10 5.47 -0.91 -9.76
CA LEU D 10 4.20 -0.24 -9.73
C LEU D 10 3.99 0.52 -11.00
N SER D 11 2.82 0.35 -11.60
CA SER D 11 2.38 1.14 -12.73
C SER D 11 1.04 1.82 -12.38
N VAL D 12 1.05 3.16 -12.35
CA VAL D 12 -0.15 3.88 -12.00
C VAL D 12 -0.42 4.96 -13.01
N PRO D 13 -1.68 5.40 -13.09
CA PRO D 13 -1.96 6.47 -14.04
C PRO D 13 -1.63 7.81 -13.44
N GLU D 14 -1.19 8.74 -14.26
CA GLU D 14 -0.99 10.11 -13.82
C GLU D 14 -2.15 10.61 -12.96
N GLY D 15 -1.88 11.33 -11.86
CA GLY D 15 -2.91 11.88 -10.95
C GLY D 15 -3.19 10.98 -9.74
N ALA D 16 -2.78 9.72 -9.83
CA ALA D 16 -2.95 8.79 -8.74
C ALA D 16 -2.07 9.03 -7.52
N ILE D 17 -2.59 8.69 -6.35
CA ILE D 17 -1.80 8.64 -5.12
C ILE D 17 -1.03 7.34 -5.13
N VAL D 18 0.27 7.42 -4.87
CA VAL D 18 1.09 6.22 -4.64
C VAL D 18 1.57 6.09 -3.23
N SER D 19 1.60 4.85 -2.80
CA SER D 19 2.01 4.42 -1.49
C SER D 19 3.20 3.48 -1.65
N LEU D 20 4.34 3.84 -1.03
CA LEU D 20 5.58 3.02 -0.96
C LEU D 20 5.84 2.69 0.50
N ASN D 21 6.31 1.49 0.82
CA ASN D 21 6.73 1.21 2.18
C ASN D 21 7.90 0.21 2.34
N CYS D 22 8.45 0.13 3.57
CA CYS D 22 9.44 -0.85 3.96
C CYS D 22 9.13 -1.29 5.38
N THR D 23 9.55 -2.49 5.72
CA THR D 23 9.49 -2.93 7.10
C THR D 23 10.91 -3.28 7.51
N TYR D 24 11.17 -3.41 8.79
CA TYR D 24 12.52 -3.62 9.24
C TYR D 24 12.43 -4.31 10.52
N SER D 25 13.55 -4.79 11.04
CA SER D 25 13.47 -5.55 12.31
C SER D 25 14.32 -5.00 13.42
N ASN D 26 15.27 -4.11 13.11
CA ASN D 26 16.16 -3.63 14.14
C ASN D 26 15.63 -2.41 14.90
N SER D 27 15.24 -2.63 16.16
CA SER D 27 14.61 -1.56 16.90
C SER D 27 15.59 -0.40 17.14
N ALA D 28 16.86 -0.59 16.85
CA ALA D 28 17.79 0.49 17.05
C ALA D 28 17.77 1.51 15.93
N PHE D 29 17.09 1.27 14.80
CA PHE D 29 17.08 2.28 13.73
C PHE D 29 16.25 3.45 14.24
N GLN D 30 16.67 4.67 13.98
CA GLN D 30 16.04 5.86 14.50
C GLN D 30 15.88 6.95 13.47
N TYR D 31 16.51 6.79 12.30
CA TYR D 31 16.48 7.81 11.25
C TYR D 31 16.07 7.12 9.99
N PHE D 32 15.08 7.65 9.34
CA PHE D 32 14.45 6.94 8.27
C PHE D 32 14.32 7.87 7.10
N MET D 33 14.71 7.42 5.91
CA MET D 33 14.78 8.37 4.81
C MET D 33 14.21 7.74 3.54
N TRP D 34 13.76 8.58 2.62
CA TRP D 34 13.42 8.16 1.26
C TRP D 34 14.24 8.89 0.20
N TYR D 35 14.64 8.12 -0.79
CA TYR D 35 15.38 8.55 -1.95
C TYR D 35 14.62 8.09 -3.22
N ARG D 36 14.73 8.93 -4.27
CA ARG D 36 14.36 8.67 -5.64
C ARG D 36 15.67 8.48 -6.46
N GLN D 37 15.68 7.50 -7.34
CA GLN D 37 16.79 7.26 -8.19
C GLN D 37 16.29 7.10 -9.61
N TYR D 38 16.64 8.03 -10.49
CA TYR D 38 16.37 7.83 -11.90
C TYR D 38 17.41 6.95 -12.51
N SER D 39 17.03 6.23 -13.54
CA SER D 39 17.78 5.06 -13.96
C SER D 39 19.08 5.49 -14.60
N ARG D 40 20.17 4.85 -14.18
CA ARG D 40 21.56 5.19 -14.53
C ARG D 40 21.98 6.52 -13.83
N LYS D 41 21.38 6.85 -12.68
CA LYS D 41 21.79 8.03 -11.87
C LYS D 41 21.92 7.73 -10.39
N GLY D 42 22.41 8.69 -9.61
CA GLY D 42 22.60 8.50 -8.16
C GLY D 42 21.30 8.76 -7.42
N PRO D 43 21.22 8.37 -6.15
CA PRO D 43 20.00 8.54 -5.39
C PRO D 43 19.84 9.99 -4.96
N GLU D 44 18.62 10.48 -4.87
CA GLU D 44 18.36 11.85 -4.35
C GLU D 44 17.43 11.85 -3.18
N LEU D 45 17.88 12.50 -2.11
CA LEU D 45 17.20 12.43 -0.88
C LEU D 45 15.87 13.17 -1.14
N LEU D 46 14.77 12.57 -0.71
CA LEU D 46 13.44 13.24 -0.69
C LEU D 46 12.99 13.78 0.68
N MET D 47 13.00 12.91 1.67
CA MET D 47 12.39 13.17 2.96
C MET D 47 13.18 12.42 3.95
N TYR D 48 13.18 12.93 5.18
CA TYR D 48 13.91 12.37 6.29
C TYR D 48 13.05 12.53 7.56
N THR D 49 12.97 11.51 8.41
CA THR D 49 12.32 11.65 9.71
C THR D 49 13.15 11.02 10.84
N TYR D 50 13.24 11.73 11.97
CA TYR D 50 13.76 11.15 13.23
C TYR D 50 12.61 10.50 14.02
N SER D 51 12.74 9.20 14.35
CA SER D 51 11.68 8.31 14.96
C SER D 51 10.22 8.69 14.54
N SER D 52 9.37 9.08 15.49
CA SER D 52 8.58 10.32 15.35
C SER D 52 7.81 10.46 14.04
N GLY D 53 6.71 9.69 13.95
CA GLY D 53 5.56 10.03 13.12
C GLY D 53 5.67 10.42 11.63
N ASN D 54 5.15 11.60 11.31
CA ASN D 54 4.69 11.93 9.95
C ASN D 54 5.15 13.35 9.59
N LYS D 55 5.60 13.55 8.37
CA LYS D 55 5.83 14.89 7.87
C LYS D 55 5.53 15.06 6.40
N GLU D 56 5.14 16.27 6.04
CA GLU D 56 4.61 16.59 4.75
C GLU D 56 5.49 17.64 4.05
N ASP D 57 5.90 17.36 2.80
CA ASP D 57 6.54 18.35 1.94
C ASP D 57 6.02 18.26 0.48
N GLY D 58 5.22 19.26 0.12
CA GLY D 58 4.55 19.34 -1.15
C GLY D 58 3.55 18.20 -1.30
N ARG D 59 3.80 17.35 -2.29
CA ARG D 59 2.99 16.20 -2.66
C ARG D 59 3.41 14.92 -1.92
N PHE D 60 4.40 15.05 -1.04
CA PHE D 60 5.02 13.94 -0.38
C PHE D 60 4.61 13.87 1.11
N THR D 61 4.45 12.67 1.62
CA THR D 61 4.28 12.53 3.06
C THR D 61 5.07 11.32 3.45
N ALA D 62 5.98 11.49 4.40
CA ALA D 62 6.70 10.38 4.96
C ALA D 62 6.17 10.03 6.31
N GLN D 63 6.13 8.75 6.62
CA GLN D 63 5.58 8.28 7.91
C GLN D 63 6.42 7.15 8.46
N VAL D 64 6.50 7.15 9.78
CA VAL D 64 7.22 6.16 10.54
C VAL D 64 6.34 5.72 11.73
N ASP D 65 6.26 4.41 11.89
CA ASP D 65 5.59 3.76 13.04
C ASP D 65 6.67 2.81 13.59
N LYS D 66 7.26 3.21 14.71
CA LYS D 66 8.35 2.41 15.29
C LYS D 66 7.84 1.16 16.01
N SER D 67 6.57 1.06 16.37
CA SER D 67 6.08 -0.22 16.95
C SER D 67 5.85 -1.33 15.94
N SER D 68 5.25 -0.98 14.81
CA SER D 68 5.04 -1.93 13.76
C SER D 68 6.30 -2.06 12.89
N LYS D 69 7.26 -1.14 13.05
CA LYS D 69 8.47 -1.10 12.29
C LYS D 69 8.16 -1.11 10.83
N TYR D 70 7.42 -0.08 10.43
CA TYR D 70 6.84 0.03 9.16
C TYR D 70 6.94 1.49 8.80
N ILE D 71 7.52 1.82 7.64
CA ILE D 71 7.60 3.23 7.19
C ILE D 71 7.04 3.36 5.79
N SER D 72 6.47 4.54 5.48
CA SER D 72 5.91 4.75 4.15
C SER D 72 6.09 6.15 3.65
N LEU D 73 5.98 6.25 2.35
CA LEU D 73 5.98 7.47 1.62
C LEU D 73 4.74 7.47 0.71
N PHE D 74 4.00 8.56 0.78
CA PHE D 74 2.87 8.81 -0.06
C PHE D 74 3.21 9.97 -1.00
N ILE D 75 2.84 9.78 -2.27
CA ILE D 75 2.99 10.79 -3.28
C ILE D 75 1.61 11.15 -3.84
N ARG D 76 1.14 12.38 -3.60
CA ARG D 76 -0.08 12.84 -4.18
C ARG D 76 0.14 13.16 -5.66
N ASP D 77 -0.93 13.02 -6.45
CA ASP D 77 -1.06 13.69 -7.73
C ASP D 77 0.20 13.35 -8.51
N SER D 78 0.45 12.05 -8.62
CA SER D 78 1.64 11.60 -9.25
C SER D 78 1.77 12.10 -10.69
N GLN D 79 3.01 12.37 -11.06
CA GLN D 79 3.39 12.92 -12.37
C GLN D 79 4.35 11.95 -13.06
N PRO D 80 4.30 11.92 -14.39
CA PRO D 80 5.26 11.09 -15.17
C PRO D 80 6.73 11.19 -14.74
N SER D 81 7.14 12.38 -14.36
CA SER D 81 8.51 12.60 -13.91
C SER D 81 8.78 12.07 -12.48
N ASP D 82 7.78 11.44 -11.86
CA ASP D 82 8.02 10.77 -10.59
C ASP D 82 8.46 9.32 -10.87
N SER D 83 8.39 8.91 -12.14
CA SER D 83 8.82 7.60 -12.60
C SER D 83 10.31 7.42 -12.31
N ALA D 84 10.67 6.36 -11.60
CA ALA D 84 11.91 6.24 -10.89
C ALA D 84 11.84 5.03 -9.96
N THR D 85 13.01 4.68 -9.39
CA THR D 85 13.08 3.71 -8.32
C THR D 85 13.16 4.46 -7.02
N TYR D 86 12.40 3.98 -6.04
CA TYR D 86 12.26 4.65 -4.73
C TYR D 86 12.86 3.78 -3.68
N LEU D 87 13.79 4.31 -2.88
CA LEU D 87 14.54 3.46 -1.94
C LEU D 87 14.43 4.04 -0.56
N CYS D 88 14.19 3.19 0.43
CA CYS D 88 14.14 3.66 1.79
C CYS D 88 15.50 3.30 2.37
N ALA D 89 15.89 4.06 3.37
CA ALA D 89 17.13 3.78 4.08
C ALA D 89 17.01 4.23 5.52
N MET D 90 17.86 3.64 6.34
CA MET D 90 17.79 3.95 7.76
C MET D 90 19.06 3.69 8.53
N ARG D 91 19.21 4.32 9.69
CA ARG D 91 20.35 3.98 10.54
C ARG D 91 19.96 4.28 11.96
N GLY D 92 20.92 3.94 12.85
CA GLY D 92 20.95 4.35 14.24
C GLY D 92 21.80 5.55 14.52
N ASP D 93 22.16 5.68 15.80
CA ASP D 93 22.96 6.79 16.27
C ASP D 93 24.43 6.45 16.50
N SER D 94 24.87 5.28 16.08
N SER D 94 24.86 5.28 16.09
CA SER D 94 26.23 4.82 16.37
CA SER D 94 26.19 4.85 16.44
C SER D 94 27.16 4.93 15.16
C SER D 94 27.10 4.72 15.17
N SER D 95 26.58 5.11 13.98
CA SER D 95 27.32 5.15 12.76
C SER D 95 26.49 5.88 11.72
N TYR D 96 27.15 6.65 10.84
CA TYR D 96 26.46 7.11 9.62
C TYR D 96 26.12 6.05 8.52
N LYS D 97 26.44 4.78 8.75
CA LYS D 97 26.11 3.74 7.80
C LYS D 97 24.61 3.60 7.65
N LEU D 98 24.12 3.70 6.41
CA LEU D 98 22.78 3.54 5.99
C LEU D 98 22.53 2.09 5.50
N ILE D 99 21.38 1.53 5.89
CA ILE D 99 20.93 0.26 5.41
C ILE D 99 19.75 0.61 4.50
N PHE D 100 19.79 0.13 3.26
CA PHE D 100 18.75 0.45 2.27
C PHE D 100 17.86 -0.72 1.99
N GLY D 101 16.59 -0.44 1.73
CA GLY D 101 15.79 -1.42 1.05
C GLY D 101 16.24 -1.61 -0.40
N SER D 102 15.79 -2.70 -0.97
CA SER D 102 16.02 -3.10 -2.36
C SER D 102 15.36 -2.30 -3.42
N GLY D 103 14.46 -1.42 -3.04
CA GLY D 103 13.90 -0.42 -3.91
C GLY D 103 12.56 -0.83 -4.54
N THR D 104 11.72 0.16 -4.84
CA THR D 104 10.46 -0.10 -5.57
C THR D 104 10.42 0.71 -6.83
N ARG D 105 10.32 0.07 -7.99
CA ARG D 105 10.15 0.84 -9.23
C ARG D 105 8.73 1.35 -9.44
N LEU D 106 8.66 2.64 -9.73
CA LEU D 106 7.43 3.33 -10.04
C LEU D 106 7.43 3.91 -11.45
N LEU D 107 6.36 3.60 -12.18
CA LEU D 107 6.03 4.15 -13.48
C LEU D 107 4.72 4.88 -13.31
N VAL D 108 4.76 6.19 -13.49
CA VAL D 108 3.56 6.88 -13.74
C VAL D 108 3.25 7.20 -15.24
N ARG D 109 2.14 6.62 -15.69
CA ARG D 109 1.75 6.62 -17.08
C ARG D 109 1.16 7.97 -17.43
N PRO D 110 1.65 8.60 -18.50
CA PRO D 110 1.18 9.96 -18.81
C PRO D 110 -0.23 9.97 -19.28
N ASP D 111 -0.95 11.06 -19.02
CA ASP D 111 -2.28 11.26 -19.57
C ASP D 111 -2.15 11.89 -20.97
N ILE D 112 -2.74 11.21 -21.91
CA ILE D 112 -2.52 11.42 -23.33
C ILE D 112 -3.92 11.61 -23.84
N GLN D 113 -4.33 12.87 -24.03
CA GLN D 113 -5.72 13.18 -24.34
C GLN D 113 -6.12 12.90 -25.78
N ASN D 114 -5.17 12.88 -26.70
CA ASN D 114 -5.55 12.66 -28.08
C ASN D 114 -4.89 11.48 -28.71
N PRO D 115 -5.28 10.26 -28.26
CA PRO D 115 -4.66 9.03 -28.73
C PRO D 115 -5.02 8.77 -30.17
N ASP D 116 -4.10 8.13 -30.92
CA ASP D 116 -4.36 7.73 -32.29
C ASP D 116 -3.53 6.50 -32.66
N PRO D 117 -3.88 5.32 -32.09
CA PRO D 117 -3.06 4.11 -32.22
C PRO D 117 -2.71 3.76 -33.67
N ALA D 118 -1.57 4.32 -34.09
CA ALA D 118 -0.93 4.05 -35.37
C ALA D 118 0.25 3.07 -35.18
N VAL D 119 0.37 2.15 -36.13
CA VAL D 119 1.58 1.34 -36.36
C VAL D 119 2.29 2.04 -37.52
N TYR D 120 3.38 1.46 -37.99
CA TYR D 120 3.80 1.72 -39.36
C TYR D 120 4.91 0.75 -39.84
N GLN D 121 5.58 1.10 -40.95
CA GLN D 121 6.79 0.41 -41.41
C GLN D 121 7.80 1.48 -41.87
N LEU D 122 9.03 1.07 -42.11
CA LEU D 122 10.15 1.97 -42.31
C LEU D 122 11.42 1.15 -42.45
N ARG D 123 12.34 1.66 -43.24
CA ARG D 123 13.52 0.90 -43.54
C ARG D 123 14.68 1.83 -43.44
N ASP D 124 15.86 1.22 -43.44
CA ASP D 124 17.10 1.91 -43.06
C ASP D 124 17.53 2.98 -44.06
N SER D 125 18.50 3.79 -43.65
CA SER D 125 19.13 4.73 -44.54
C SER D 125 20.18 4.07 -45.48
N LYS D 126 20.26 2.73 -45.42
CA LYS D 126 21.19 1.95 -46.23
C LYS D 126 20.44 1.39 -47.41
N SER D 127 21.18 0.95 -48.42
CA SER D 127 20.64 0.15 -49.53
C SER D 127 19.90 -1.09 -49.03
N SER D 128 20.43 -1.67 -47.95
CA SER D 128 19.80 -2.77 -47.24
C SER D 128 18.48 -2.30 -46.70
N ASP D 129 17.53 -3.22 -46.60
CA ASP D 129 16.33 -2.94 -45.85
C ASP D 129 15.63 -4.18 -45.30
N LYS D 130 16.12 -4.59 -44.14
CA LYS D 130 15.30 -5.10 -43.06
C LYS D 130 14.52 -3.87 -42.56
N SER D 131 13.41 -4.12 -41.90
CA SER D 131 12.55 -3.05 -41.45
C SER D 131 12.27 -3.16 -39.96
N VAL D 132 11.48 -2.20 -39.49
CA VAL D 132 10.85 -2.23 -38.17
C VAL D 132 9.33 -1.99 -38.31
N CYS D 133 8.63 -1.98 -37.19
CA CYS D 133 7.25 -1.56 -37.12
C CYS D 133 7.08 -0.65 -35.85
N LEU D 134 7.06 0.67 -36.07
CA LEU D 134 6.80 1.68 -35.01
C LEU D 134 5.33 1.76 -34.62
N PHE D 135 4.98 1.22 -33.45
CA PHE D 135 3.66 1.41 -32.85
C PHE D 135 3.69 2.71 -32.05
N THR D 136 3.10 3.77 -32.56
CA THR D 136 3.19 5.07 -31.90
C THR D 136 1.80 5.65 -31.56
N ASP D 137 1.78 6.70 -30.74
CA ASP D 137 0.57 7.47 -30.39
C ASP D 137 -0.63 6.76 -29.73
N PHE D 138 -0.43 5.59 -29.14
CA PHE D 138 -1.46 4.90 -28.36
C PHE D 138 -1.52 5.54 -27.01
N ASP D 139 -2.56 5.26 -26.23
CA ASP D 139 -2.68 5.82 -24.86
C ASP D 139 -2.22 4.87 -23.76
N SER D 140 -2.09 5.42 -22.57
CA SER D 140 -1.43 4.73 -21.47
C SER D 140 -2.41 3.79 -20.75
N GLN D 141 -3.33 3.24 -21.53
CA GLN D 141 -4.12 2.10 -21.10
C GLN D 141 -3.54 0.78 -21.64
N THR D 142 -2.75 0.83 -22.70
CA THR D 142 -2.38 -0.38 -23.43
C THR D 142 -0.97 -0.92 -23.07
N ASN D 143 -0.88 -1.82 -22.10
CA ASN D 143 0.39 -2.49 -21.77
C ASN D 143 0.88 -3.31 -22.99
N VAL D 144 2.19 -3.33 -23.26
CA VAL D 144 2.70 -4.17 -24.40
C VAL D 144 3.51 -5.35 -23.93
N SER D 145 3.16 -6.53 -24.43
CA SER D 145 3.98 -7.71 -24.25
C SER D 145 4.61 -8.03 -25.60
N GLN D 146 5.90 -8.32 -25.56
CA GLN D 146 6.53 -9.09 -26.62
C GLN D 146 6.52 -10.48 -26.08
N SER D 147 6.32 -11.46 -26.94
CA SER D 147 6.68 -12.84 -26.62
C SER D 147 7.89 -13.12 -27.48
N LYS D 148 8.36 -14.35 -27.42
CA LYS D 148 9.58 -14.68 -28.11
C LYS D 148 9.70 -16.14 -28.45
N ASP D 149 10.63 -16.40 -29.35
CA ASP D 149 11.25 -17.69 -29.50
C ASP D 149 12.68 -17.35 -29.14
N SER D 150 13.59 -18.33 -29.12
CA SER D 150 15.03 -18.00 -29.11
C SER D 150 15.45 -17.54 -30.53
N ASP D 151 14.57 -17.83 -31.51
CA ASP D 151 14.58 -17.17 -32.81
C ASP D 151 13.80 -15.82 -32.71
N VAL D 152 13.97 -14.97 -33.71
CA VAL D 152 13.90 -13.54 -33.47
C VAL D 152 12.47 -13.00 -33.42
N TYR D 153 12.08 -12.41 -32.29
CA TYR D 153 10.83 -11.62 -32.12
C TYR D 153 11.04 -10.55 -31.05
N ILE D 154 11.35 -9.32 -31.46
CA ILE D 154 12.15 -8.41 -30.61
C ILE D 154 11.53 -6.96 -30.44
N THR D 155 11.20 -6.52 -29.20
CA THR D 155 10.50 -5.19 -29.00
C THR D 155 10.50 -4.51 -27.56
N ASP D 156 10.34 -3.17 -27.54
CA ASP D 156 10.47 -2.26 -26.34
C ASP D 156 9.34 -1.17 -26.25
N LYS D 157 9.34 -0.19 -25.30
CA LYS D 157 8.19 0.87 -25.17
C LYS D 157 8.30 2.22 -24.34
N CYS D 158 8.31 3.40 -24.97
CA CYS D 158 8.74 4.66 -24.28
C CYS D 158 7.92 5.96 -24.58
N VAL D 159 8.09 7.02 -23.77
CA VAL D 159 7.32 8.28 -23.92
C VAL D 159 8.15 9.56 -24.20
N LEU D 160 7.80 10.29 -25.27
CA LEU D 160 8.52 11.52 -25.66
C LEU D 160 7.79 12.89 -25.40
N ASP D 161 8.53 13.84 -24.82
CA ASP D 161 8.03 15.15 -24.42
C ASP D 161 8.42 16.15 -25.49
N MET D 162 7.63 16.17 -26.56
CA MET D 162 7.87 17.03 -27.71
C MET D 162 7.58 18.47 -27.33
N ARG D 163 8.64 19.22 -27.06
CA ARG D 163 8.50 20.58 -26.52
C ARG D 163 8.63 21.68 -27.58
N SER D 164 8.13 22.86 -27.19
CA SER D 164 7.90 24.03 -28.07
C SER D 164 6.60 23.85 -28.86
N MET D 165 6.31 22.60 -29.24
CA MET D 165 4.94 22.10 -29.31
C MET D 165 4.62 21.66 -27.89
N ASP D 166 3.33 21.63 -27.54
CA ASP D 166 2.91 21.18 -26.22
C ASP D 166 2.32 19.78 -26.34
N PHE D 167 3.04 18.93 -27.08
CA PHE D 167 2.59 17.59 -27.41
C PHE D 167 3.38 16.56 -26.59
N LYS D 168 2.87 15.33 -26.54
CA LYS D 168 3.67 14.19 -26.07
C LYS D 168 3.04 12.91 -26.59
N SER D 169 3.83 11.87 -26.72
CA SER D 169 3.35 10.62 -27.27
C SER D 169 4.13 9.44 -26.79
N ASN D 170 3.46 8.31 -26.79
CA ASN D 170 4.07 7.04 -26.58
C ASN D 170 4.55 6.49 -27.92
N SER D 171 5.75 5.93 -27.93
CA SER D 171 6.21 5.17 -29.10
C SER D 171 6.90 3.93 -28.59
N ALA D 172 6.71 2.83 -29.32
CA ALA D 172 7.38 1.54 -29.06
C ALA D 172 8.00 1.09 -30.38
N VAL D 173 8.76 0.00 -30.36
CA VAL D 173 9.46 -0.49 -31.57
C VAL D 173 9.67 -2.00 -31.52
N ALA D 174 9.37 -2.66 -32.64
CA ALA D 174 9.48 -4.11 -32.72
C ALA D 174 10.24 -4.47 -33.97
N TRP D 175 11.04 -5.54 -33.91
CA TRP D 175 11.67 -6.12 -35.10
C TRP D 175 12.22 -7.56 -34.90
N SER D 176 12.57 -8.15 -36.03
CA SER D 176 13.05 -9.51 -36.12
C SER D 176 13.40 -9.75 -37.58
N ASN D 177 14.10 -10.83 -37.89
CA ASN D 177 14.14 -11.23 -39.30
C ASN D 177 13.69 -12.66 -39.50
N LYS D 178 12.49 -12.96 -39.01
CA LYS D 178 11.81 -14.17 -39.40
C LYS D 178 11.26 -14.07 -40.85
N SER D 179 11.50 -12.93 -41.52
CA SER D 179 11.31 -12.77 -42.99
C SER D 179 9.89 -13.02 -43.50
N ASP D 180 9.22 -14.01 -42.90
CA ASP D 180 7.76 -14.00 -42.76
C ASP D 180 7.36 -13.21 -41.50
N PHE D 181 8.11 -12.15 -41.17
CA PHE D 181 7.79 -11.26 -40.04
C PHE D 181 6.91 -10.13 -40.57
N ALA D 182 5.73 -9.96 -39.99
CA ALA D 182 4.72 -9.02 -40.47
C ALA D 182 4.33 -8.00 -39.40
N CYS D 183 4.04 -6.77 -39.80
CA CYS D 183 3.56 -5.77 -38.86
C CYS D 183 2.17 -6.15 -38.41
N ALA D 184 1.28 -6.42 -39.36
CA ALA D 184 -0.04 -6.96 -39.06
C ALA D 184 0.09 -8.01 -37.94
N ASN D 185 0.99 -8.97 -38.13
CA ASN D 185 1.29 -10.02 -37.12
C ASN D 185 2.04 -9.53 -35.85
N ALA D 186 2.92 -8.53 -35.98
CA ALA D 186 3.61 -7.94 -34.82
C ALA D 186 2.62 -7.65 -33.70
N PHE D 187 3.09 -7.83 -32.46
CA PHE D 187 2.32 -7.51 -31.26
C PHE D 187 1.08 -8.41 -31.03
N ASN D 188 1.16 -9.68 -31.43
CA ASN D 188 0.06 -10.63 -31.18
C ASN D 188 -0.05 -11.16 -29.74
N ASN D 189 0.89 -10.79 -28.86
CA ASN D 189 0.75 -11.04 -27.42
C ASN D 189 0.44 -9.73 -26.69
N SER D 190 0.14 -8.70 -27.46
CA SER D 190 -0.02 -7.34 -26.97
C SER D 190 -1.45 -6.89 -27.28
N ILE D 191 -2.26 -6.66 -26.24
CA ILE D 191 -3.68 -6.27 -26.38
C ILE D 191 -3.78 -4.81 -26.84
N ILE D 192 -3.82 -4.62 -28.16
CA ILE D 192 -3.91 -3.30 -28.78
C ILE D 192 -5.38 -2.88 -28.98
N PRO D 193 -5.63 -1.56 -29.18
CA PRO D 193 -6.87 -1.13 -29.85
C PRO D 193 -6.87 -1.49 -31.35
N GLU D 194 -7.76 -0.89 -32.16
CA GLU D 194 -7.84 -1.19 -33.61
C GLU D 194 -7.07 -0.18 -34.52
N ASP D 195 -6.14 -0.67 -35.38
CA ASP D 195 -5.46 0.12 -36.50
C ASP D 195 -4.37 -0.67 -37.31
N THR D 196 -4.23 -0.37 -38.61
CA THR D 196 -3.18 -0.96 -39.48
C THR D 196 -3.07 -0.26 -40.85
N PHE D 197 -1.88 0.18 -41.24
CA PHE D 197 -1.68 0.91 -42.52
C PHE D 197 -1.27 -0.01 -43.69
N PHE D 198 -0.59 0.52 -44.72
CA PHE D 198 0.06 -0.32 -45.77
C PHE D 198 0.68 0.50 -46.94
N PRO D 199 1.92 0.15 -47.38
CA PRO D 199 2.46 0.73 -48.63
C PRO D 199 1.76 0.20 -49.89
N ASP E 1 28.05 23.89 -6.91
CA ASP E 1 27.68 23.28 -8.23
C ASP E 1 28.68 22.21 -8.67
N ALA E 2 29.97 22.43 -8.42
CA ALA E 2 31.02 21.53 -8.91
C ALA E 2 31.32 20.40 -7.90
N GLY E 3 30.59 19.28 -7.95
CA GLY E 3 30.52 18.34 -6.81
C GLY E 3 31.62 17.26 -6.63
N VAL E 4 31.17 16.07 -6.23
CA VAL E 4 32.07 14.93 -5.98
C VAL E 4 32.54 14.43 -7.32
N ILE E 5 33.85 14.24 -7.46
CA ILE E 5 34.35 13.75 -8.76
C ILE E 5 34.81 12.31 -8.61
N GLN E 6 34.29 11.44 -9.44
CA GLN E 6 34.72 10.03 -9.41
C GLN E 6 35.39 9.67 -10.66
N SER E 7 36.32 8.73 -10.57
CA SER E 7 37.01 8.26 -11.78
C SER E 7 37.35 6.74 -11.64
N PRO E 8 37.29 5.96 -12.72
CA PRO E 8 36.81 6.40 -14.04
C PRO E 8 35.26 6.38 -14.05
N ARG E 9 34.63 7.01 -15.02
CA ARG E 9 33.19 6.95 -15.15
C ARG E 9 32.69 5.49 -15.48
N HIS E 10 33.42 4.85 -16.41
CA HIS E 10 33.16 3.48 -16.79
C HIS E 10 34.41 2.68 -16.78
N GLU E 11 34.30 1.41 -16.39
CA GLU E 11 35.34 0.46 -16.58
C GLU E 11 34.83 -0.91 -17.01
N VAL E 12 35.33 -1.35 -18.15
CA VAL E 12 35.11 -2.70 -18.64
C VAL E 12 36.42 -3.47 -18.62
N THR E 13 36.53 -4.52 -17.79
CA THR E 13 37.82 -5.19 -17.58
C THR E 13 37.70 -6.70 -17.39
N GLU E 14 38.81 -7.41 -17.60
CA GLU E 14 38.80 -8.85 -17.45
C GLU E 14 39.05 -9.20 -15.97
N MET E 15 38.35 -10.21 -15.47
CA MET E 15 38.60 -10.74 -14.12
C MET E 15 40.10 -11.03 -13.91
N GLY E 16 40.56 -10.88 -12.69
CA GLY E 16 41.93 -11.20 -12.39
C GLY E 16 42.83 -9.99 -12.28
N GLN E 17 42.34 -8.82 -12.64
CA GLN E 17 43.13 -7.63 -12.59
C GLN E 17 42.71 -6.75 -11.47
N GLN E 18 43.57 -5.80 -11.19
CA GLN E 18 43.37 -4.90 -10.10
C GLN E 18 42.51 -3.75 -10.67
N VAL E 19 41.51 -3.38 -9.92
CA VAL E 19 40.68 -2.25 -10.25
C VAL E 19 40.84 -1.16 -9.23
N THR E 20 41.05 0.05 -9.69
CA THR E 20 41.11 1.22 -8.82
C THR E 20 40.05 2.26 -9.12
N LEU E 21 39.26 2.61 -8.12
CA LEU E 21 38.17 3.54 -8.24
C LEU E 21 38.67 4.69 -7.46
N ARG E 22 38.41 5.89 -7.94
N ARG E 22 38.48 5.89 -7.98
CA ARG E 22 38.93 7.07 -7.27
CA ARG E 22 39.01 7.09 -7.30
C ARG E 22 37.84 8.08 -7.02
C ARG E 22 37.88 8.09 -7.04
N CYS E 23 38.03 8.88 -5.97
CA CYS E 23 37.12 9.90 -5.63
C CYS E 23 37.77 11.06 -5.03
N LYS E 24 37.34 12.24 -5.47
CA LYS E 24 37.67 13.50 -4.78
C LYS E 24 36.36 14.11 -4.19
N PRO E 25 36.29 14.27 -2.88
CA PRO E 25 35.14 14.81 -2.21
C PRO E 25 35.03 16.30 -2.52
N ILE E 26 33.86 16.87 -2.20
CA ILE E 26 33.73 18.37 -2.35
C ILE E 26 34.72 19.00 -1.40
N SER E 27 35.35 20.06 -1.85
CA SER E 27 36.33 20.73 -1.06
C SER E 27 35.80 21.27 0.25
N GLY E 28 36.43 20.92 1.36
CA GLY E 28 35.97 21.39 2.65
C GLY E 28 35.20 20.23 3.30
N HIS E 29 34.78 19.22 2.53
CA HIS E 29 34.03 18.13 3.18
C HIS E 29 34.92 17.21 3.85
N ASP E 30 34.52 16.78 5.04
CA ASP E 30 35.41 15.91 5.81
C ASP E 30 34.84 14.53 6.09
N TYR E 31 33.75 14.13 5.45
CA TYR E 31 33.36 12.73 5.44
C TYR E 31 33.30 12.25 3.99
N LEU E 32 33.66 10.97 3.78
CA LEU E 32 33.59 10.39 2.50
C LEU E 32 33.15 8.91 2.64
N PHE E 33 32.22 8.52 1.77
CA PHE E 33 31.46 7.33 1.84
C PHE E 33 31.66 6.61 0.50
N TRP E 34 31.82 5.31 0.55
CA TRP E 34 31.79 4.50 -0.66
C TRP E 34 30.66 3.50 -0.59
N TYR E 35 29.83 3.45 -1.63
CA TYR E 35 28.73 2.51 -1.67
C TYR E 35 28.86 1.69 -2.93
N ARG E 36 28.22 0.53 -2.93
CA ARG E 36 27.97 -0.13 -4.20
C ARG E 36 26.51 -0.43 -4.40
N GLN E 37 26.16 -0.62 -5.66
CA GLN E 37 24.79 -0.97 -6.04
C GLN E 37 24.81 -1.93 -7.19
N THR E 38 24.15 -3.07 -7.00
CA THR E 38 24.02 -4.12 -8.01
C THR E 38 22.57 -4.43 -8.22
N MET E 39 22.28 -5.33 -9.15
CA MET E 39 20.92 -5.95 -9.19
C MET E 39 20.65 -6.83 -7.96
N MET E 40 21.49 -7.87 -7.77
CA MET E 40 21.31 -8.88 -6.68
C MET E 40 21.22 -8.34 -5.21
N ARG E 41 22.05 -7.37 -4.82
CA ARG E 41 22.08 -6.88 -3.40
C ARG E 41 21.43 -5.49 -3.12
N GLY E 42 20.95 -4.78 -4.17
CA GLY E 42 20.63 -3.36 -4.06
C GLY E 42 21.90 -2.54 -3.70
N LEU E 43 21.62 -1.41 -2.99
CA LEU E 43 22.49 -0.36 -2.54
C LEU E 43 23.09 -0.43 -1.06
N GLU E 44 24.41 -0.43 -0.96
CA GLU E 44 25.10 -0.85 0.27
C GLU E 44 26.31 -0.01 0.53
N LEU E 45 26.52 0.32 1.77
CA LEU E 45 27.71 1.00 2.20
C LEU E 45 28.89 0.00 2.33
N LEU E 46 29.98 0.34 1.71
CA LEU E 46 31.26 -0.38 1.84
C LEU E 46 32.07 0.16 3.01
N ILE E 47 32.34 1.47 2.98
CA ILE E 47 33.12 2.09 4.05
C ILE E 47 32.83 3.56 4.12
N TYR E 48 32.96 4.17 5.30
CA TYR E 48 33.11 5.65 5.28
C TYR E 48 34.28 6.10 6.14
N PHE E 49 34.78 7.32 5.85
CA PHE E 49 35.91 7.87 6.50
C PHE E 49 35.48 9.19 7.10
N ASN E 50 36.18 9.59 8.16
CA ASN E 50 36.10 10.90 8.70
C ASN E 50 37.49 11.44 8.97
N ASN E 51 37.81 12.64 8.50
CA ASN E 51 39.16 13.20 8.75
C ASN E 51 40.21 12.25 8.32
N ASN E 52 39.91 11.56 7.22
CA ASN E 52 40.77 10.65 6.56
C ASN E 52 40.86 9.30 7.22
N VAL E 53 40.11 9.04 8.30
CA VAL E 53 40.22 7.74 8.94
C VAL E 53 38.99 6.89 8.82
N PRO E 54 39.19 5.62 8.56
CA PRO E 54 38.08 4.76 8.34
C PRO E 54 37.30 4.59 9.66
N ILE E 55 35.98 4.82 9.65
CA ILE E 55 35.16 4.75 10.87
C ILE E 55 34.35 3.44 10.89
N ASP E 56 33.72 3.11 9.78
CA ASP E 56 32.91 1.96 9.68
C ASP E 56 33.22 1.27 8.40
N ASP E 57 33.80 0.08 8.49
CA ASP E 57 34.08 -0.74 7.30
C ASP E 57 33.36 -2.09 7.35
N SER E 58 32.31 -2.18 8.16
CA SER E 58 31.57 -3.42 8.37
C SER E 58 30.98 -3.90 7.05
N GLY E 59 30.70 -3.00 6.13
CA GLY E 59 30.27 -3.41 4.81
C GLY E 59 31.32 -3.83 3.79
N MET E 60 32.62 -3.81 4.15
CA MET E 60 33.66 -4.18 3.19
C MET E 60 33.63 -5.67 3.02
N PRO E 61 33.63 -6.17 1.77
CA PRO E 61 33.91 -7.56 1.53
C PRO E 61 35.12 -8.04 2.32
N GLU E 62 35.04 -9.25 2.83
CA GLU E 62 36.11 -9.82 3.63
C GLU E 62 37.51 -9.98 3.03
N ASP E 63 37.80 -10.05 1.72
CA ASP E 63 39.25 -9.88 1.40
C ASP E 63 39.82 -9.20 0.16
N ARG E 64 39.14 -9.13 -0.95
CA ARG E 64 39.80 -8.53 -2.15
C ARG E 64 39.64 -6.98 -2.21
N PHE E 65 39.03 -6.39 -1.19
CA PHE E 65 38.62 -4.98 -1.23
C PHE E 65 39.34 -4.19 -0.20
N SER E 66 39.92 -3.06 -0.62
CA SER E 66 40.65 -2.24 0.31
C SER E 66 40.44 -0.77 -0.02
N ALA E 67 40.27 0.03 1.00
CA ALA E 67 39.96 1.42 0.75
C ALA E 67 41.01 2.27 1.50
N LYS E 68 41.47 3.37 0.89
CA LYS E 68 42.40 4.29 1.56
C LYS E 68 41.99 5.74 1.36
N MET E 69 42.37 6.59 2.26
CA MET E 69 42.21 8.04 2.07
C MET E 69 43.55 8.72 2.41
N PRO E 70 44.45 8.86 1.42
CA PRO E 70 45.77 9.37 1.75
C PRO E 70 45.77 10.82 2.24
N ASN E 71 44.76 11.61 1.84
CA ASN E 71 44.64 13.01 2.29
C ASN E 71 43.22 13.40 2.10
N ALA E 72 42.88 14.61 2.54
CA ALA E 72 41.49 14.98 2.63
C ALA E 72 40.86 15.16 1.29
N SER E 73 41.61 15.22 0.23
CA SER E 73 41.08 15.37 -1.11
C SER E 73 41.06 14.16 -1.96
N PHE E 74 41.37 12.97 -1.44
CA PHE E 74 41.53 11.83 -2.34
C PHE E 74 41.27 10.54 -1.60
N SER E 75 40.36 9.73 -2.14
CA SER E 75 40.17 8.38 -1.65
C SER E 75 40.23 7.39 -2.80
N THR E 76 40.81 6.21 -2.56
CA THR E 76 40.70 5.13 -3.50
C THR E 76 40.06 3.92 -2.89
N LEU E 77 39.42 3.16 -3.75
CA LEU E 77 38.98 1.84 -3.40
C LEU E 77 39.57 0.89 -4.41
N LYS E 78 40.20 -0.19 -3.92
CA LYS E 78 40.86 -1.16 -4.79
C LYS E 78 40.29 -2.54 -4.57
N ILE E 79 40.14 -3.21 -5.70
CA ILE E 79 39.75 -4.57 -5.77
C ILE E 79 40.86 -5.37 -6.45
N GLN E 80 41.39 -6.36 -5.74
CA GLN E 80 42.44 -7.23 -6.32
C GLN E 80 42.41 -8.67 -5.78
N PRO E 81 42.36 -9.68 -6.62
CA PRO E 81 41.98 -9.64 -8.05
C PRO E 81 40.46 -9.36 -8.18
N SER E 82 40.04 -8.82 -9.30
CA SER E 82 38.63 -8.53 -9.54
C SER E 82 37.92 -9.81 -10.02
N GLU E 83 36.61 -9.88 -9.81
CA GLU E 83 35.80 -11.04 -10.18
C GLU E 83 34.47 -10.58 -10.78
N PRO E 84 33.85 -11.40 -11.61
CA PRO E 84 32.62 -10.92 -12.26
C PRO E 84 31.54 -10.42 -11.28
N ARG E 85 31.46 -11.06 -10.13
CA ARG E 85 30.48 -10.61 -9.15
C ARG E 85 30.75 -9.23 -8.57
N ASP E 86 31.90 -8.61 -8.85
CA ASP E 86 32.19 -7.26 -8.43
C ASP E 86 31.52 -6.22 -9.31
N SER E 87 30.93 -6.64 -10.42
CA SER E 87 30.30 -5.74 -11.39
C SER E 87 29.14 -5.05 -10.71
N ALA E 88 29.14 -3.73 -10.76
CA ALA E 88 28.22 -2.94 -10.03
C ALA E 88 28.45 -1.47 -10.37
N VAL E 89 27.59 -0.58 -9.88
CA VAL E 89 27.86 0.87 -9.86
C VAL E 89 28.40 1.19 -8.47
N TYR E 90 29.50 1.93 -8.42
CA TYR E 90 30.13 2.27 -7.19
C TYR E 90 29.95 3.76 -7.07
N PHE E 91 29.47 4.21 -5.94
CA PHE E 91 29.27 5.62 -5.78
C PHE E 91 30.12 6.05 -4.63
N CYS E 92 30.60 7.28 -4.72
CA CYS E 92 31.28 7.91 -3.65
C CYS E 92 30.42 9.10 -3.27
N ALA E 93 30.40 9.47 -1.99
CA ALA E 93 29.73 10.63 -1.53
C ALA E 93 30.56 11.32 -0.47
N SER E 94 30.35 12.63 -0.31
CA SER E 94 30.92 13.32 0.79
C SER E 94 29.91 14.19 1.55
N SER E 95 30.26 14.56 2.78
CA SER E 95 29.39 15.47 3.55
C SER E 95 30.13 16.14 4.72
N LEU E 96 29.35 16.81 5.54
CA LEU E 96 29.77 17.53 6.71
C LEU E 96 28.82 17.24 7.83
N TRP E 97 29.28 17.31 9.08
CA TRP E 97 28.44 16.97 10.21
C TRP E 97 27.04 17.61 10.11
N GLU E 98 26.96 18.92 9.90
CA GLU E 98 25.70 19.62 9.92
C GLU E 98 24.74 19.12 8.82
N LYS E 99 25.26 18.66 7.70
CA LYS E 99 24.43 18.08 6.65
C LYS E 99 24.00 16.64 7.01
N LEU E 100 24.91 15.89 7.58
CA LEU E 100 24.66 14.51 7.99
C LEU E 100 23.63 14.44 9.13
N ALA E 101 23.53 15.50 9.89
CA ALA E 101 22.52 15.61 10.95
C ALA E 101 21.10 15.66 10.39
N LYS E 102 20.95 16.21 9.17
CA LYS E 102 19.70 16.19 8.40
C LYS E 102 19.70 15.07 7.32
N ASN E 103 20.65 14.16 7.45
CA ASN E 103 20.81 13.04 6.54
C ASN E 103 21.03 13.36 5.09
N ILE E 104 21.84 14.41 4.89
CA ILE E 104 22.22 14.88 3.54
C ILE E 104 23.68 14.51 3.31
N GLN E 105 23.97 13.97 2.13
CA GLN E 105 25.31 13.70 1.65
C GLN E 105 25.25 14.01 0.20
N TYR E 106 26.38 14.13 -0.43
CA TYR E 106 26.45 14.53 -1.83
C TYR E 106 27.15 13.47 -2.60
N PHE E 107 26.56 13.02 -3.69
CA PHE E 107 27.01 11.81 -4.40
C PHE E 107 27.82 12.21 -5.64
N GLY E 108 28.87 11.48 -5.99
CA GLY E 108 29.51 11.58 -7.34
C GLY E 108 28.54 10.95 -8.33
N ALA E 109 28.88 10.98 -9.61
CA ALA E 109 28.11 10.42 -10.71
C ALA E 109 28.24 8.88 -10.79
N GLY E 110 29.15 8.29 -10.02
CA GLY E 110 29.35 6.85 -10.02
C GLY E 110 30.43 6.36 -10.99
N THR E 111 30.92 5.17 -10.71
CA THR E 111 31.68 4.38 -11.62
C THR E 111 30.87 3.10 -11.89
N ARG E 112 30.64 2.88 -13.17
CA ARG E 112 30.07 1.66 -13.67
C ARG E 112 31.16 0.64 -14.06
N LEU E 113 31.24 -0.44 -13.30
CA LEU E 113 32.22 -1.48 -13.43
C LEU E 113 31.58 -2.75 -13.90
N SER E 114 32.01 -3.19 -15.07
CA SER E 114 31.89 -4.51 -15.51
C SER E 114 33.21 -5.26 -15.53
N VAL E 115 33.21 -6.34 -14.73
CA VAL E 115 34.26 -7.37 -14.69
C VAL E 115 33.82 -8.63 -15.41
N LEU E 116 34.44 -8.97 -16.55
CA LEU E 116 33.98 -10.08 -17.37
C LEU E 116 34.90 -11.29 -17.29
N GLU E 117 34.34 -12.48 -17.52
CA GLU E 117 35.09 -13.71 -17.53
C GLU E 117 36.07 -13.69 -18.66
N ASP E 118 35.63 -13.17 -19.79
CA ASP E 118 36.38 -13.29 -21.01
C ASP E 118 36.10 -12.08 -21.93
N LEU E 119 37.13 -11.33 -22.25
CA LEU E 119 36.97 -10.19 -23.14
C LEU E 119 36.55 -10.53 -24.57
N LYS E 120 36.65 -11.78 -24.99
CA LYS E 120 36.18 -12.12 -26.37
C LYS E 120 34.67 -12.00 -26.60
N ASN E 121 33.94 -11.72 -25.54
CA ASN E 121 32.52 -11.45 -25.61
C ASN E 121 32.13 -9.99 -25.85
N VAL E 122 33.12 -9.12 -25.89
CA VAL E 122 32.86 -7.70 -25.94
C VAL E 122 32.65 -7.23 -27.36
N PHE E 123 31.61 -6.46 -27.64
CA PHE E 123 31.30 -5.98 -28.99
C PHE E 123 30.74 -4.59 -29.01
N PRO E 124 31.20 -3.77 -29.94
CA PRO E 124 30.67 -2.43 -29.96
C PRO E 124 29.36 -2.48 -30.73
N PRO E 125 28.54 -1.45 -30.60
CA PRO E 125 27.26 -1.43 -31.27
C PRO E 125 27.35 -1.12 -32.76
N GLU E 126 26.56 -1.87 -33.53
CA GLU E 126 26.19 -1.51 -34.90
C GLU E 126 24.95 -0.64 -34.77
N VAL E 127 25.07 0.58 -35.27
CA VAL E 127 24.07 1.62 -35.13
C VAL E 127 23.35 1.90 -36.45
N ALA E 128 22.13 1.33 -36.62
CA ALA E 128 21.21 1.59 -37.79
C ALA E 128 20.06 2.58 -37.46
N VAL E 129 19.80 3.49 -38.39
CA VAL E 129 18.86 4.60 -38.17
C VAL E 129 17.77 4.55 -39.24
N PHE E 130 16.53 4.28 -38.81
CA PHE E 130 15.45 4.05 -39.76
C PHE E 130 14.75 5.38 -40.11
N GLU E 131 13.90 5.30 -41.13
CA GLU E 131 13.26 6.46 -41.72
C GLU E 131 11.72 6.49 -41.44
N PRO E 132 11.16 7.68 -41.15
CA PRO E 132 9.67 7.82 -41.11
C PRO E 132 8.93 7.09 -42.26
N SER E 133 7.99 6.20 -41.98
CA SER E 133 6.99 5.78 -42.98
C SER E 133 6.18 6.96 -43.57
N GLU E 134 5.74 6.78 -44.82
CA GLU E 134 4.93 7.77 -45.48
C GLU E 134 3.59 7.89 -44.73
N ALA E 135 2.99 6.72 -44.41
CA ALA E 135 1.68 6.64 -43.76
C ALA E 135 1.63 7.45 -42.48
N GLU E 136 2.50 7.11 -41.55
CA GLU E 136 2.61 7.78 -40.25
C GLU E 136 2.71 9.31 -40.33
N ILE E 137 3.33 9.86 -41.38
CA ILE E 137 3.33 11.33 -41.58
C ILE E 137 2.16 11.76 -42.52
N SER E 138 1.60 10.82 -43.26
CA SER E 138 0.35 11.08 -44.01
C SER E 138 -0.87 11.20 -43.09
N HIS E 139 -0.81 10.55 -41.93
CA HIS E 139 -1.96 10.39 -41.01
C HIS E 139 -1.93 11.31 -39.80
N THR E 140 -0.72 11.62 -39.34
CA THR E 140 -0.43 12.23 -38.03
C THR E 140 0.43 13.54 -38.14
N GLN E 141 0.87 13.88 -39.35
CA GLN E 141 1.52 15.16 -39.61
C GLN E 141 2.79 15.44 -38.78
N LYS E 142 3.36 14.36 -38.25
CA LYS E 142 4.68 14.42 -37.63
C LYS E 142 5.46 13.16 -38.04
N ALA E 143 6.75 13.11 -37.69
CA ALA E 143 7.59 12.05 -38.23
C ALA E 143 8.60 11.51 -37.25
N THR E 144 8.51 10.20 -37.06
CA THR E 144 9.33 9.51 -36.08
C THR E 144 10.64 8.98 -36.73
N LEU E 145 11.75 9.40 -36.15
CA LEU E 145 13.04 8.72 -36.35
C LEU E 145 13.25 7.62 -35.35
N VAL E 146 13.86 6.54 -35.80
CA VAL E 146 14.16 5.45 -34.92
C VAL E 146 15.63 5.11 -35.11
N CYS E 147 16.35 5.07 -33.99
CA CYS E 147 17.76 4.68 -33.97
C CYS E 147 17.82 3.34 -33.32
N LEU E 148 18.63 2.45 -33.89
CA LEU E 148 18.80 1.09 -33.38
C LEU E 148 20.27 0.71 -33.27
N ALA E 149 20.75 0.60 -32.03
CA ALA E 149 22.08 0.13 -31.77
C ALA E 149 21.97 -1.33 -31.38
N THR E 150 22.67 -2.21 -32.09
CA THR E 150 22.53 -3.65 -31.86
C THR E 150 23.84 -4.35 -31.63
N GLY E 151 23.76 -5.51 -31.00
CA GLY E 151 24.89 -6.46 -30.93
C GLY E 151 26.06 -5.98 -30.08
N PHE E 152 25.77 -5.14 -29.08
CA PHE E 152 26.81 -4.61 -28.22
C PHE E 152 26.80 -5.31 -26.87
N TYR E 153 28.00 -5.57 -26.36
CA TYR E 153 28.23 -6.20 -25.06
C TYR E 153 29.56 -5.67 -24.46
N PRO E 154 29.62 -5.32 -23.17
CA PRO E 154 28.50 -5.29 -22.25
C PRO E 154 27.62 -4.06 -22.49
N ASP E 155 26.72 -3.74 -21.57
CA ASP E 155 25.79 -2.65 -21.81
C ASP E 155 26.33 -1.36 -21.22
N HIS E 156 27.32 -0.75 -21.84
CA HIS E 156 27.77 0.52 -21.35
C HIS E 156 27.69 1.34 -22.60
N VAL E 157 26.51 1.89 -22.85
CA VAL E 157 26.26 2.81 -23.94
C VAL E 157 25.56 4.11 -23.42
N GLU E 158 25.77 5.20 -24.10
CA GLU E 158 25.21 6.50 -23.79
C GLU E 158 24.88 7.08 -25.15
N LEU E 159 23.59 7.14 -25.43
CA LEU E 159 23.10 7.65 -26.71
C LEU E 159 22.73 9.12 -26.62
N SER E 160 23.07 9.88 -27.66
CA SER E 160 22.59 11.23 -27.80
C SER E 160 22.06 11.48 -29.25
N TRP E 161 21.39 12.62 -29.43
CA TRP E 161 20.90 13.10 -30.73
C TRP E 161 21.46 14.48 -30.91
N TRP E 162 21.86 14.76 -32.15
CA TRP E 162 22.52 16.00 -32.51
C TRP E 162 21.88 16.56 -33.76
N VAL E 163 21.54 17.84 -33.72
CA VAL E 163 20.92 18.53 -34.85
C VAL E 163 21.81 19.69 -35.16
N ASN E 164 22.27 19.78 -36.41
CA ASN E 164 23.16 20.85 -36.80
C ASN E 164 24.26 21.08 -35.77
N GLY E 165 24.89 19.99 -35.32
CA GLY E 165 26.04 20.08 -34.42
C GLY E 165 25.78 20.61 -33.02
N LYS E 166 24.52 20.53 -32.58
CA LYS E 166 24.15 20.75 -31.19
C LYS E 166 23.36 19.55 -30.70
N GLU E 167 23.79 19.02 -29.55
CA GLU E 167 23.02 18.02 -28.84
C GLU E 167 21.64 18.62 -28.49
N VAL E 168 20.56 17.91 -28.84
CA VAL E 168 19.22 18.28 -28.48
C VAL E 168 18.61 17.36 -27.44
N HIS E 169 17.80 17.96 -26.59
CA HIS E 169 17.12 17.24 -25.53
C HIS E 169 15.63 17.16 -25.77
N SER E 170 15.00 18.28 -26.14
CA SER E 170 13.55 18.27 -26.38
C SER E 170 13.17 17.36 -27.56
N GLY E 171 12.14 16.55 -27.42
CA GLY E 171 11.67 15.67 -28.49
C GLY E 171 12.12 14.22 -28.41
N VAL E 172 13.05 13.90 -27.50
CA VAL E 172 13.77 12.60 -27.53
C VAL E 172 13.26 11.62 -26.49
N CYS E 173 13.19 10.34 -26.84
CA CYS E 173 12.92 9.30 -25.88
C CYS E 173 13.67 8.01 -26.16
N THR E 174 14.61 7.71 -25.29
CA THR E 174 15.47 6.54 -25.41
C THR E 174 15.04 5.52 -24.39
N ASP E 175 15.07 4.22 -24.71
CA ASP E 175 14.60 3.23 -23.72
C ASP E 175 15.41 3.45 -22.45
N PRO E 176 14.76 3.34 -21.29
CA PRO E 176 15.48 3.49 -20.03
C PRO E 176 16.40 2.30 -19.75
N GLN E 177 16.12 1.17 -20.42
CA GLN E 177 16.87 -0.09 -20.27
C GLN E 177 17.22 -0.70 -21.62
N PRO E 178 18.36 -1.39 -21.70
CA PRO E 178 18.58 -2.13 -22.93
C PRO E 178 17.74 -3.39 -23.04
N LEU E 179 17.43 -3.75 -24.27
CA LEU E 179 16.81 -5.02 -24.59
C LEU E 179 17.95 -6.01 -24.71
N LYS E 180 17.72 -7.26 -24.34
CA LYS E 180 18.67 -8.30 -24.63
C LYS E 180 18.28 -8.86 -25.96
N GLU E 181 19.17 -8.83 -26.95
CA GLU E 181 18.88 -9.53 -28.19
C GLU E 181 19.20 -11.01 -27.90
N GLN E 182 18.36 -11.57 -27.03
CA GLN E 182 18.65 -12.77 -26.25
C GLN E 182 18.69 -14.12 -26.98
N PRO E 183 19.89 -14.51 -27.48
CA PRO E 183 20.13 -15.94 -27.41
C PRO E 183 20.11 -16.45 -25.95
N ALA E 184 19.08 -17.25 -25.63
CA ALA E 184 18.94 -17.95 -24.34
C ALA E 184 19.73 -17.35 -23.19
N LEU E 185 21.04 -17.61 -23.20
CA LEU E 185 21.93 -17.36 -22.05
C LEU E 185 22.45 -15.89 -21.94
N ASN E 186 23.38 -15.64 -21.02
CA ASN E 186 23.56 -14.32 -20.40
C ASN E 186 24.63 -13.54 -21.14
N ASP E 187 25.72 -14.23 -21.45
CA ASP E 187 26.59 -13.88 -22.57
C ASP E 187 25.61 -13.68 -23.73
N SER E 188 25.21 -12.43 -23.95
CA SER E 188 24.21 -12.14 -24.97
C SER E 188 24.26 -10.68 -25.21
N ARG E 189 24.36 -10.32 -26.47
CA ARG E 189 24.53 -8.95 -26.81
C ARG E 189 23.18 -8.34 -26.68
N TYR E 190 23.18 -7.03 -26.81
CA TYR E 190 22.07 -6.19 -26.43
C TYR E 190 21.63 -5.32 -27.61
N ALA E 191 20.39 -4.80 -27.55
CA ALA E 191 19.97 -3.73 -28.49
C ALA E 191 19.26 -2.58 -27.77
N LEU E 192 19.20 -1.41 -28.38
CA LEU E 192 18.54 -0.28 -27.73
C LEU E 192 17.95 0.67 -28.77
N SER E 193 16.70 1.12 -28.61
CA SER E 193 16.14 2.19 -29.45
C SER E 193 16.06 3.54 -28.79
N SER E 194 16.00 4.56 -29.62
CA SER E 194 15.63 5.89 -29.23
C SER E 194 14.80 6.48 -30.36
N ARG E 195 13.97 7.48 -30.02
CA ARG E 195 13.26 8.24 -31.03
C ARG E 195 13.46 9.75 -30.84
N LEU E 196 13.36 10.46 -31.96
CA LEU E 196 13.38 11.92 -32.01
C LEU E 196 12.22 12.33 -32.93
N ARG E 197 11.22 12.98 -32.34
CA ARG E 197 10.06 13.37 -33.10
C ARG E 197 10.18 14.84 -33.43
N VAL E 198 9.73 15.10 -34.66
CA VAL E 198 9.95 16.33 -35.36
C VAL E 198 8.70 16.85 -36.03
N SER E 199 8.61 18.16 -35.94
CA SER E 199 7.65 18.99 -36.68
C SER E 199 7.65 18.77 -38.19
N ALA E 200 6.46 18.53 -38.74
CA ALA E 200 6.21 18.64 -40.19
C ALA E 200 7.20 19.52 -40.99
N THR E 201 7.75 18.95 -42.04
CA THR E 201 8.78 19.65 -42.81
C THR E 201 9.80 20.23 -41.83
N PHE E 202 10.27 19.37 -40.94
CA PHE E 202 11.68 19.39 -40.52
C PHE E 202 12.22 18.18 -41.26
N TRP E 203 11.56 17.02 -41.08
CA TRP E 203 11.93 15.80 -41.82
C TRP E 203 11.89 15.91 -43.33
N GLN E 204 10.96 16.70 -43.87
CA GLN E 204 10.79 16.84 -45.34
C GLN E 204 11.77 17.81 -45.97
N ASP E 205 12.08 18.88 -45.22
CA ASP E 205 13.18 19.82 -45.51
C ASP E 205 14.43 18.94 -45.84
N PRO E 206 14.75 18.81 -47.14
CA PRO E 206 15.89 17.95 -47.42
C PRO E 206 17.17 18.38 -46.69
N ARG E 207 17.21 19.63 -46.21
CA ARG E 207 18.44 20.23 -45.68
C ARG E 207 18.79 19.78 -44.26
N ASN E 208 17.84 19.19 -43.54
CA ASN E 208 18.02 19.06 -42.09
C ASN E 208 19.03 17.99 -41.68
N HIS E 209 19.95 18.37 -40.77
CA HIS E 209 21.10 17.53 -40.37
C HIS E 209 20.98 16.87 -38.99
N PHE E 210 20.88 15.54 -39.06
CA PHE E 210 20.52 14.68 -37.95
C PHE E 210 21.57 13.61 -37.72
N ARG E 211 21.88 13.31 -36.43
CA ARG E 211 22.55 12.03 -36.04
C ARG E 211 22.38 11.51 -34.62
N CYS E 212 22.01 10.24 -34.59
CA CYS E 212 22.12 9.31 -33.48
C CYS E 212 23.60 8.97 -33.18
N GLN E 213 24.13 9.54 -32.08
CA GLN E 213 25.47 9.28 -31.59
C GLN E 213 25.47 8.36 -30.38
N VAL E 214 26.33 7.35 -30.41
CA VAL E 214 26.36 6.31 -29.36
C VAL E 214 27.76 6.00 -28.89
N GLN E 215 28.01 6.40 -27.65
CA GLN E 215 29.27 6.17 -26.97
C GLN E 215 29.21 4.75 -26.41
N PHE E 216 30.20 3.95 -26.77
CA PHE E 216 30.38 2.60 -26.22
C PHE E 216 31.60 2.61 -25.34
N TYR E 217 31.50 1.95 -24.17
CA TYR E 217 32.69 1.72 -23.35
C TYR E 217 33.04 0.25 -23.39
N GLY E 218 34.29 -0.01 -23.74
CA GLY E 218 34.83 -1.35 -23.95
C GLY E 218 36.28 -1.40 -23.52
N LEU E 219 37.15 -1.94 -24.37
CA LEU E 219 38.54 -2.15 -24.02
C LEU E 219 39.32 -0.85 -24.14
N SER E 220 40.43 -0.86 -23.44
CA SER E 220 41.34 0.26 -23.45
C SER E 220 42.65 -0.18 -24.11
N GLU E 221 43.54 0.76 -24.36
CA GLU E 221 44.77 0.43 -25.12
C GLU E 221 45.69 -0.57 -24.36
N ASN E 222 45.76 -0.47 -23.04
CA ASN E 222 46.48 -1.44 -22.28
C ASN E 222 45.73 -2.78 -22.09
N ASP E 223 44.60 -3.03 -22.76
CA ASP E 223 44.07 -4.41 -22.87
C ASP E 223 44.68 -5.11 -24.08
N GLU E 224 45.07 -6.36 -23.89
CA GLU E 224 45.53 -7.21 -24.99
C GLU E 224 44.40 -7.61 -25.91
N TRP E 225 44.68 -7.83 -27.17
CA TRP E 225 43.71 -8.35 -28.07
C TRP E 225 44.42 -9.01 -29.23
N THR E 226 43.98 -10.23 -29.55
CA THR E 226 44.43 -10.92 -30.74
C THR E 226 43.32 -11.76 -31.39
N GLN E 227 42.10 -11.23 -31.47
CA GLN E 227 41.12 -11.74 -32.43
C GLN E 227 41.32 -11.12 -33.79
N ASP E 228 40.88 -11.82 -34.82
CA ASP E 228 40.88 -11.23 -36.14
C ASP E 228 39.90 -10.05 -36.20
N ARG E 229 38.85 -10.06 -35.38
CA ARG E 229 37.95 -8.91 -35.23
C ARG E 229 38.77 -7.71 -34.80
N ALA E 230 38.40 -6.53 -35.28
CA ALA E 230 38.83 -5.28 -34.66
C ALA E 230 38.63 -5.32 -33.15
N LYS E 231 39.66 -4.88 -32.44
CA LYS E 231 39.60 -4.79 -30.97
C LYS E 231 38.45 -3.89 -30.53
N PRO E 232 37.52 -4.41 -29.71
CA PRO E 232 36.31 -3.67 -29.38
C PRO E 232 36.53 -2.60 -28.33
N VAL E 233 37.21 -1.53 -28.74
CA VAL E 233 37.58 -0.50 -27.84
C VAL E 233 36.40 0.41 -27.61
N THR E 234 36.50 1.11 -26.51
CA THR E 234 35.73 2.28 -26.26
C THR E 234 35.70 3.20 -27.47
N GLN E 235 34.51 3.55 -27.94
CA GLN E 235 34.40 4.32 -29.18
C GLN E 235 33.00 4.91 -29.35
N ILE E 236 32.93 5.90 -30.23
CA ILE E 236 31.65 6.44 -30.73
C ILE E 236 31.33 5.83 -32.10
N VAL E 237 30.25 5.05 -32.18
CA VAL E 237 29.70 4.53 -33.42
C VAL E 237 28.48 5.38 -33.68
N SER E 238 28.01 5.48 -34.92
CA SER E 238 26.98 6.46 -35.17
C SER E 238 26.42 6.39 -36.57
N ALA E 239 25.15 6.78 -36.70
CA ALA E 239 24.42 6.78 -37.98
C ALA E 239 23.75 8.11 -38.15
N GLU E 240 23.13 8.29 -39.32
CA GLU E 240 22.55 9.56 -39.74
C GLU E 240 21.56 9.46 -40.93
N ALA E 241 20.90 10.58 -41.19
CA ALA E 241 20.06 10.72 -42.37
C ALA E 241 19.76 12.20 -42.58
N TRP E 242 19.43 12.50 -43.82
CA TRP E 242 19.00 13.84 -44.20
C TRP E 242 17.51 13.77 -44.49
N GLY E 243 16.87 14.94 -44.46
CA GLY E 243 15.52 15.09 -44.99
C GLY E 243 15.36 14.69 -46.46
N ARG E 244 14.14 14.27 -46.81
CA ARG E 244 13.80 13.82 -48.16
C ARG E 244 12.28 14.06 -48.35
N ALA E 245 11.95 15.08 -49.14
CA ALA E 245 10.56 15.35 -49.51
C ALA E 245 10.20 14.60 -50.79
N ASP E 246 11.21 14.10 -51.50
CA ASP E 246 11.10 13.60 -52.90
C ASP E 246 9.77 12.96 -53.32
N MET F 1 -18.23 -1.28 -46.91
CA MET F 1 -18.46 0.13 -46.49
C MET F 1 -19.80 0.32 -45.70
N GLY F 2 -19.99 1.56 -45.26
CA GLY F 2 -21.23 1.99 -44.69
C GLY F 2 -21.36 1.85 -43.19
N SER F 3 -22.46 2.44 -42.74
CA SER F 3 -22.74 2.50 -41.35
C SER F 3 -23.41 1.19 -40.89
N HIS F 4 -23.41 0.94 -39.60
CA HIS F 4 -24.08 -0.25 -39.08
C HIS F 4 -24.84 0.09 -37.84
N SER F 5 -25.72 -0.81 -37.40
CA SER F 5 -26.44 -0.62 -36.17
C SER F 5 -26.59 -1.92 -35.42
N MET F 6 -26.71 -1.80 -34.10
CA MET F 6 -27.23 -2.88 -33.26
C MET F 6 -28.41 -2.36 -32.50
N ARG F 7 -29.51 -3.13 -32.56
CA ARG F 7 -30.76 -2.70 -32.02
C ARG F 7 -31.39 -3.87 -31.30
N TYR F 8 -31.98 -3.57 -30.18
CA TYR F 8 -32.82 -4.52 -29.44
C TYR F 8 -34.26 -4.03 -29.36
N PHE F 9 -35.21 -4.99 -29.46
CA PHE F 9 -36.63 -4.69 -29.42
C PHE F 9 -37.30 -5.55 -28.37
N PHE F 10 -38.13 -4.93 -27.52
CA PHE F 10 -38.77 -5.64 -26.44
C PHE F 10 -40.22 -5.37 -26.39
N THR F 11 -41.03 -6.43 -26.58
CA THR F 11 -42.50 -6.30 -26.57
C THR F 11 -43.16 -7.08 -25.40
N SER F 12 -44.10 -6.45 -24.66
CA SER F 12 -44.90 -7.16 -23.64
C SER F 12 -46.31 -6.75 -23.81
N VAL F 13 -47.14 -7.78 -23.80
CA VAL F 13 -48.56 -7.67 -23.96
C VAL F 13 -49.22 -8.26 -22.72
N SER F 14 -50.04 -7.44 -22.03
CA SER F 14 -50.70 -7.96 -20.87
C SER F 14 -51.84 -8.89 -21.30
N ARG F 15 -52.22 -9.82 -20.43
CA ARG F 15 -53.18 -10.85 -20.80
C ARG F 15 -54.10 -11.14 -19.61
N PRO F 16 -54.98 -10.19 -19.33
CA PRO F 16 -55.84 -10.28 -18.14
C PRO F 16 -56.47 -11.67 -17.89
N GLY F 17 -56.92 -12.44 -18.82
CA GLY F 17 -57.22 -13.83 -18.26
C GLY F 17 -56.08 -14.79 -17.77
N ARG F 18 -54.82 -14.47 -18.02
CA ARG F 18 -53.61 -15.34 -17.79
C ARG F 18 -52.71 -14.97 -16.68
N GLY F 19 -51.75 -15.84 -16.38
CA GLY F 19 -50.82 -15.59 -15.26
C GLY F 19 -49.91 -14.35 -15.43
N GLU F 20 -49.37 -14.15 -16.63
CA GLU F 20 -48.50 -13.06 -16.79
C GLU F 20 -48.50 -12.56 -18.24
N PRO F 21 -47.88 -11.42 -18.47
CA PRO F 21 -47.78 -10.92 -19.82
C PRO F 21 -46.90 -11.76 -20.71
N ARG F 22 -47.22 -11.80 -22.01
CA ARG F 22 -46.35 -12.37 -23.05
C ARG F 22 -45.21 -11.39 -23.40
N PHE F 23 -43.95 -11.84 -23.25
CA PHE F 23 -42.81 -10.97 -23.43
C PHE F 23 -41.95 -11.56 -24.54
N ILE F 24 -41.63 -10.72 -25.54
CA ILE F 24 -40.79 -11.17 -26.69
C ILE F 24 -39.72 -10.11 -26.92
N ALA F 25 -38.46 -10.57 -26.94
CA ALA F 25 -37.27 -9.75 -27.22
C ALA F 25 -36.55 -10.29 -28.41
N VAL F 26 -36.07 -9.38 -29.26
CA VAL F 26 -35.20 -9.75 -30.36
C VAL F 26 -34.07 -8.70 -30.48
N GLY F 27 -32.95 -9.19 -30.95
CA GLY F 27 -31.78 -8.35 -31.29
C GLY F 27 -31.32 -8.52 -32.72
N TYR F 28 -30.89 -7.41 -33.29
CA TYR F 28 -30.48 -7.33 -34.66
C TYR F 28 -29.14 -6.62 -34.78
N VAL F 29 -28.27 -7.08 -35.67
CA VAL F 29 -27.19 -6.24 -36.23
C VAL F 29 -27.61 -5.95 -37.66
N ASP F 30 -27.72 -4.65 -38.01
CA ASP F 30 -28.26 -4.21 -39.27
C ASP F 30 -29.59 -4.92 -39.51
N ASP F 31 -29.74 -5.56 -40.66
CA ASP F 31 -30.95 -6.23 -41.05
C ASP F 31 -30.98 -7.68 -40.62
N THR F 32 -30.03 -8.12 -39.79
CA THR F 32 -29.81 -9.55 -39.53
C THR F 32 -30.15 -9.81 -38.10
N GLN F 33 -31.12 -10.67 -37.89
CA GLN F 33 -31.52 -10.98 -36.53
C GLN F 33 -30.49 -11.94 -35.91
N PHE F 34 -30.14 -11.80 -34.64
CA PHE F 34 -29.13 -12.72 -34.06
C PHE F 34 -29.50 -13.38 -32.71
N VAL F 35 -30.44 -12.80 -31.97
CA VAL F 35 -30.94 -13.40 -30.69
C VAL F 35 -32.46 -13.27 -30.52
N ARG F 36 -33.05 -14.16 -29.72
CA ARG F 36 -34.51 -14.07 -29.35
C ARG F 36 -34.72 -14.56 -27.91
N PHE F 37 -35.80 -14.08 -27.30
CA PHE F 37 -36.30 -14.58 -26.04
C PHE F 37 -37.82 -14.50 -26.10
N ASP F 38 -38.48 -15.58 -25.67
CA ASP F 38 -39.96 -15.59 -25.59
C ASP F 38 -40.33 -16.16 -24.20
N SER F 39 -41.03 -15.37 -23.41
CA SER F 39 -41.36 -15.71 -22.08
C SER F 39 -42.29 -16.92 -22.05
N ASP F 40 -42.94 -17.32 -23.13
CA ASP F 40 -43.82 -18.44 -23.05
C ASP F 40 -43.13 -19.72 -23.47
N ALA F 41 -41.88 -19.66 -23.99
CA ALA F 41 -41.24 -20.85 -24.54
C ALA F 41 -40.64 -21.66 -23.39
N ALA F 42 -40.51 -22.97 -23.58
CA ALA F 42 -39.92 -23.90 -22.62
C ALA F 42 -38.50 -23.55 -22.16
N SER F 43 -37.66 -23.11 -23.10
CA SER F 43 -36.22 -23.02 -22.86
C SER F 43 -35.88 -22.04 -21.75
N GLN F 44 -36.60 -20.94 -21.69
CA GLN F 44 -36.26 -19.89 -20.74
C GLN F 44 -34.81 -19.35 -20.88
N ARG F 45 -34.30 -19.34 -22.11
CA ARG F 45 -33.00 -18.81 -22.36
C ARG F 45 -33.08 -17.87 -23.52
N MET F 46 -32.17 -16.89 -23.56
CA MET F 46 -31.92 -16.15 -24.79
C MET F 46 -31.33 -17.16 -25.73
N GLU F 47 -31.80 -17.17 -26.98
CA GLU F 47 -31.39 -18.16 -27.99
C GLU F 47 -30.75 -17.55 -29.22
N PRO F 48 -29.75 -18.22 -29.77
CA PRO F 48 -29.08 -17.77 -30.98
C PRO F 48 -29.98 -17.84 -32.18
N ARG F 49 -29.86 -16.84 -33.05
CA ARG F 49 -30.62 -16.83 -34.31
C ARG F 49 -29.75 -16.53 -35.53
N ALA F 50 -28.44 -16.45 -35.34
CA ALA F 50 -27.53 -16.34 -36.49
C ALA F 50 -26.37 -17.23 -36.13
N PRO F 51 -25.64 -17.75 -37.13
CA PRO F 51 -24.58 -18.72 -36.77
C PRO F 51 -23.42 -18.09 -35.97
N TRP F 52 -23.01 -16.90 -36.37
CA TRP F 52 -21.84 -16.25 -35.78
C TRP F 52 -21.91 -15.89 -34.27
N ILE F 53 -23.12 -15.80 -33.70
CA ILE F 53 -23.30 -15.58 -32.26
C ILE F 53 -23.13 -16.88 -31.45
N GLU F 54 -23.22 -18.02 -32.13
CA GLU F 54 -23.17 -19.29 -31.38
C GLU F 54 -21.80 -19.49 -30.76
N GLN F 55 -20.76 -18.93 -31.35
CA GLN F 55 -19.44 -19.05 -30.75
C GLN F 55 -19.29 -18.34 -29.40
N GLU F 56 -20.20 -17.44 -29.02
CA GLU F 56 -20.04 -16.86 -27.69
C GLU F 56 -20.19 -17.97 -26.64
N GLY F 57 -19.41 -17.87 -25.57
CA GLY F 57 -19.36 -18.91 -24.55
C GLY F 57 -20.47 -18.87 -23.52
N PRO F 58 -20.35 -19.72 -22.50
CA PRO F 58 -21.39 -19.71 -21.45
C PRO F 58 -21.62 -18.39 -20.70
N GLU F 59 -20.57 -17.67 -20.30
CA GLU F 59 -20.72 -16.43 -19.56
C GLU F 59 -21.62 -15.42 -20.37
N TYR F 60 -21.36 -15.35 -21.68
CA TYR F 60 -22.13 -14.52 -22.53
C TYR F 60 -23.61 -14.90 -22.44
N TRP F 61 -23.92 -16.16 -22.72
CA TRP F 61 -25.32 -16.64 -22.75
C TRP F 61 -26.01 -16.53 -21.37
N ASP F 62 -25.28 -16.80 -20.28
CA ASP F 62 -25.93 -16.60 -18.94
C ASP F 62 -26.25 -15.13 -18.71
N GLY F 63 -25.28 -14.26 -19.04
CA GLY F 63 -25.56 -12.83 -18.89
C GLY F 63 -26.69 -12.27 -19.72
N GLU F 64 -26.80 -12.71 -20.98
CA GLU F 64 -27.77 -12.18 -21.89
C GLU F 64 -29.14 -12.75 -21.42
N THR F 65 -29.13 -14.00 -20.97
CA THR F 65 -30.35 -14.59 -20.50
C THR F 65 -30.85 -13.86 -19.23
N ARG F 66 -29.96 -13.61 -18.29
N ARG F 66 -29.95 -13.62 -18.29
CA ARG F 66 -30.36 -12.90 -17.07
CA ARG F 66 -30.33 -12.91 -17.06
C ARG F 66 -30.88 -11.51 -17.41
C ARG F 66 -30.85 -11.50 -17.39
N LYS F 67 -30.15 -10.77 -18.27
CA LYS F 67 -30.59 -9.40 -18.55
C LYS F 67 -31.96 -9.45 -19.25
N VAL F 68 -32.18 -10.41 -20.14
CA VAL F 68 -33.44 -10.37 -20.89
C VAL F 68 -34.57 -10.73 -19.95
N LYS F 69 -34.33 -11.64 -18.99
CA LYS F 69 -35.37 -12.00 -18.00
C LYS F 69 -35.69 -10.88 -17.05
N ALA F 70 -34.66 -10.17 -16.62
CA ALA F 70 -34.86 -8.99 -15.80
C ALA F 70 -35.70 -7.92 -16.52
N HIS F 71 -35.46 -7.78 -17.80
CA HIS F 71 -36.21 -6.86 -18.62
C HIS F 71 -37.68 -7.29 -18.72
N SER F 72 -37.97 -8.60 -18.81
CA SER F 72 -39.35 -8.98 -18.80
C SER F 72 -40.09 -8.62 -17.53
N GLN F 73 -39.42 -8.63 -16.38
CA GLN F 73 -40.08 -8.32 -15.10
C GLN F 73 -40.39 -6.78 -14.96
N THR F 74 -39.50 -5.92 -15.42
CA THR F 74 -39.75 -4.48 -15.43
C THR F 74 -40.81 -4.15 -16.47
N HIS F 75 -40.83 -4.81 -17.64
CA HIS F 75 -41.98 -4.67 -18.51
C HIS F 75 -43.32 -5.08 -17.86
N ARG F 76 -43.31 -6.16 -17.08
CA ARG F 76 -44.54 -6.60 -16.43
C ARG F 76 -45.04 -5.55 -15.39
N VAL F 77 -44.10 -4.99 -14.63
CA VAL F 77 -44.48 -3.98 -13.65
C VAL F 77 -44.99 -2.73 -14.42
N ASP F 78 -44.30 -2.35 -15.50
CA ASP F 78 -44.68 -1.20 -16.26
C ASP F 78 -46.15 -1.27 -16.77
N LEU F 79 -46.54 -2.44 -17.24
CA LEU F 79 -47.89 -2.60 -17.71
C LEU F 79 -48.84 -2.28 -16.60
N GLY F 80 -48.59 -2.75 -15.40
CA GLY F 80 -49.47 -2.36 -14.24
C GLY F 80 -49.37 -0.81 -13.96
N THR F 81 -48.17 -0.29 -13.93
CA THR F 81 -48.00 1.13 -13.62
C THR F 81 -48.70 1.98 -14.61
N LEU F 82 -48.48 1.72 -15.90
CA LEU F 82 -49.20 2.46 -16.96
C LEU F 82 -50.70 2.32 -16.99
N ARG F 83 -51.23 1.13 -16.73
CA ARG F 83 -52.65 1.02 -16.56
C ARG F 83 -53.14 2.04 -15.53
N GLY F 84 -52.39 2.18 -14.43
CA GLY F 84 -52.80 2.96 -13.26
C GLY F 84 -52.72 4.44 -13.66
N TYR F 85 -51.65 4.84 -14.36
CA TYR F 85 -51.56 6.24 -14.78
C TYR F 85 -52.75 6.70 -15.64
N TYR F 86 -53.22 5.81 -16.52
CA TYR F 86 -54.30 6.09 -17.41
C TYR F 86 -55.66 5.67 -16.80
N ASN F 87 -55.65 5.23 -15.56
CA ASN F 87 -56.85 4.77 -14.89
C ASN F 87 -57.60 3.74 -15.75
N GLN F 88 -56.89 2.87 -16.45
CA GLN F 88 -57.57 1.94 -17.33
C GLN F 88 -58.04 0.70 -16.61
N SER F 89 -59.03 0.05 -17.17
CA SER F 89 -59.53 -1.18 -16.62
C SER F 89 -58.49 -2.30 -16.67
N GLU F 90 -58.55 -3.15 -15.67
CA GLU F 90 -57.71 -4.29 -15.57
C GLU F 90 -58.19 -5.33 -16.53
N ALA F 91 -59.38 -5.15 -17.11
CA ALA F 91 -59.90 -6.10 -18.07
C ALA F 91 -59.29 -6.00 -19.49
N GLY F 92 -58.58 -4.92 -19.84
CA GLY F 92 -58.07 -4.83 -21.22
C GLY F 92 -56.62 -5.33 -21.40
N SER F 93 -56.29 -5.87 -22.58
CA SER F 93 -54.93 -6.10 -22.99
C SER F 93 -54.24 -4.80 -23.49
N HIS F 94 -53.02 -4.60 -23.01
CA HIS F 94 -52.23 -3.46 -23.44
C HIS F 94 -50.84 -3.86 -23.78
N THR F 95 -50.12 -2.95 -24.39
CA THR F 95 -48.78 -3.26 -24.91
C THR F 95 -47.73 -2.23 -24.50
N VAL F 96 -46.59 -2.71 -24.05
N VAL F 96 -46.58 -2.70 -24.04
CA VAL F 96 -45.42 -1.84 -23.88
CA VAL F 96 -45.42 -1.79 -23.91
C VAL F 96 -44.39 -2.27 -24.89
C VAL F 96 -44.31 -2.26 -24.79
N GLN F 97 -43.66 -1.30 -25.46
CA GLN F 97 -42.57 -1.63 -26.35
C GLN F 97 -41.39 -0.73 -26.02
N ARG F 98 -40.19 -1.32 -26.03
CA ARG F 98 -38.94 -0.54 -25.92
C ARG F 98 -38.01 -0.98 -26.99
N MET F 99 -37.31 0.00 -27.57
CA MET F 99 -36.25 -0.25 -28.56
C MET F 99 -35.04 0.60 -28.13
N TYR F 100 -33.84 0.04 -28.17
CA TYR F 100 -32.64 0.83 -28.01
C TYR F 100 -31.52 0.24 -28.91
N GLY F 101 -30.47 1.03 -29.09
CA GLY F 101 -29.48 0.74 -30.02
C GLY F 101 -28.50 1.87 -30.27
N CYS F 102 -27.52 1.50 -31.07
CA CYS F 102 -26.45 2.37 -31.46
C CYS F 102 -26.06 2.15 -32.91
N ASP F 103 -25.63 3.25 -33.52
CA ASP F 103 -25.20 3.22 -34.90
C ASP F 103 -23.73 3.51 -34.89
N VAL F 104 -23.00 2.97 -35.86
CA VAL F 104 -21.66 3.45 -36.12
C VAL F 104 -21.57 3.89 -37.55
N GLY F 105 -20.68 4.83 -37.83
CA GLY F 105 -20.38 5.20 -39.24
C GLY F 105 -19.57 4.12 -39.97
N SER F 106 -19.22 4.38 -41.22
CA SER F 106 -18.37 3.46 -41.96
C SER F 106 -16.93 3.41 -41.47
N ASP F 107 -16.50 4.37 -40.67
CA ASP F 107 -15.25 4.21 -39.87
C ASP F 107 -15.50 3.40 -38.58
N TRP F 108 -16.70 2.89 -38.37
CA TRP F 108 -17.09 2.05 -37.24
C TRP F 108 -17.05 2.80 -35.94
N ARG F 109 -17.03 4.12 -36.04
CA ARG F 109 -17.13 4.93 -34.84
C ARG F 109 -18.55 5.39 -34.47
N PHE F 110 -18.78 5.55 -33.19
CA PHE F 110 -20.07 6.00 -32.69
C PHE F 110 -20.66 7.14 -33.51
N LEU F 111 -21.90 6.96 -33.95
CA LEU F 111 -22.58 7.97 -34.71
C LEU F 111 -23.75 8.47 -33.89
N ARG F 112 -24.50 7.54 -33.33
CA ARG F 112 -25.65 7.94 -32.55
C ARG F 112 -26.20 6.78 -31.72
N GLY F 113 -26.92 7.12 -30.66
CA GLY F 113 -27.58 6.12 -29.85
C GLY F 113 -29.02 6.49 -29.73
N TYR F 114 -29.86 5.54 -29.28
CA TYR F 114 -31.29 5.77 -29.15
C TYR F 114 -31.86 4.85 -28.16
N HIS F 115 -32.94 5.32 -27.57
CA HIS F 115 -33.70 4.60 -26.61
C HIS F 115 -35.10 5.20 -26.55
N GLN F 116 -36.09 4.41 -26.92
CA GLN F 116 -37.46 4.87 -27.07
C GLN F 116 -38.45 3.86 -26.49
N TYR F 117 -39.61 4.38 -26.11
CA TYR F 117 -40.63 3.57 -25.43
C TYR F 117 -42.01 3.95 -25.90
N ALA F 118 -42.87 2.94 -26.04
CA ALA F 118 -44.20 3.17 -26.53
C ALA F 118 -45.20 2.44 -25.66
N TYR F 119 -46.40 2.98 -25.58
CA TYR F 119 -47.50 2.31 -24.85
C TYR F 119 -48.66 2.25 -25.84
N ASP F 120 -49.25 1.06 -25.97
CA ASP F 120 -50.31 0.85 -26.93
C ASP F 120 -50.05 1.40 -28.35
N GLY F 121 -48.83 1.26 -28.81
CA GLY F 121 -48.44 1.53 -30.22
C GLY F 121 -48.03 3.00 -30.49
N LYS F 122 -48.00 3.87 -29.46
CA LYS F 122 -47.73 5.33 -29.59
C LYS F 122 -46.57 5.74 -28.75
N ASP F 123 -45.79 6.67 -29.26
CA ASP F 123 -44.65 7.22 -28.52
C ASP F 123 -45.08 7.61 -27.12
N TYR F 124 -44.26 7.25 -26.15
CA TYR F 124 -44.59 7.49 -24.74
C TYR F 124 -43.48 8.37 -24.20
N ILE F 125 -42.26 7.84 -24.18
CA ILE F 125 -41.06 8.61 -23.79
C ILE F 125 -39.86 8.19 -24.62
N ALA F 126 -38.98 9.14 -24.86
CA ALA F 126 -37.83 8.89 -25.67
C ALA F 126 -36.69 9.74 -25.15
N LEU F 127 -35.50 9.19 -25.31
CA LEU F 127 -34.29 9.85 -25.02
C LEU F 127 -33.90 10.62 -26.24
N LYS F 128 -33.60 11.89 -26.03
CA LYS F 128 -33.19 12.78 -27.12
C LYS F 128 -31.78 12.42 -27.59
N GLU F 129 -31.39 12.95 -28.73
CA GLU F 129 -30.14 12.60 -29.35
C GLU F 129 -28.89 13.01 -28.55
N ASP F 130 -28.99 14.04 -27.70
CA ASP F 130 -27.89 14.40 -26.80
C ASP F 130 -27.65 13.32 -25.70
N LEU F 131 -28.51 12.32 -25.65
CA LEU F 131 -28.49 11.26 -24.63
C LEU F 131 -28.42 11.79 -23.17
N ARG F 132 -28.99 12.96 -22.95
CA ARG F 132 -29.17 13.52 -21.63
C ARG F 132 -30.63 13.90 -21.32
N SER F 133 -31.43 14.21 -22.32
CA SER F 133 -32.77 14.73 -22.14
C SER F 133 -33.84 13.76 -22.60
N TRP F 134 -35.03 13.97 -22.08
CA TRP F 134 -36.18 13.10 -22.34
C TRP F 134 -37.31 13.89 -23.00
N THR F 135 -38.06 13.21 -23.86
CA THR F 135 -39.20 13.81 -24.51
C THR F 135 -40.38 12.96 -24.07
N ALA F 136 -41.40 13.62 -23.51
CA ALA F 136 -42.53 12.91 -22.96
C ALA F 136 -43.75 13.21 -23.78
N ALA F 137 -44.53 12.20 -24.15
CA ALA F 137 -45.69 12.43 -25.01
C ALA F 137 -46.90 13.13 -24.32
N ASP F 138 -47.14 12.89 -23.02
CA ASP F 138 -48.37 13.32 -22.33
C ASP F 138 -48.09 13.37 -20.84
N MET F 139 -49.09 13.60 -20.01
CA MET F 139 -48.84 13.75 -18.55
C MET F 139 -48.48 12.42 -17.83
N ALA F 140 -48.90 11.31 -18.34
CA ALA F 140 -48.44 10.05 -17.74
C ALA F 140 -46.94 9.93 -17.94
N ALA F 141 -46.51 10.13 -19.20
CA ALA F 141 -45.10 10.03 -19.56
C ALA F 141 -44.25 11.02 -18.83
N GLN F 142 -44.85 12.16 -18.47
CA GLN F 142 -44.16 13.15 -17.70
C GLN F 142 -43.83 12.65 -16.28
N THR F 143 -44.75 11.90 -15.66
CA THR F 143 -44.46 11.25 -14.38
C THR F 143 -43.24 10.30 -14.52
N THR F 144 -43.24 9.44 -15.54
CA THR F 144 -42.09 8.57 -15.87
C THR F 144 -40.84 9.43 -16.05
N LYS F 145 -40.95 10.48 -16.86
CA LYS F 145 -39.80 11.33 -17.13
C LYS F 145 -39.18 11.84 -15.83
N HIS F 146 -40.04 12.37 -14.95
CA HIS F 146 -39.61 12.96 -13.68
C HIS F 146 -38.89 11.87 -12.83
N LYS F 147 -39.38 10.64 -12.87
CA LYS F 147 -38.74 9.54 -12.14
C LYS F 147 -37.36 9.22 -12.67
N TRP F 148 -37.25 9.16 -14.00
CA TRP F 148 -36.05 8.79 -14.66
C TRP F 148 -34.99 9.87 -14.55
N GLU F 149 -35.38 11.13 -14.51
CA GLU F 149 -34.42 12.21 -14.29
C GLU F 149 -33.97 12.07 -12.89
N ALA F 150 -34.95 11.95 -12.00
CA ALA F 150 -34.56 11.86 -10.56
C ALA F 150 -33.67 10.62 -10.31
N ALA F 151 -33.92 9.53 -11.02
CA ALA F 151 -33.07 8.29 -10.92
C ALA F 151 -31.77 8.30 -11.76
N HIS F 152 -31.51 9.37 -12.51
CA HIS F 152 -30.27 9.46 -13.33
C HIS F 152 -30.15 8.39 -14.39
N VAL F 153 -31.25 8.08 -15.02
CA VAL F 153 -31.29 6.97 -15.98
C VAL F 153 -30.54 7.36 -17.30
N ALA F 154 -30.75 8.58 -17.80
CA ALA F 154 -30.09 9.02 -19.06
C ALA F 154 -28.56 8.74 -19.01
N GLU F 155 -27.97 9.02 -17.88
CA GLU F 155 -26.55 8.93 -17.70
C GLU F 155 -26.09 7.43 -17.79
N GLN F 156 -26.88 6.47 -17.24
CA GLN F 156 -26.51 5.01 -17.40
C GLN F 156 -26.62 4.58 -18.89
N LEU F 157 -27.71 4.96 -19.53
CA LEU F 157 -27.90 4.63 -20.94
C LEU F 157 -26.88 5.26 -21.83
N ARG F 158 -26.43 6.47 -21.51
CA ARG F 158 -25.46 7.15 -22.39
C ARG F 158 -24.09 6.50 -22.27
N ALA F 159 -23.70 6.13 -21.05
CA ALA F 159 -22.41 5.42 -20.95
C ALA F 159 -22.45 4.12 -21.87
N TYR F 160 -23.53 3.37 -21.79
CA TYR F 160 -23.69 2.16 -22.59
C TYR F 160 -23.77 2.44 -24.08
N LEU F 161 -24.59 3.37 -24.48
CA LEU F 161 -24.80 3.66 -25.90
C LEU F 161 -23.54 4.16 -26.61
N GLU F 162 -22.71 4.93 -25.91
CA GLU F 162 -21.52 5.48 -26.51
C GLU F 162 -20.36 4.49 -26.29
N GLY F 163 -20.46 3.54 -25.35
CA GLY F 163 -19.29 2.66 -25.09
C GLY F 163 -19.55 1.19 -25.50
N THR F 164 -19.97 0.43 -24.52
CA THR F 164 -20.39 -0.98 -24.63
C THR F 164 -21.16 -1.33 -25.83
N CYS F 165 -22.18 -0.55 -26.16
CA CYS F 165 -23.01 -0.91 -27.29
C CYS F 165 -22.18 -0.96 -28.59
N VAL F 166 -21.35 0.05 -28.86
N VAL F 166 -21.36 0.06 -28.81
CA VAL F 166 -20.61 0.08 -30.11
CA VAL F 166 -20.58 0.17 -30.02
C VAL F 166 -19.42 -0.90 -30.06
C VAL F 166 -19.44 -0.86 -30.04
N GLU F 167 -18.90 -1.13 -28.86
CA GLU F 167 -17.82 -2.10 -28.71
C GLU F 167 -18.28 -3.51 -29.11
N TRP F 168 -19.43 -3.97 -28.60
CA TRP F 168 -19.94 -5.28 -28.99
C TRP F 168 -20.43 -5.35 -30.41
N LEU F 169 -21.05 -4.26 -30.87
CA LEU F 169 -21.33 -4.18 -32.32
C LEU F 169 -20.11 -4.45 -33.22
N ARG F 170 -18.95 -3.85 -32.89
CA ARG F 170 -17.78 -3.97 -33.76
C ARG F 170 -17.28 -5.39 -33.62
N ARG F 171 -17.38 -5.94 -32.41
CA ARG F 171 -17.07 -7.35 -32.21
C ARG F 171 -17.95 -8.26 -33.08
N TYR F 172 -19.26 -8.01 -33.09
CA TYR F 172 -20.16 -8.82 -33.87
C TYR F 172 -19.85 -8.68 -35.37
N LEU F 173 -19.64 -7.45 -35.82
CA LEU F 173 -19.31 -7.23 -37.28
C LEU F 173 -18.07 -7.99 -37.66
N GLU F 174 -17.12 -8.07 -36.74
CA GLU F 174 -15.92 -8.86 -37.05
C GLU F 174 -16.17 -10.37 -37.02
N ASN F 175 -16.68 -10.90 -35.92
CA ASN F 175 -16.95 -12.32 -35.81
C ASN F 175 -17.90 -12.84 -36.88
N GLY F 176 -18.88 -12.04 -37.28
CA GLY F 176 -19.83 -12.42 -38.31
C GLY F 176 -19.55 -11.77 -39.65
N LYS F 177 -18.32 -11.27 -39.86
CA LYS F 177 -17.99 -10.52 -41.08
C LYS F 177 -18.40 -11.22 -42.38
N GLU F 178 -18.33 -12.54 -42.38
CA GLU F 178 -18.67 -13.38 -43.55
C GLU F 178 -20.10 -13.17 -44.10
N THR F 179 -21.04 -12.93 -43.20
CA THR F 179 -22.41 -12.66 -43.61
C THR F 179 -22.76 -11.19 -43.33
N LEU F 180 -22.32 -10.61 -42.22
CA LEU F 180 -22.65 -9.21 -41.91
C LEU F 180 -21.98 -8.19 -42.79
N GLN F 181 -20.78 -8.41 -43.27
CA GLN F 181 -20.14 -7.39 -44.09
C GLN F 181 -20.15 -7.78 -45.53
N ARG F 182 -21.00 -8.72 -45.86
CA ARG F 182 -21.22 -9.17 -47.23
C ARG F 182 -22.28 -8.27 -47.84
N THR F 183 -22.14 -7.91 -49.10
CA THR F 183 -23.28 -7.40 -49.86
C THR F 183 -23.62 -8.47 -50.90
N ASP F 184 -24.92 -8.64 -51.14
CA ASP F 184 -25.44 -9.43 -52.26
C ASP F 184 -26.20 -8.44 -53.13
N ALA F 185 -25.73 -8.29 -54.36
CA ALA F 185 -26.34 -7.44 -55.35
C ALA F 185 -27.67 -8.05 -55.74
N PRO F 186 -28.70 -7.22 -55.99
CA PRO F 186 -29.98 -7.73 -56.43
C PRO F 186 -29.89 -8.42 -57.77
N LYS F 187 -30.59 -9.56 -57.89
CA LYS F 187 -30.78 -10.27 -59.18
C LYS F 187 -32.07 -9.70 -59.76
N THR F 188 -31.98 -9.19 -60.98
CA THR F 188 -33.05 -8.36 -61.51
C THR F 188 -33.66 -8.95 -62.76
N HIS F 189 -34.96 -8.73 -62.93
CA HIS F 189 -35.66 -9.03 -64.20
C HIS F 189 -36.94 -8.18 -64.31
N MET F 190 -37.54 -8.21 -65.50
CA MET F 190 -38.70 -7.41 -65.78
C MET F 190 -39.79 -8.30 -66.31
N THR F 191 -41.01 -8.14 -65.83
CA THR F 191 -42.14 -8.88 -66.38
C THR F 191 -43.09 -7.95 -67.12
N HIS F 192 -43.97 -8.52 -67.91
CA HIS F 192 -44.90 -7.68 -68.66
C HIS F 192 -46.32 -8.27 -68.61
N HIS F 193 -47.34 -7.46 -68.32
CA HIS F 193 -48.69 -8.01 -68.45
C HIS F 193 -49.62 -7.07 -69.17
N ALA F 194 -50.50 -7.64 -69.97
CA ALA F 194 -51.53 -6.85 -70.55
C ALA F 194 -52.61 -6.69 -69.50
N VAL F 195 -52.62 -5.52 -68.89
CA VAL F 195 -53.80 -5.03 -68.18
C VAL F 195 -54.71 -4.32 -69.24
N SER F 196 -55.18 -5.11 -70.21
CA SER F 196 -55.19 -4.72 -71.64
C SER F 196 -56.16 -3.67 -72.22
N ASP F 197 -55.95 -2.40 -71.85
CA ASP F 197 -56.59 -1.27 -72.59
C ASP F 197 -55.86 -0.82 -73.89
N HIS F 198 -54.95 -1.65 -74.41
CA HIS F 198 -53.70 -1.15 -75.04
C HIS F 198 -52.75 -0.70 -73.86
N GLU F 199 -53.08 -1.12 -72.63
CA GLU F 199 -52.27 -0.81 -71.44
C GLU F 199 -51.63 -2.08 -70.94
N ALA F 200 -50.38 -1.94 -70.52
CA ALA F 200 -49.61 -3.08 -70.07
C ALA F 200 -48.90 -2.66 -68.85
N THR F 201 -48.64 -3.61 -67.96
CA THR F 201 -47.87 -3.35 -66.76
C THR F 201 -46.47 -3.87 -66.91
N LEU F 202 -45.50 -3.01 -66.60
CA LEU F 202 -44.10 -3.43 -66.53
C LEU F 202 -43.73 -3.57 -65.04
N ARG F 203 -43.17 -4.70 -64.67
CA ARG F 203 -42.81 -4.89 -63.26
C ARG F 203 -41.34 -5.24 -63.24
N CYS F 204 -40.62 -4.41 -62.50
CA CYS F 204 -39.18 -4.52 -62.39
C CYS F 204 -38.89 -5.17 -61.04
N TRP F 205 -38.21 -6.31 -61.08
CA TRP F 205 -37.95 -7.11 -59.86
C TRP F 205 -36.50 -7.00 -59.39
N ALA F 206 -36.30 -6.89 -58.07
CA ALA F 206 -34.99 -7.03 -57.39
C ALA F 206 -35.06 -8.18 -56.38
N LEU F 207 -34.24 -9.21 -56.56
CA LEU F 207 -34.35 -10.39 -55.69
C LEU F 207 -32.99 -10.77 -55.09
N SER F 208 -33.05 -11.47 -53.95
CA SER F 208 -31.87 -12.03 -53.24
C SER F 208 -30.85 -11.00 -52.86
N PHE F 209 -31.29 -9.82 -52.43
CA PHE F 209 -30.34 -8.77 -52.02
C PHE F 209 -30.24 -8.57 -50.50
N TYR F 210 -29.08 -8.04 -50.11
CA TYR F 210 -28.70 -7.80 -48.72
C TYR F 210 -27.66 -6.65 -48.81
N PRO F 211 -27.85 -5.50 -48.15
CA PRO F 211 -28.88 -5.23 -47.12
C PRO F 211 -30.24 -4.87 -47.70
N ALA F 212 -31.22 -4.61 -46.84
CA ALA F 212 -32.59 -4.30 -47.30
C ALA F 212 -32.68 -3.05 -48.14
N GLU F 213 -31.85 -2.04 -47.82
CA GLU F 213 -31.89 -0.73 -48.45
C GLU F 213 -31.68 -0.86 -49.97
N ILE F 214 -32.57 -0.27 -50.75
CA ILE F 214 -32.52 -0.38 -52.21
C ILE F 214 -33.41 0.73 -52.75
N THR F 215 -33.06 1.26 -53.91
CA THR F 215 -33.92 2.24 -54.58
C THR F 215 -34.22 1.72 -55.95
N LEU F 216 -35.51 1.69 -56.27
CA LEU F 216 -35.99 1.30 -57.58
C LEU F 216 -36.82 2.47 -58.13
N THR F 217 -36.47 2.91 -59.33
N THR F 217 -36.44 3.01 -59.28
CA THR F 217 -37.08 4.07 -59.95
CA THR F 217 -37.24 4.08 -59.87
C THR F 217 -37.49 3.76 -61.40
C THR F 217 -37.44 3.95 -61.38
N TRP F 218 -38.66 4.23 -61.81
CA TRP F 218 -39.04 4.24 -63.22
C TRP F 218 -38.87 5.62 -63.85
N GLN F 219 -38.53 5.61 -65.15
CA GLN F 219 -38.41 6.81 -65.98
C GLN F 219 -39.07 6.66 -67.34
N ARG F 220 -39.47 7.79 -67.94
CA ARG F 220 -39.82 7.87 -69.38
C ARG F 220 -38.81 8.78 -70.02
N ASP F 221 -38.21 8.34 -71.12
CA ASP F 221 -37.21 9.14 -71.81
C ASP F 221 -36.24 9.76 -70.84
N GLY F 222 -35.75 9.01 -69.87
CA GLY F 222 -34.76 9.56 -68.97
C GLY F 222 -35.29 10.53 -67.92
N GLU F 223 -36.62 10.67 -67.82
CA GLU F 223 -37.25 11.57 -66.83
C GLU F 223 -38.09 10.77 -65.79
N ASP F 224 -37.74 10.88 -64.51
CA ASP F 224 -38.41 10.11 -63.45
C ASP F 224 -39.91 10.14 -63.59
N GLN F 225 -40.57 9.09 -63.12
CA GLN F 225 -42.01 9.03 -63.24
C GLN F 225 -42.64 8.33 -62.05
N THR F 226 -43.70 8.94 -61.52
CA THR F 226 -44.43 8.28 -60.47
C THR F 226 -45.92 8.08 -60.76
N GLN F 227 -46.48 8.82 -61.72
CA GLN F 227 -47.87 8.57 -62.07
C GLN F 227 -48.06 7.12 -62.55
N ASP F 228 -49.04 6.46 -61.97
CA ASP F 228 -49.42 5.08 -62.34
C ASP F 228 -48.30 4.07 -62.08
N THR F 229 -47.53 4.32 -61.02
CA THR F 229 -46.56 3.38 -60.51
C THR F 229 -47.04 2.74 -59.17
N GLU F 230 -46.55 1.53 -58.89
CA GLU F 230 -46.68 0.92 -57.56
C GLU F 230 -45.32 0.38 -57.11
N LEU F 231 -45.02 0.57 -55.84
CA LEU F 231 -43.74 0.21 -55.22
C LEU F 231 -44.11 -0.64 -53.99
N VAL F 232 -43.87 -1.95 -54.00
CA VAL F 232 -44.22 -2.75 -52.79
C VAL F 232 -43.18 -2.54 -51.73
N GLU F 233 -43.62 -2.68 -50.49
N GLU F 233 -43.61 -2.69 -50.47
CA GLU F 233 -42.77 -2.69 -49.34
CA GLU F 233 -42.71 -2.67 -49.33
C GLU F 233 -41.67 -3.75 -49.51
C GLU F 233 -41.64 -3.73 -49.58
N THR F 234 -40.41 -3.41 -49.21
CA THR F 234 -39.35 -4.40 -49.21
C THR F 234 -39.68 -5.59 -48.28
N ARG F 235 -39.44 -6.81 -48.71
CA ARG F 235 -39.90 -7.94 -47.95
C ARG F 235 -38.82 -9.02 -47.83
N PRO F 236 -38.83 -9.79 -46.73
CA PRO F 236 -37.87 -10.86 -46.51
C PRO F 236 -38.14 -12.11 -47.34
N ALA F 237 -37.09 -12.62 -47.99
CA ALA F 237 -37.17 -13.87 -48.70
C ALA F 237 -37.26 -15.07 -47.82
N GLY F 238 -36.80 -14.91 -46.56
CA GLY F 238 -36.79 -15.98 -45.51
C GLY F 238 -35.47 -16.72 -45.35
N ASP F 239 -34.53 -16.44 -46.24
CA ASP F 239 -33.24 -17.04 -46.22
C ASP F 239 -32.15 -16.00 -45.97
N GLY F 240 -32.49 -14.86 -45.39
CA GLY F 240 -31.46 -13.82 -45.11
C GLY F 240 -31.42 -12.72 -46.15
N THR F 241 -32.00 -12.97 -47.30
CA THR F 241 -32.14 -11.90 -48.31
C THR F 241 -33.51 -11.19 -48.34
N PHE F 242 -33.57 -10.19 -49.20
CA PHE F 242 -34.76 -9.34 -49.37
C PHE F 242 -35.22 -9.30 -50.85
N GLN F 243 -36.43 -8.81 -51.06
CA GLN F 243 -37.07 -8.73 -52.35
C GLN F 243 -37.79 -7.42 -52.44
N LYS F 244 -37.90 -6.90 -53.67
CA LYS F 244 -38.68 -5.71 -53.91
C LYS F 244 -39.06 -5.64 -55.39
N TRP F 245 -40.25 -5.17 -55.71
CA TRP F 245 -40.54 -4.78 -57.06
C TRP F 245 -41.18 -3.38 -57.16
N ALA F 246 -41.12 -2.81 -58.38
CA ALA F 246 -41.74 -1.53 -58.71
C ALA F 246 -42.42 -1.70 -60.07
N ALA F 247 -43.66 -1.24 -60.17
CA ALA F 247 -44.40 -1.43 -61.38
C ALA F 247 -44.87 -0.11 -61.95
N VAL F 248 -45.13 -0.12 -63.25
CA VAL F 248 -45.72 1.01 -63.94
C VAL F 248 -46.67 0.53 -64.99
N VAL F 249 -47.82 1.17 -65.13
CA VAL F 249 -48.72 0.85 -66.23
C VAL F 249 -48.46 1.88 -67.36
N VAL F 250 -48.39 1.39 -68.59
CA VAL F 250 -47.98 2.17 -69.75
C VAL F 250 -48.92 1.87 -70.89
N PRO F 251 -49.06 2.82 -71.83
CA PRO F 251 -49.87 2.59 -73.02
C PRO F 251 -49.20 1.65 -74.03
N SER F 252 -49.93 1.20 -75.05
CA SER F 252 -49.33 0.64 -76.30
C SER F 252 -48.76 -0.75 -76.12
N GLY F 253 -49.38 -1.57 -75.27
CA GLY F 253 -48.72 -2.79 -74.79
C GLY F 253 -47.33 -2.44 -74.19
N GLN F 254 -46.32 -3.24 -74.50
CA GLN F 254 -44.92 -2.96 -74.13
C GLN F 254 -44.48 -1.51 -74.36
N GLU F 255 -43.41 -1.05 -73.70
CA GLU F 255 -42.81 0.19 -74.21
C GLU F 255 -41.34 0.36 -73.84
N GLN F 256 -40.57 0.48 -74.91
CA GLN F 256 -39.14 0.82 -74.93
C GLN F 256 -38.88 2.18 -74.32
N ARG F 257 -39.91 3.04 -74.27
CA ARG F 257 -39.86 4.38 -73.64
C ARG F 257 -39.43 4.39 -72.16
N TYR F 258 -39.69 3.30 -71.43
CA TYR F 258 -39.51 3.29 -70.00
C TYR F 258 -38.29 2.51 -69.61
N THR F 259 -37.62 2.98 -68.58
CA THR F 259 -36.50 2.27 -67.97
C THR F 259 -36.73 2.12 -66.45
N CYS F 260 -36.20 1.05 -65.89
CA CYS F 260 -36.20 0.85 -64.44
C CYS F 260 -34.77 1.04 -63.93
N HIS F 261 -34.60 1.86 -62.90
CA HIS F 261 -33.26 2.17 -62.40
C HIS F 261 -33.14 1.58 -61.00
N VAL F 262 -32.09 0.78 -60.81
CA VAL F 262 -31.90 0.04 -59.57
C VAL F 262 -30.61 0.51 -58.88
N GLN F 263 -30.72 0.90 -57.61
CA GLN F 263 -29.52 1.34 -56.86
C GLN F 263 -29.39 0.55 -55.57
N HIS F 264 -28.21 -0.03 -55.40
CA HIS F 264 -27.97 -0.90 -54.24
C HIS F 264 -26.49 -0.90 -53.94
N GLU F 265 -26.18 -0.88 -52.65
CA GLU F 265 -24.80 -0.95 -52.14
C GLU F 265 -23.92 -1.95 -52.86
N GLY F 266 -24.50 -3.11 -53.18
CA GLY F 266 -23.80 -4.20 -53.84
C GLY F 266 -23.66 -4.08 -55.35
N LEU F 267 -24.07 -2.94 -55.92
CA LEU F 267 -23.89 -2.72 -57.33
C LEU F 267 -22.70 -1.83 -57.51
N PRO F 268 -21.67 -2.35 -58.19
CA PRO F 268 -20.60 -1.49 -58.65
C PRO F 268 -21.14 -0.18 -59.25
N LYS F 269 -22.21 -0.31 -60.05
CA LYS F 269 -22.86 0.84 -60.68
C LYS F 269 -24.37 0.57 -60.85
N PRO F 270 -25.22 1.62 -60.81
CA PRO F 270 -26.69 1.47 -60.90
C PRO F 270 -27.17 0.88 -62.22
N LEU F 271 -28.05 -0.11 -62.13
CA LEU F 271 -28.55 -0.82 -63.28
C LEU F 271 -29.72 -0.06 -63.90
N THR F 272 -29.76 -0.08 -65.22
CA THR F 272 -30.88 0.37 -65.98
C THR F 272 -31.39 -0.88 -66.69
N LEU F 273 -32.67 -1.19 -66.51
CA LEU F 273 -33.36 -2.27 -67.22
C LEU F 273 -34.41 -1.72 -68.15
N ARG F 274 -34.61 -2.46 -69.26
CA ARG F 274 -35.48 -2.05 -70.35
C ARG F 274 -36.28 -3.28 -70.75
N TRP F 275 -37.56 -3.16 -71.07
CA TRP F 275 -38.33 -4.32 -71.49
C TRP F 275 -37.74 -4.94 -72.74
N GLU F 276 -37.22 -6.16 -72.61
CA GLU F 276 -36.45 -6.78 -73.71
C GLU F 276 -37.37 -7.69 -74.54
N PRO F 277 -37.77 -8.89 -74.03
CA PRO F 277 -38.40 -9.92 -74.90
C PRO F 277 -39.42 -9.36 -75.92
N MET G 1 -58.02 3.07 -28.25
CA MET G 1 -56.63 2.69 -28.54
C MET G 1 -56.48 2.74 -30.05
N ILE G 2 -55.29 3.10 -30.51
CA ILE G 2 -55.00 3.07 -31.94
C ILE G 2 -54.84 1.64 -32.43
N GLN G 3 -55.45 1.35 -33.57
CA GLN G 3 -55.31 0.03 -34.15
C GLN G 3 -54.87 0.20 -35.58
N ARG G 4 -54.07 -0.73 -36.05
CA ARG G 4 -53.67 -0.71 -37.42
C ARG G 4 -53.87 -2.07 -37.98
N THR G 5 -54.39 -2.08 -39.19
CA THR G 5 -54.65 -3.33 -39.88
C THR G 5 -53.40 -3.77 -40.65
N PRO G 6 -53.20 -5.09 -40.75
CA PRO G 6 -52.05 -5.57 -41.36
C PRO G 6 -52.00 -5.39 -42.86
N LYS G 7 -50.81 -5.09 -43.34
CA LYS G 7 -50.49 -5.23 -44.73
C LYS G 7 -50.14 -6.69 -44.93
N ILE G 8 -50.49 -7.23 -46.09
CA ILE G 8 -50.26 -8.65 -46.44
C ILE G 8 -49.58 -8.85 -47.80
N GLN G 9 -48.49 -9.60 -47.83
CA GLN G 9 -47.83 -10.03 -49.08
C GLN G 9 -47.69 -11.54 -49.02
N VAL G 10 -48.07 -12.20 -50.10
CA VAL G 10 -48.00 -13.61 -50.22
C VAL G 10 -47.13 -13.91 -51.41
N TYR G 11 -46.11 -14.74 -51.23
CA TYR G 11 -45.10 -14.85 -52.30
C TYR G 11 -44.20 -16.02 -52.03
N SER G 12 -43.50 -16.43 -53.08
CA SER G 12 -42.50 -17.54 -52.97
C SER G 12 -41.05 -17.03 -52.68
N ARG G 13 -40.25 -17.83 -52.01
CA ARG G 13 -38.88 -17.42 -51.74
C ARG G 13 -38.13 -17.29 -53.04
N HIS G 14 -38.22 -18.32 -53.90
CA HIS G 14 -37.59 -18.36 -55.21
C HIS G 14 -38.64 -18.24 -56.30
N PRO G 15 -38.22 -17.93 -57.54
CA PRO G 15 -39.18 -17.89 -58.63
C PRO G 15 -39.82 -19.24 -58.80
N ALA G 16 -41.15 -19.26 -58.92
CA ALA G 16 -41.91 -20.49 -58.92
C ALA G 16 -41.73 -21.32 -60.21
N GLU G 17 -41.51 -22.62 -60.05
CA GLU G 17 -41.36 -23.51 -61.19
C GLU G 17 -42.14 -24.72 -60.82
N ASN G 18 -43.10 -25.12 -61.63
CA ASN G 18 -44.03 -26.15 -61.21
C ASN G 18 -43.24 -27.42 -60.93
N GLY G 19 -43.64 -28.14 -59.87
CA GLY G 19 -42.96 -29.36 -59.48
C GLY G 19 -41.58 -29.19 -58.83
N LYS G 20 -41.14 -27.95 -58.58
CA LYS G 20 -39.87 -27.72 -57.92
C LYS G 20 -40.10 -27.13 -56.53
N SER G 21 -39.29 -27.62 -55.60
CA SER G 21 -39.44 -27.33 -54.17
C SER G 21 -39.11 -25.88 -53.90
N ASN G 22 -39.82 -25.25 -52.99
CA ASN G 22 -39.74 -23.80 -52.83
C ASN G 22 -40.27 -23.49 -51.39
N PHE G 23 -40.48 -22.24 -51.06
CA PHE G 23 -41.02 -21.86 -49.74
C PHE G 23 -42.08 -20.84 -50.08
N LEU G 24 -43.28 -21.04 -49.50
CA LEU G 24 -44.39 -20.07 -49.57
C LEU G 24 -44.36 -19.15 -48.36
N ASN G 25 -44.39 -17.84 -48.61
CA ASN G 25 -44.29 -16.80 -47.57
C ASN G 25 -45.57 -15.99 -47.46
N CYS G 26 -45.96 -15.64 -46.24
CA CYS G 26 -46.95 -14.60 -46.07
C CYS G 26 -46.33 -13.62 -45.11
N TYR G 27 -46.14 -12.38 -45.52
CA TYR G 27 -45.48 -11.40 -44.67
C TYR G 27 -46.54 -10.40 -44.25
N VAL G 28 -46.75 -10.27 -42.97
CA VAL G 28 -47.76 -9.37 -42.44
C VAL G 28 -47.01 -8.30 -41.71
N SER G 29 -47.42 -7.05 -41.92
CA SER G 29 -46.66 -5.94 -41.41
C SER G 29 -47.60 -4.77 -41.16
N GLY G 30 -47.13 -3.79 -40.43
CA GLY G 30 -47.90 -2.52 -40.25
C GLY G 30 -49.05 -2.63 -39.24
N PHE G 31 -49.12 -3.70 -38.48
CA PHE G 31 -50.29 -3.92 -37.66
C PHE G 31 -50.01 -3.65 -36.18
N HIS G 32 -51.08 -3.34 -35.45
CA HIS G 32 -51.07 -3.12 -34.03
C HIS G 32 -52.53 -3.33 -33.55
N PRO G 33 -52.80 -4.04 -32.47
CA PRO G 33 -51.82 -4.74 -31.64
C PRO G 33 -51.20 -5.99 -32.25
N SER G 34 -50.38 -6.67 -31.46
CA SER G 34 -49.60 -7.78 -32.00
C SER G 34 -50.32 -9.08 -32.24
N ASP G 35 -51.42 -9.34 -31.54
CA ASP G 35 -52.09 -10.63 -31.63
C ASP G 35 -52.65 -10.75 -33.04
N ILE G 36 -52.33 -11.83 -33.73
CA ILE G 36 -52.74 -11.99 -35.11
C ILE G 36 -52.85 -13.50 -35.45
N GLU G 37 -53.72 -13.85 -36.38
CA GLU G 37 -53.86 -15.24 -36.81
C GLU G 37 -53.57 -15.24 -38.32
N VAL G 38 -52.64 -16.09 -38.72
CA VAL G 38 -52.23 -16.23 -40.11
C VAL G 38 -52.18 -17.72 -40.45
N ASP G 39 -52.83 -18.12 -41.52
CA ASP G 39 -52.83 -19.47 -41.98
C ASP G 39 -52.38 -19.40 -43.41
N LEU G 40 -51.62 -20.39 -43.86
CA LEU G 40 -51.49 -20.58 -45.29
C LEU G 40 -52.46 -21.69 -45.78
N LEU G 41 -53.08 -21.48 -46.95
CA LEU G 41 -54.07 -22.37 -47.55
C LEU G 41 -53.60 -22.92 -48.87
N LYS G 42 -53.81 -24.21 -49.00
CA LYS G 42 -53.76 -24.94 -50.25
C LYS G 42 -55.18 -25.35 -50.63
N ASN G 43 -55.69 -24.84 -51.75
CA ASN G 43 -57.05 -25.16 -52.25
C ASN G 43 -58.13 -25.00 -51.18
N GLY G 44 -58.01 -23.96 -50.40
CA GLY G 44 -58.96 -23.67 -49.35
C GLY G 44 -58.59 -24.23 -48.00
N GLU G 45 -57.67 -25.19 -47.94
CA GLU G 45 -57.39 -25.92 -46.71
C GLU G 45 -56.10 -25.49 -46.05
N ARG G 46 -56.16 -25.42 -44.73
CA ARG G 46 -55.02 -25.11 -43.89
C ARG G 46 -53.81 -25.97 -44.10
N ILE G 47 -52.67 -25.35 -44.29
CA ILE G 47 -51.45 -26.09 -44.30
C ILE G 47 -50.97 -26.20 -42.86
N GLU G 48 -50.57 -27.39 -42.42
CA GLU G 48 -50.34 -27.59 -41.00
C GLU G 48 -48.94 -27.28 -40.48
N LYS G 49 -47.86 -27.42 -41.23
CA LYS G 49 -46.56 -27.23 -40.48
C LYS G 49 -46.02 -25.80 -40.50
N VAL G 50 -46.84 -24.79 -40.38
CA VAL G 50 -46.35 -23.47 -40.74
C VAL G 50 -45.53 -22.86 -39.63
N GLU G 51 -44.43 -22.27 -39.99
CA GLU G 51 -43.57 -21.59 -39.06
C GLU G 51 -43.65 -20.09 -39.24
N HIS G 52 -43.17 -19.36 -38.27
CA HIS G 52 -43.04 -17.94 -38.37
C HIS G 52 -41.85 -17.33 -37.67
N SER G 53 -41.47 -16.12 -38.06
CA SER G 53 -40.35 -15.41 -37.45
C SER G 53 -40.72 -14.87 -36.07
N ASP G 54 -39.73 -14.36 -35.35
CA ASP G 54 -39.89 -13.86 -34.01
C ASP G 54 -40.50 -12.44 -34.09
N LEU G 55 -41.47 -12.15 -33.24
CA LEU G 55 -42.19 -10.87 -33.33
C LEU G 55 -41.23 -9.68 -33.22
N SER G 56 -41.16 -8.83 -34.23
CA SER G 56 -40.40 -7.57 -34.10
C SER G 56 -41.25 -6.41 -34.58
N PHE G 57 -40.69 -5.20 -34.64
CA PHE G 57 -41.51 -4.03 -34.98
C PHE G 57 -40.70 -2.89 -35.61
N SER G 58 -41.35 -2.03 -36.36
CA SER G 58 -40.72 -1.01 -37.19
C SER G 58 -40.61 0.31 -36.43
N LYS G 59 -40.08 1.34 -37.09
CA LYS G 59 -39.78 2.62 -36.45
C LYS G 59 -41.08 3.26 -35.95
N ASP G 60 -42.19 3.06 -36.66
CA ASP G 60 -43.52 3.53 -36.14
C ASP G 60 -44.19 2.63 -35.14
N TRP G 61 -43.51 1.58 -34.73
CA TRP G 61 -43.94 0.66 -33.65
C TRP G 61 -44.84 -0.45 -34.12
N SER G 62 -45.19 -0.45 -35.39
CA SER G 62 -46.10 -1.42 -35.82
C SER G 62 -45.31 -2.71 -36.01
N PHE G 63 -46.03 -3.80 -35.93
CA PHE G 63 -45.43 -5.13 -35.91
C PHE G 63 -45.30 -5.73 -37.28
N TYR G 64 -44.39 -6.68 -37.38
CA TYR G 64 -44.27 -7.54 -38.57
C TYR G 64 -43.80 -8.95 -38.24
N LEU G 65 -44.19 -9.87 -39.13
CA LEU G 65 -44.01 -11.32 -38.98
C LEU G 65 -43.97 -11.95 -40.36
N LEU G 66 -43.07 -12.91 -40.52
CA LEU G 66 -43.09 -13.70 -41.69
C LEU G 66 -43.56 -15.07 -41.29
N TYR G 67 -44.55 -15.57 -41.99
CA TYR G 67 -45.01 -16.93 -41.84
C TYR G 67 -44.62 -17.73 -43.06
N TYR G 68 -44.18 -18.97 -42.94
CA TYR G 68 -43.66 -19.69 -44.13
C TYR G 68 -43.69 -21.16 -43.98
N THR G 69 -43.69 -21.85 -45.12
CA THR G 69 -43.63 -23.33 -45.18
C THR G 69 -43.03 -23.76 -46.51
N GLU G 70 -42.43 -24.93 -46.54
CA GLU G 70 -42.03 -25.55 -47.80
C GLU G 70 -43.30 -25.94 -48.56
N PHE G 71 -43.25 -25.75 -49.87
CA PHE G 71 -44.32 -26.18 -50.75
C PHE G 71 -43.73 -26.43 -52.13
N THR G 72 -44.52 -27.14 -52.94
CA THR G 72 -44.16 -27.42 -54.33
C THR G 72 -45.26 -26.93 -55.22
N PRO G 73 -45.03 -25.78 -55.88
CA PRO G 73 -46.08 -25.20 -56.73
C PRO G 73 -46.39 -26.11 -57.88
N THR G 74 -47.66 -26.15 -58.26
CA THR G 74 -48.09 -26.86 -59.49
C THR G 74 -48.92 -25.92 -60.37
N GLU G 75 -49.33 -26.40 -61.54
CA GLU G 75 -50.11 -25.55 -62.42
C GLU G 75 -51.46 -25.21 -61.75
N LYS G 76 -52.11 -26.21 -61.17
CA LYS G 76 -53.51 -26.09 -60.74
C LYS G 76 -53.74 -25.78 -59.26
N ASP G 77 -52.83 -26.11 -58.36
CA ASP G 77 -53.05 -25.84 -56.93
C ASP G 77 -53.00 -24.36 -56.66
N GLU G 78 -54.02 -23.88 -55.94
CA GLU G 78 -54.14 -22.49 -55.51
C GLU G 78 -53.65 -22.32 -54.06
N TYR G 79 -52.80 -21.34 -53.87
CA TYR G 79 -52.28 -21.02 -52.59
C TYR G 79 -52.78 -19.63 -52.16
N ALA G 80 -52.98 -19.45 -50.86
CA ALA G 80 -53.42 -18.17 -50.31
C ALA G 80 -52.96 -18.00 -48.87
N CYS G 81 -53.04 -16.75 -48.38
CA CYS G 81 -52.78 -16.43 -46.98
C CYS G 81 -54.07 -15.92 -46.41
N ARG G 82 -54.50 -16.47 -45.28
CA ARG G 82 -55.67 -15.97 -44.56
C ARG G 82 -55.27 -15.33 -43.20
N VAL G 83 -55.64 -14.06 -43.02
CA VAL G 83 -55.24 -13.27 -41.87
C VAL G 83 -56.45 -12.83 -41.06
N ASN G 84 -56.41 -13.01 -39.76
CA ASN G 84 -57.38 -12.38 -38.88
C ASN G 84 -56.69 -11.54 -37.82
N HIS G 85 -57.32 -10.43 -37.48
CA HIS G 85 -56.78 -9.44 -36.56
C HIS G 85 -58.04 -8.73 -35.97
N VAL G 86 -57.91 -8.10 -34.82
CA VAL G 86 -59.04 -7.37 -34.26
C VAL G 86 -59.64 -6.29 -35.17
N THR G 87 -58.82 -5.70 -36.06
CA THR G 87 -59.27 -4.71 -37.03
C THR G 87 -60.08 -5.30 -38.18
N LEU G 88 -60.11 -6.61 -38.32
CA LEU G 88 -60.79 -7.21 -39.44
C LEU G 88 -62.09 -7.82 -38.97
N SER G 89 -63.18 -7.40 -39.56
CA SER G 89 -64.47 -7.94 -39.17
C SER G 89 -64.59 -9.39 -39.59
N GLN G 90 -63.75 -9.81 -40.52
CA GLN G 90 -63.61 -11.21 -40.88
C GLN G 90 -62.28 -11.47 -41.56
N PRO G 91 -61.83 -12.72 -41.54
CA PRO G 91 -60.52 -13.05 -42.14
C PRO G 91 -60.36 -12.50 -43.57
N LYS G 92 -59.23 -11.92 -43.86
CA LYS G 92 -58.89 -11.45 -45.17
C LYS G 92 -58.08 -12.56 -45.84
N ILE G 93 -58.41 -12.90 -47.09
CA ILE G 93 -57.68 -13.94 -47.84
C ILE G 93 -56.94 -13.29 -48.96
N VAL G 94 -55.63 -13.47 -49.07
CA VAL G 94 -54.87 -12.98 -50.20
C VAL G 94 -54.28 -14.19 -50.93
N LYS G 95 -54.63 -14.29 -52.21
CA LYS G 95 -54.25 -15.34 -53.10
C LYS G 95 -52.82 -15.12 -53.52
N TRP G 96 -52.05 -16.18 -53.62
CA TRP G 96 -50.70 -16.07 -54.13
C TRP G 96 -50.79 -15.90 -55.65
N ASP G 97 -50.20 -14.82 -56.15
CA ASP G 97 -49.93 -14.64 -57.59
C ASP G 97 -48.46 -14.83 -57.85
N ARG G 98 -48.07 -15.84 -58.61
CA ARG G 98 -46.65 -16.11 -58.80
C ARG G 98 -45.84 -15.00 -59.51
N ASP G 99 -46.45 -14.01 -60.14
CA ASP G 99 -45.63 -12.83 -60.54
C ASP G 99 -45.90 -11.57 -59.71
N MET G 100 -45.95 -11.75 -58.38
CA MET G 100 -46.12 -10.63 -57.42
C MET G 100 -45.58 -10.92 -56.01
N TYR H 1 -25.09 -7.49 -27.27
CA TYR H 1 -24.87 -7.34 -25.82
C TYR H 1 -25.78 -6.24 -25.27
N GLN H 2 -26.67 -6.63 -24.36
CA GLN H 2 -27.72 -5.76 -23.89
C GLN H 2 -27.22 -4.83 -22.82
N PHE H 3 -27.90 -3.69 -22.68
CA PHE H 3 -27.74 -2.81 -21.54
C PHE H 3 -28.09 -3.61 -20.30
N GLY H 4 -27.34 -3.45 -19.21
CA GLY H 4 -27.79 -4.08 -17.97
C GLY H 4 -27.26 -3.34 -16.79
N PRO H 5 -27.53 -3.87 -15.58
CA PRO H 5 -28.20 -5.21 -15.42
C PRO H 5 -29.67 -5.17 -15.82
N ASP H 6 -30.31 -4.00 -15.70
CA ASP H 6 -31.71 -3.89 -15.98
C ASP H 6 -32.10 -2.39 -16.03
N PHE H 7 -33.38 -2.15 -16.27
CA PHE H 7 -33.99 -0.82 -16.39
C PHE H 7 -34.79 -0.47 -15.17
N PRO H 8 -34.96 0.83 -14.92
CA PRO H 8 -35.88 1.26 -13.92
C PRO H 8 -37.30 1.10 -14.46
N ILE H 9 -38.22 0.98 -13.55
CA ILE H 9 -39.63 0.93 -13.91
C ILE H 9 -40.11 2.33 -14.31
N ALA H 10 -41.13 2.33 -15.13
CA ALA H 10 -41.72 3.50 -15.67
C ALA H 10 -42.62 4.18 -14.65
N LYS I 1 -13.62 -13.89 -11.80
CA LYS I 1 -14.28 -13.51 -10.52
C LYS I 1 -13.47 -13.87 -9.22
N GLU I 2 -12.20 -13.44 -9.15
CA GLU I 2 -11.28 -13.69 -8.04
C GLU I 2 -10.67 -12.34 -7.68
N VAL I 3 -10.80 -11.96 -6.42
CA VAL I 3 -10.19 -10.74 -5.97
C VAL I 3 -9.30 -11.07 -4.83
N GLU I 4 -8.16 -10.41 -4.83
CA GLU I 4 -7.10 -10.64 -3.91
C GLU I 4 -6.95 -9.46 -3.02
N GLN I 5 -6.78 -9.71 -1.75
CA GLN I 5 -6.68 -8.66 -0.77
C GLN I 5 -5.89 -9.24 0.37
N ASP I 6 -4.86 -8.53 0.76
CA ASP I 6 -4.06 -8.99 1.88
C ASP I 6 -4.81 -8.76 3.19
N PRO I 7 -4.82 -9.77 4.09
CA PRO I 7 -5.62 -9.70 5.33
C PRO I 7 -5.12 -8.75 6.38
N GLY I 8 -3.86 -8.30 6.25
CA GLY I 8 -3.19 -7.62 7.34
C GLY I 8 -3.01 -8.66 8.43
N PRO I 9 -3.35 -8.37 9.68
CA PRO I 9 -3.82 -7.08 10.16
C PRO I 9 -2.85 -5.96 9.92
N LEU I 10 -3.38 -4.76 9.65
CA LEU I 10 -2.58 -3.55 9.70
C LEU I 10 -2.83 -2.89 11.04
N SER I 11 -1.75 -2.50 11.66
CA SER I 11 -1.80 -1.70 12.85
C SER I 11 -1.03 -0.36 12.64
N VAL I 12 -1.71 0.76 12.79
CA VAL I 12 -1.07 2.05 12.56
C VAL I 12 -1.35 2.99 13.69
N PRO I 13 -0.56 4.05 13.79
CA PRO I 13 -0.86 4.98 14.87
C PRO I 13 -1.87 6.07 14.50
N GLU I 14 -2.67 6.52 15.45
CA GLU I 14 -3.62 7.59 15.16
C GLU I 14 -2.92 8.75 14.44
N GLY I 15 -3.54 9.25 13.38
CA GLY I 15 -2.97 10.36 12.60
C GLY I 15 -2.34 9.90 11.27
N ALA I 16 -2.08 8.61 11.13
CA ALA I 16 -1.44 8.03 9.95
C ALA I 16 -2.32 7.96 8.73
N ILE I 17 -1.70 8.06 7.54
CA ILE I 17 -2.36 7.78 6.29
C ILE I 17 -2.34 6.27 6.16
N VAL I 18 -3.48 5.68 5.84
CA VAL I 18 -3.51 4.26 5.55
C VAL I 18 -3.94 4.01 4.13
N SER I 19 -3.42 2.93 3.57
CA SER I 19 -3.50 2.54 2.15
C SER I 19 -4.04 1.14 2.14
N LEU I 20 -5.19 0.91 1.49
CA LEU I 20 -5.77 -0.45 1.35
C LEU I 20 -5.87 -0.71 -0.14
N ASN I 21 -5.63 -1.94 -0.54
CA ASN I 21 -5.85 -2.22 -1.94
C ASN I 21 -6.33 -3.62 -2.25
N CYS I 22 -6.84 -3.79 -3.48
CA CYS I 22 -7.26 -5.07 -4.02
C CYS I 22 -6.84 -5.17 -5.47
N THR I 23 -6.59 -6.40 -5.88
CA THR I 23 -6.32 -6.68 -7.26
C THR I 23 -7.33 -7.71 -7.73
N TYR I 24 -7.58 -7.69 -9.03
CA TYR I 24 -8.57 -8.57 -9.62
C TYR I 24 -8.06 -9.06 -10.95
N SER I 25 -8.73 -10.05 -11.54
CA SER I 25 -8.32 -10.54 -12.85
C SER I 25 -9.39 -10.40 -13.97
N ASN I 26 -10.67 -10.36 -13.65
CA ASN I 26 -11.72 -10.21 -14.65
C ASN I 26 -11.86 -8.79 -15.20
N SER I 27 -11.60 -8.60 -16.49
CA SER I 27 -11.62 -7.28 -17.06
C SER I 27 -13.05 -6.82 -17.27
N ALA I 28 -13.99 -7.73 -17.08
CA ALA I 28 -15.41 -7.33 -17.14
C ALA I 28 -15.96 -6.59 -15.90
N PHE I 29 -15.19 -6.54 -14.81
CA PHE I 29 -15.56 -5.73 -13.66
C PHE I 29 -15.47 -4.26 -14.00
N GLN I 30 -16.51 -3.50 -13.67
CA GLN I 30 -16.44 -2.07 -13.85
C GLN I 30 -17.02 -1.18 -12.85
N TYR I 31 -17.48 -1.76 -11.75
CA TYR I 31 -17.89 -0.96 -10.63
C TYR I 31 -17.12 -1.49 -9.47
N PHE I 32 -16.57 -0.57 -8.68
CA PHE I 32 -15.63 -0.90 -7.61
C PHE I 32 -16.02 -0.12 -6.36
N MET I 33 -16.15 -0.83 -5.23
CA MET I 33 -16.65 -0.22 -4.03
C MET I 33 -15.81 -0.59 -2.85
N TRP I 34 -15.86 0.19 -1.81
CA TRP I 34 -15.22 -0.24 -0.54
C TRP I 34 -16.23 -0.17 0.57
N TYR I 35 -16.09 -1.10 1.51
CA TYR I 35 -16.86 -1.19 2.64
C TYR I 35 -15.99 -1.23 3.87
N ARG I 36 -16.53 -0.72 4.99
CA ARG I 36 -16.04 -0.89 6.31
C ARG I 36 -17.01 -1.82 7.05
N GLN I 37 -16.51 -2.79 7.81
CA GLN I 37 -17.35 -3.59 8.66
C GLN I 37 -16.82 -3.63 10.11
N TYR I 38 -17.65 -3.27 11.09
CA TYR I 38 -17.26 -3.39 12.50
C TYR I 38 -17.55 -4.78 13.06
N SER I 39 -16.85 -5.20 14.10
CA SER I 39 -16.99 -6.55 14.63
C SER I 39 -18.40 -6.86 14.99
N ARG I 40 -18.88 -7.98 14.45
CA ARG I 40 -20.24 -8.44 14.66
C ARG I 40 -21.28 -7.49 14.02
N LYS I 41 -20.90 -6.74 12.97
CA LYS I 41 -21.87 -5.85 12.29
C LYS I 41 -21.92 -6.05 10.79
N GLY I 42 -22.82 -5.35 10.10
CA GLY I 42 -22.94 -5.44 8.65
C GLY I 42 -21.96 -4.49 7.95
N PRO I 43 -21.78 -4.64 6.63
CA PRO I 43 -20.88 -3.82 5.84
C PRO I 43 -21.50 -2.46 5.51
N GLU I 44 -20.70 -1.41 5.69
CA GLU I 44 -21.17 -0.04 5.38
C GLU I 44 -20.42 0.52 4.19
N LEU I 45 -21.15 0.90 3.16
CA LEU I 45 -20.53 1.41 1.97
C LEU I 45 -19.82 2.74 2.26
N LEU I 46 -18.57 2.92 1.80
CA LEU I 46 -17.84 4.15 1.94
C LEU I 46 -17.76 4.89 0.62
N MET I 47 -17.35 4.23 -0.44
CA MET I 47 -16.98 4.93 -1.68
C MET I 47 -17.36 4.00 -2.80
N TYR I 48 -17.66 4.60 -3.95
CA TYR I 48 -18.04 3.87 -5.13
C TYR I 48 -17.52 4.60 -6.39
N THR I 49 -16.91 3.84 -7.33
CA THR I 49 -16.30 4.36 -8.58
C THR I 49 -16.73 3.55 -9.78
N TYR I 50 -17.16 4.25 -10.83
CA TYR I 50 -17.39 3.61 -12.09
C TYR I 50 -16.13 3.72 -12.98
N SER I 51 -15.55 2.57 -13.34
CA SER I 51 -14.63 2.41 -14.49
C SER I 51 -13.13 2.78 -14.23
N SER I 52 -12.87 3.96 -13.70
CA SER I 52 -11.48 4.34 -13.52
C SER I 52 -11.47 5.69 -12.88
N GLY I 53 -10.28 6.09 -12.46
CA GLY I 53 -10.11 7.36 -11.83
C GLY I 53 -10.21 7.29 -10.33
N ASN I 54 -10.44 8.49 -9.82
CA ASN I 54 -10.21 8.93 -8.46
C ASN I 54 -11.40 9.76 -7.98
N LYS I 55 -11.93 9.41 -6.81
CA LYS I 55 -12.90 10.22 -6.11
C LYS I 55 -12.34 10.55 -4.75
N GLU I 56 -12.48 11.79 -4.30
CA GLU I 56 -12.24 12.15 -2.91
C GLU I 56 -13.58 12.39 -2.15
N ASP I 57 -13.68 11.93 -0.91
CA ASP I 57 -14.75 12.33 -0.01
C ASP I 57 -14.24 12.42 1.46
N GLY I 58 -14.10 13.65 1.97
CA GLY I 58 -13.50 13.88 3.27
C GLY I 58 -12.08 13.32 3.38
N ARG I 59 -11.88 12.41 4.32
CA ARG I 59 -10.60 11.81 4.57
C ARG I 59 -10.27 10.61 3.67
N PHE I 60 -11.19 10.28 2.78
CA PHE I 60 -11.14 9.12 1.95
C PHE I 60 -10.94 9.48 0.50
N THR I 61 -10.14 8.66 -0.19
CA THR I 61 -9.94 8.79 -1.61
C THR I 61 -9.92 7.39 -2.11
N ALA I 62 -10.75 7.11 -3.13
CA ALA I 62 -10.77 5.82 -3.75
C ALA I 62 -10.23 5.97 -5.13
N GLN I 63 -9.54 4.92 -5.60
CA GLN I 63 -8.93 4.89 -6.95
C GLN I 63 -9.00 3.53 -7.57
N VAL I 64 -9.03 3.57 -8.87
CA VAL I 64 -9.26 2.45 -9.72
C VAL I 64 -8.34 2.62 -10.95
N ASP I 65 -7.52 1.61 -11.22
CA ASP I 65 -6.66 1.57 -12.42
C ASP I 65 -7.07 0.33 -13.14
N LYS I 66 -7.85 0.48 -14.21
CA LYS I 66 -8.33 -0.73 -14.89
C LYS I 66 -7.24 -1.44 -15.71
N SER I 67 -6.23 -0.75 -16.16
CA SER I 67 -5.07 -1.44 -16.82
C SER I 67 -4.30 -2.34 -15.91
N SER I 68 -4.02 -1.84 -14.72
CA SER I 68 -3.26 -2.60 -13.74
C SER I 68 -4.20 -3.55 -12.99
N LYS I 69 -5.49 -3.42 -13.20
CA LYS I 69 -6.50 -4.12 -12.42
C LYS I 69 -6.18 -4.05 -10.93
N TYR I 70 -6.12 -2.83 -10.42
CA TYR I 70 -5.68 -2.59 -9.10
C TYR I 70 -6.50 -1.44 -8.59
N ILE I 71 -6.98 -1.60 -7.36
CA ILE I 71 -7.90 -0.66 -6.76
C ILE I 71 -7.39 -0.30 -5.42
N SER I 72 -7.63 0.91 -4.95
CA SER I 72 -7.15 1.32 -3.66
C SER I 72 -8.00 2.38 -2.97
N LEU I 73 -7.96 2.34 -1.64
CA LEU I 73 -8.60 3.33 -0.81
C LEU I 73 -7.56 3.91 0.17
N PHE I 74 -7.53 5.24 0.22
CA PHE I 74 -6.72 5.93 1.18
C PHE I 74 -7.60 6.63 2.20
N ILE I 75 -7.15 6.51 3.47
CA ILE I 75 -7.72 7.16 4.63
C ILE I 75 -6.63 8.08 5.20
N ARG I 76 -6.82 9.39 5.09
CA ARG I 76 -5.91 10.33 5.71
C ARG I 76 -6.35 10.54 7.16
N ASP I 77 -5.39 11.01 7.94
CA ASP I 77 -5.63 11.35 9.33
C ASP I 77 -6.45 10.28 10.12
N SER I 78 -5.92 9.08 10.16
CA SER I 78 -6.55 7.95 10.78
C SER I 78 -7.03 8.18 12.19
N GLN I 79 -8.21 7.63 12.50
CA GLN I 79 -8.86 7.74 13.85
C GLN I 79 -9.11 6.35 14.40
N PRO I 80 -9.06 6.20 15.73
CA PRO I 80 -9.36 4.89 16.32
C PRO I 80 -10.71 4.32 15.94
N SER I 81 -11.66 5.19 15.63
CA SER I 81 -12.99 4.76 15.18
C SER I 81 -12.98 4.27 13.73
N ASP I 82 -11.82 4.32 13.06
CA ASP I 82 -11.71 3.73 11.71
C ASP I 82 -11.33 2.26 11.83
N SER I 83 -11.02 1.79 13.04
CA SER I 83 -10.65 0.39 13.30
C SER I 83 -11.83 -0.53 12.96
N ALA I 84 -11.61 -1.38 11.98
CA ALA I 84 -12.63 -2.18 11.34
C ALA I 84 -11.99 -3.13 10.32
N THR I 85 -12.81 -3.97 9.70
CA THR I 85 -12.41 -4.66 8.52
C THR I 85 -12.83 -3.94 7.27
N TYR I 86 -11.92 -3.79 6.32
CA TYR I 86 -12.22 -3.09 5.08
C TYR I 86 -12.34 -4.09 3.93
N LEU I 87 -13.42 -4.02 3.17
CA LEU I 87 -13.63 -4.96 2.08
C LEU I 87 -13.82 -4.24 0.79
N CYS I 88 -13.26 -4.77 -0.25
CA CYS I 88 -13.50 -4.17 -1.51
C CYS I 88 -14.53 -5.11 -2.14
N ALA I 89 -15.31 -4.57 -3.07
CA ALA I 89 -16.20 -5.41 -3.91
C ALA I 89 -16.34 -4.86 -5.28
N MET I 90 -16.67 -5.74 -6.21
CA MET I 90 -16.86 -5.30 -7.59
C MET I 90 -17.88 -6.13 -8.31
N ARG I 91 -18.35 -5.59 -9.42
CA ARG I 91 -19.19 -6.31 -10.33
C ARG I 91 -19.07 -5.71 -11.72
N GLY I 92 -19.79 -6.37 -12.62
CA GLY I 92 -19.98 -5.96 -13.99
C GLY I 92 -21.33 -5.39 -14.21
N ASP I 93 -21.73 -5.40 -15.48
CA ASP I 93 -22.99 -4.82 -15.87
C ASP I 93 -24.14 -5.80 -16.16
N SER I 94 -23.91 -7.08 -15.98
N SER I 94 -23.87 -7.11 -16.02
CA SER I 94 -24.93 -8.01 -16.36
CA SER I 94 -24.85 -8.16 -16.31
C SER I 94 -25.59 -8.68 -15.13
C SER I 94 -25.71 -8.50 -15.12
N SER I 95 -25.19 -8.26 -13.93
CA SER I 95 -25.83 -8.71 -12.66
C SER I 95 -25.47 -7.76 -11.55
N TYR I 96 -26.39 -7.56 -10.59
CA TYR I 96 -26.04 -6.87 -9.33
C TYR I 96 -25.19 -7.67 -8.35
N LYS I 97 -24.89 -8.92 -8.70
CA LYS I 97 -24.03 -9.74 -7.90
C LYS I 97 -22.66 -9.11 -7.66
N LEU I 98 -22.30 -8.93 -6.39
CA LEU I 98 -21.03 -8.38 -6.00
C LEU I 98 -20.05 -9.53 -5.71
N ILE I 99 -18.80 -9.34 -6.10
CA ILE I 99 -17.73 -10.24 -5.68
C ILE I 99 -16.89 -9.46 -4.68
N PHE I 100 -16.66 -10.02 -3.51
CA PHE I 100 -15.92 -9.32 -2.46
C PHE I 100 -14.49 -9.88 -2.28
N GLY I 101 -13.54 -9.00 -2.01
CA GLY I 101 -12.30 -9.39 -1.38
C GLY I 101 -12.52 -9.97 0.01
N SER I 102 -11.51 -10.69 0.50
CA SER I 102 -11.53 -11.33 1.83
C SER I 102 -11.36 -10.39 2.98
N GLY I 103 -10.96 -9.16 2.69
CA GLY I 103 -10.95 -8.09 3.68
C GLY I 103 -9.60 -7.85 4.32
N THR I 104 -9.34 -6.60 4.68
CA THR I 104 -8.15 -6.24 5.47
C THR I 104 -8.56 -5.63 6.81
N ARG I 105 -8.09 -6.21 7.90
CA ARG I 105 -8.32 -5.69 9.26
C ARG I 105 -7.41 -4.50 9.57
N LEU I 106 -8.01 -3.35 9.90
CA LEU I 106 -7.29 -2.16 10.29
C LEU I 106 -7.49 -1.81 11.77
N LEU I 107 -6.42 -1.70 12.53
CA LEU I 107 -6.46 -1.17 13.89
C LEU I 107 -5.73 0.20 13.89
N VAL I 108 -6.45 1.28 14.22
CA VAL I 108 -5.75 2.47 14.53
C VAL I 108 -5.57 2.72 16.03
N ARG I 109 -4.29 2.78 16.41
CA ARG I 109 -3.85 2.79 17.79
C ARG I 109 -4.01 4.16 18.33
N PRO I 110 -4.79 4.30 19.43
CA PRO I 110 -5.13 5.64 19.93
C PRO I 110 -3.93 6.37 20.46
N ASP I 111 -3.86 7.69 20.26
CA ASP I 111 -2.77 8.49 20.85
C ASP I 111 -3.12 8.83 22.27
N ILE I 112 -2.29 8.38 23.16
CA ILE I 112 -2.56 8.31 24.58
C ILE I 112 -1.45 9.17 25.24
N GLN I 113 -1.77 10.42 25.58
CA GLN I 113 -0.75 11.44 25.97
C GLN I 113 -0.13 11.33 27.37
N ASN I 114 -0.86 10.75 28.31
CA ASN I 114 -0.39 10.72 29.68
C ASN I 114 -0.45 9.31 30.16
N PRO I 115 0.43 8.46 29.63
CA PRO I 115 0.42 7.06 30.01
C PRO I 115 0.79 6.96 31.47
N ASP I 116 0.13 6.07 32.19
CA ASP I 116 0.39 5.93 33.60
C ASP I 116 0.34 4.44 33.87
N PRO I 117 1.23 3.69 33.18
CA PRO I 117 1.12 2.24 33.17
C PRO I 117 1.09 1.70 34.59
N ALA I 118 0.25 0.68 34.79
CA ALA I 118 -0.07 0.14 36.10
C ALA I 118 -0.62 -1.29 35.94
N VAL I 119 -0.35 -2.12 36.95
CA VAL I 119 -0.97 -3.44 37.05
C VAL I 119 -1.65 -3.60 38.41
N TYR I 120 -2.89 -4.07 38.35
CA TYR I 120 -3.78 -4.07 39.48
C TYR I 120 -4.38 -5.46 39.68
N GLN I 121 -4.55 -5.84 40.95
CA GLN I 121 -5.21 -7.07 41.28
C GLN I 121 -6.61 -6.75 41.78
N LEU I 122 -7.58 -7.45 41.22
CA LEU I 122 -9.00 -7.16 41.39
C LEU I 122 -9.62 -8.43 42.00
N ARG I 123 -10.46 -8.29 43.03
CA ARG I 123 -11.08 -9.45 43.68
C ARG I 123 -12.57 -9.39 43.49
N ASP I 124 -13.25 -10.54 43.54
CA ASP I 124 -14.67 -10.58 43.93
C ASP I 124 -15.19 -12.02 44.00
N SER I 125 -15.39 -12.45 45.26
CA SER I 125 -15.71 -13.83 45.65
C SER I 125 -17.22 -14.09 45.72
N LYS I 126 -17.70 -14.61 44.60
CA LYS I 126 -19.06 -15.12 44.38
C LYS I 126 -18.84 -16.53 43.79
N SER I 127 -19.86 -17.39 43.70
CA SER I 127 -19.62 -18.78 43.21
C SER I 127 -19.04 -18.84 41.77
N SER I 128 -17.75 -18.46 41.68
CA SER I 128 -16.91 -18.49 40.47
C SER I 128 -15.48 -18.08 40.94
N ASP I 129 -14.96 -18.84 41.91
CA ASP I 129 -13.90 -18.36 42.83
C ASP I 129 -12.54 -17.98 42.21
N LYS I 130 -12.27 -16.68 42.15
CA LYS I 130 -10.92 -16.20 41.88
C LYS I 130 -10.69 -14.71 42.20
N SER I 131 -9.46 -14.30 41.88
CA SER I 131 -9.12 -12.93 41.60
C SER I 131 -8.66 -12.80 40.12
N VAL I 132 -8.58 -11.55 39.66
CA VAL I 132 -8.25 -11.23 38.28
C VAL I 132 -7.19 -10.13 38.21
N CYS I 133 -6.45 -10.07 37.10
CA CYS I 133 -5.28 -9.18 37.04
C CYS I 133 -5.29 -8.16 35.84
N LEU I 134 -5.63 -6.90 36.15
CA LEU I 134 -5.72 -5.79 35.18
C LEU I 134 -4.42 -5.06 34.86
N PHE I 135 -4.07 -4.95 33.58
CA PHE I 135 -2.96 -4.09 33.10
C PHE I 135 -3.57 -2.97 32.29
N THR I 136 -3.22 -1.74 32.62
CA THR I 136 -3.97 -0.57 32.16
C THR I 136 -3.07 0.69 32.12
N ASP I 137 -3.50 1.68 31.33
CA ASP I 137 -2.92 3.02 31.25
C ASP I 137 -1.55 3.06 30.55
N PHE I 138 -1.27 2.04 29.73
CA PHE I 138 -0.03 1.94 28.98
C PHE I 138 -0.30 2.52 27.63
N ASP I 139 0.73 3.11 26.99
CA ASP I 139 0.54 3.73 25.69
C ASP I 139 0.35 2.64 24.63
N SER I 140 -0.14 3.01 23.47
CA SER I 140 -0.61 2.02 22.49
C SER I 140 0.61 1.47 21.78
N GLN I 141 1.70 2.23 21.90
CA GLN I 141 3.00 1.77 21.52
C GLN I 141 3.34 0.45 22.24
N THR I 142 2.52 -0.01 23.18
CA THR I 142 2.70 -1.33 23.79
C THR I 142 1.80 -2.39 23.21
N ASN I 143 2.29 -3.16 22.26
CA ASN I 143 1.59 -4.37 21.84
C ASN I 143 1.57 -5.33 23.04
N VAL I 144 0.71 -6.35 22.97
CA VAL I 144 0.44 -7.28 24.10
C VAL I 144 0.46 -8.72 23.61
N SER I 145 0.91 -9.65 24.47
CA SER I 145 1.27 -11.03 24.09
C SER I 145 0.55 -12.09 24.91
N GLN I 146 0.18 -13.17 24.24
CA GLN I 146 -0.52 -14.25 24.92
C GLN I 146 0.40 -14.94 25.92
N SER I 147 -0.17 -15.82 26.74
CA SER I 147 0.63 -16.74 27.53
C SER I 147 0.95 -17.98 26.69
N LYS I 148 2.12 -18.57 26.93
CA LYS I 148 2.41 -19.93 26.47
C LYS I 148 1.78 -20.94 27.45
N ASP I 149 1.67 -20.51 28.71
CA ASP I 149 1.02 -21.27 29.79
C ASP I 149 -0.46 -21.56 29.46
N SER I 150 -0.90 -22.79 29.76
CA SER I 150 -2.23 -23.25 29.41
C SER I 150 -3.29 -22.94 30.48
N ASP I 151 -2.86 -22.48 31.65
CA ASP I 151 -3.77 -22.13 32.74
C ASP I 151 -3.70 -20.65 33.05
N VAL I 152 -3.05 -19.89 32.16
CA VAL I 152 -2.98 -18.43 32.27
C VAL I 152 -3.71 -17.83 31.08
N TYR I 153 -4.82 -17.16 31.38
CA TYR I 153 -5.65 -16.61 30.35
C TYR I 153 -5.48 -15.12 30.33
N ILE I 154 -4.95 -14.62 29.23
CA ILE I 154 -4.83 -13.19 29.03
C ILE I 154 -5.67 -12.78 27.83
N THR I 155 -6.42 -11.67 27.97
CA THR I 155 -7.15 -11.04 26.85
C THR I 155 -6.25 -10.03 26.18
N ASP I 156 -6.55 -9.71 24.94
CA ASP I 156 -5.79 -8.73 24.21
C ASP I 156 -6.23 -7.38 24.75
N LYS I 157 -5.43 -6.34 24.49
CA LYS I 157 -5.73 -4.97 24.93
C LYS I 157 -7.02 -4.46 24.33
N CYS I 158 -7.63 -3.52 25.04
CA CYS I 158 -8.92 -2.98 24.73
C CYS I 158 -8.89 -1.51 25.13
N VAL I 159 -9.41 -0.63 24.28
CA VAL I 159 -9.45 0.82 24.59
C VAL I 159 -10.85 1.22 25.02
N LEU I 160 -10.98 1.82 26.22
CA LEU I 160 -12.24 2.41 26.71
C LEU I 160 -12.20 3.94 26.71
N ASP I 161 -13.40 4.51 26.73
CA ASP I 161 -13.62 5.92 26.41
C ASP I 161 -14.55 6.55 27.45
N MET I 162 -13.93 7.15 28.47
CA MET I 162 -14.66 7.96 29.43
C MET I 162 -14.78 9.36 28.86
N ARG I 163 -15.88 9.63 28.15
CA ARG I 163 -16.12 10.99 27.59
C ARG I 163 -16.34 12.08 28.67
N SER I 164 -16.96 11.71 29.80
CA SER I 164 -17.13 12.60 30.98
C SER I 164 -15.84 13.31 31.45
N MET I 165 -14.68 12.64 31.28
CA MET I 165 -13.36 13.15 31.71
C MET I 165 -12.43 13.63 30.57
N ASP I 166 -12.91 13.55 29.32
CA ASP I 166 -12.06 13.77 28.11
C ASP I 166 -10.84 12.85 28.14
N PHE I 167 -11.11 11.55 28.31
CA PHE I 167 -10.11 10.57 28.73
C PHE I 167 -10.34 9.20 28.09
N LYS I 168 -9.24 8.52 27.76
CA LYS I 168 -9.28 7.13 27.31
C LYS I 168 -8.10 6.34 27.87
N SER I 169 -8.24 5.02 27.86
CA SER I 169 -7.18 4.17 28.33
C SER I 169 -7.26 2.79 27.74
N ASN I 170 -6.10 2.19 27.54
CA ASN I 170 -5.92 0.80 27.18
C ASN I 170 -5.95 -0.09 28.40
N SER I 171 -6.45 -1.30 28.23
CA SER I 171 -6.53 -2.25 29.33
C SER I 171 -6.41 -3.65 28.78
N ALA I 172 -5.91 -4.56 29.61
CA ALA I 172 -5.91 -5.99 29.28
C ALA I 172 -5.98 -6.78 30.56
N VAL I 173 -6.60 -7.94 30.50
CA VAL I 173 -6.96 -8.65 31.71
C VAL I 173 -6.38 -10.02 31.67
N ALA I 174 -5.81 -10.45 32.79
CA ALA I 174 -5.30 -11.83 32.93
C ALA I 174 -5.97 -12.44 34.11
N TRP I 175 -6.09 -13.77 34.08
CA TRP I 175 -6.52 -14.48 35.26
C TRP I 175 -6.10 -15.93 35.32
N SER I 176 -6.31 -16.44 36.52
CA SER I 176 -6.27 -17.85 36.78
C SER I 176 -7.10 -18.10 38.05
N ASN I 177 -7.34 -19.36 38.32
CA ASN I 177 -7.97 -19.78 39.56
C ASN I 177 -6.93 -20.39 40.51
N LYS I 178 -5.65 -20.30 40.12
CA LYS I 178 -4.57 -20.91 40.88
C LYS I 178 -4.29 -20.19 42.20
N SER I 179 -4.07 -20.97 43.24
CA SER I 179 -3.66 -20.44 44.53
C SER I 179 -2.43 -19.54 44.35
N ASP I 180 -1.36 -20.15 43.84
CA ASP I 180 -0.07 -19.47 43.70
C ASP I 180 -0.06 -18.28 42.73
N PHE I 181 -0.85 -18.33 41.67
CA PHE I 181 -0.71 -17.37 40.56
C PHE I 181 -0.74 -15.90 41.01
N ALA I 182 0.21 -15.12 40.50
CA ALA I 182 0.40 -13.76 40.97
C ALA I 182 0.85 -12.83 39.88
N CYS I 183 0.47 -11.58 40.05
CA CYS I 183 0.44 -10.59 38.98
C CYS I 183 1.80 -10.23 38.44
N ALA I 184 2.77 -9.96 39.32
CA ALA I 184 4.14 -9.62 38.90
C ALA I 184 4.65 -10.66 37.90
N ASN I 185 4.11 -11.87 37.97
CA ASN I 185 4.37 -12.90 36.98
C ASN I 185 3.14 -13.06 36.07
N ALA I 186 3.00 -12.20 35.05
CA ALA I 186 1.80 -12.20 34.18
C ALA I 186 2.08 -11.99 32.70
N PHE I 187 2.68 -10.85 32.37
CA PHE I 187 2.79 -10.39 30.99
C PHE I 187 4.23 -10.42 30.47
N ASN I 188 4.93 -11.52 30.80
CA ASN I 188 6.38 -11.67 30.55
C ASN I 188 6.70 -11.89 29.09
N ASN I 189 5.72 -12.32 28.30
CA ASN I 189 5.87 -12.47 26.84
C ASN I 189 5.73 -11.12 26.14
N SER I 190 5.19 -10.13 26.88
CA SER I 190 4.90 -8.83 26.31
C SER I 190 5.94 -7.79 26.75
N ILE I 191 6.32 -6.94 25.78
CA ILE I 191 7.27 -5.86 25.99
C ILE I 191 6.44 -4.75 26.62
N ILE I 192 6.35 -4.81 27.95
CA ILE I 192 5.65 -3.82 28.75
C ILE I 192 6.72 -2.78 29.12
N PRO I 193 6.31 -1.64 29.71
CA PRO I 193 7.35 -0.65 30.14
C PRO I 193 8.00 -0.95 31.51
N GLU I 194 9.08 -0.24 31.83
CA GLU I 194 9.74 -0.40 33.14
C GLU I 194 9.01 0.44 34.20
N ASP I 195 8.22 1.41 33.73
CA ASP I 195 7.39 2.29 34.59
C ASP I 195 6.43 1.59 35.54
N THR I 196 5.79 0.55 35.04
CA THR I 196 4.43 0.23 35.51
C THR I 196 4.32 -0.03 37.06
N PHE I 197 3.22 0.46 37.61
CA PHE I 197 2.92 0.41 39.04
C PHE I 197 2.67 -1.04 39.56
N PHE I 198 3.08 -1.31 40.80
CA PHE I 198 3.06 -2.67 41.36
C PHE I 198 2.92 -2.75 42.88
N PRO I 199 1.67 -2.77 43.37
CA PRO I 199 1.37 -3.19 44.74
C PRO I 199 1.56 -4.71 44.96
N ASP J 1 -39.14 4.46 7.59
CA ASP J 1 -38.33 4.51 8.87
C ASP J 1 -37.67 3.15 9.15
N ALA J 2 -38.45 2.12 9.45
CA ALA J 2 -37.84 0.79 9.69
C ALA J 2 -36.85 0.37 8.61
N GLY J 3 -35.71 -0.17 9.03
CA GLY J 3 -34.77 -0.79 8.09
C GLY J 3 -35.20 -2.21 7.70
N VAL J 4 -34.26 -2.96 7.17
CA VAL J 4 -34.45 -4.36 6.82
C VAL J 4 -34.53 -5.15 8.08
N ILE J 5 -35.52 -6.04 8.19
CA ILE J 5 -35.74 -6.75 9.42
C ILE J 5 -35.40 -8.20 9.20
N GLN J 6 -34.44 -8.76 9.93
CA GLN J 6 -34.19 -10.18 9.75
C GLN J 6 -34.53 -10.98 10.95
N SER J 7 -34.81 -12.27 10.74
CA SER J 7 -35.16 -13.15 11.83
C SER J 7 -34.71 -14.60 11.55
N PRO J 8 -34.27 -15.35 12.57
CA PRO J 8 -33.97 -14.88 13.95
C PRO J 8 -32.58 -14.15 13.97
N ARG J 9 -32.29 -13.37 14.98
CA ARG J 9 -30.98 -12.75 15.11
C ARG J 9 -29.89 -13.82 15.30
N HIS J 10 -30.19 -14.78 16.16
CA HIS J 10 -29.32 -15.92 16.44
C HIS J 10 -30.04 -17.22 16.28
N GLU J 11 -29.28 -18.24 15.93
CA GLU J 11 -29.76 -19.60 15.88
C GLU J 11 -28.65 -20.59 16.07
N VAL J 12 -28.77 -21.36 17.15
CA VAL J 12 -27.84 -22.41 17.50
C VAL J 12 -28.58 -23.76 17.43
N THR J 13 -28.18 -24.63 16.52
CA THR J 13 -29.02 -25.77 16.16
C THR J 13 -28.20 -27.03 15.85
N GLU J 14 -28.83 -28.17 16.06
CA GLU J 14 -28.17 -29.45 15.71
C GLU J 14 -28.18 -29.75 14.20
N MET J 15 -27.07 -30.22 13.65
CA MET J 15 -27.10 -30.64 12.26
C MET J 15 -28.17 -31.71 12.04
N GLY J 16 -28.68 -31.76 10.81
CA GLY J 16 -29.83 -32.63 10.48
C GLY J 16 -31.18 -31.90 10.49
N GLN J 17 -31.31 -30.82 11.25
CA GLN J 17 -32.51 -30.00 11.34
C GLN J 17 -32.67 -29.03 10.16
N GLN J 18 -33.88 -28.53 9.95
CA GLN J 18 -34.14 -27.59 8.91
C GLN J 18 -33.94 -26.20 9.52
N VAL J 19 -33.31 -25.30 8.80
CA VAL J 19 -33.15 -23.90 9.26
C VAL J 19 -33.94 -23.03 8.35
N THR J 20 -34.71 -22.10 8.93
CA THR J 20 -35.41 -21.11 8.13
C THR J 20 -34.94 -19.71 8.50
N LEU J 21 -34.44 -18.97 7.53
CA LEU J 21 -34.03 -17.61 7.75
C LEU J 21 -35.08 -16.75 7.06
N ARG J 22 -35.44 -15.64 7.70
N ARG J 22 -35.41 -15.62 7.67
CA ARG J 22 -36.54 -14.79 7.25
CA ARG J 22 -36.49 -14.80 7.23
C ARG J 22 -36.05 -13.31 7.10
C ARG J 22 -36.05 -13.31 7.10
N CYS J 23 -36.58 -12.62 6.10
CA CYS J 23 -36.25 -11.25 5.87
C CYS J 23 -37.46 -10.50 5.39
N LYS J 24 -37.73 -9.36 5.99
CA LYS J 24 -38.67 -8.35 5.47
C LYS J 24 -37.84 -7.14 4.92
N PRO J 25 -37.87 -6.88 3.63
CA PRO J 25 -37.14 -5.72 3.11
C PRO J 25 -37.82 -4.42 3.51
N ILE J 26 -37.18 -3.32 3.19
CA ILE J 26 -37.76 -1.96 3.42
C ILE J 26 -39.01 -1.85 2.53
N SER J 27 -40.11 -1.31 3.04
CA SER J 27 -41.34 -1.20 2.26
C SER J 27 -41.07 -0.44 1.06
N GLY J 28 -41.45 -0.98 -0.07
CA GLY J 28 -41.37 -0.21 -1.28
C GLY J 28 -40.13 -0.58 -1.99
N HIS J 29 -39.19 -1.27 -1.32
CA HIS J 29 -38.01 -1.72 -2.03
C HIS J 29 -38.34 -2.97 -2.84
N ASP J 30 -37.79 -3.09 -4.04
CA ASP J 30 -38.19 -4.16 -4.94
C ASP J 30 -37.07 -5.07 -5.36
N TYR J 31 -35.88 -4.87 -4.73
CA TYR J 31 -34.85 -5.85 -4.82
C TYR J 31 -34.51 -6.40 -3.46
N LEU J 32 -34.16 -7.69 -3.46
CA LEU J 32 -33.81 -8.35 -2.20
C LEU J 32 -32.61 -9.30 -2.43
N PHE J 33 -31.62 -9.25 -1.53
CA PHE J 33 -30.40 -9.93 -1.67
C PHE J 33 -30.17 -10.77 -0.42
N TRP J 34 -29.64 -12.01 -0.58
CA TRP J 34 -29.18 -12.84 0.53
C TRP J 34 -27.66 -13.02 0.33
N TYR J 35 -26.87 -12.73 1.36
CA TYR J 35 -25.47 -13.01 1.38
C TYR J 35 -25.11 -13.91 2.51
N ARG J 36 -23.93 -14.54 2.44
CA ARG J 36 -23.40 -15.01 3.69
C ARG J 36 -21.93 -14.69 3.85
N GLN J 37 -21.51 -14.73 5.09
CA GLN J 37 -20.17 -14.42 5.50
C GLN J 37 -19.65 -15.43 6.53
N THR J 38 -18.55 -16.10 6.16
CA THR J 38 -17.75 -16.97 7.02
C THR J 38 -16.35 -16.37 7.02
N MET J 39 -15.46 -16.74 7.93
CA MET J 39 -14.07 -16.22 7.68
C MET J 39 -13.26 -17.11 6.71
N MET J 40 -13.66 -18.37 6.53
CA MET J 40 -12.98 -19.23 5.53
C MET J 40 -13.38 -19.10 4.03
N ARG J 41 -14.45 -18.39 3.69
CA ARG J 41 -14.77 -17.98 2.28
C ARG J 41 -15.11 -16.48 2.13
N GLY J 42 -15.05 -15.72 3.24
CA GLY J 42 -15.46 -14.31 3.26
C GLY J 42 -16.98 -14.11 3.05
N LEU J 43 -17.27 -12.91 2.48
CA LEU J 43 -18.54 -12.36 2.15
C LEU J 43 -19.02 -12.65 0.66
N GLU J 44 -20.21 -13.23 0.53
CA GLU J 44 -20.60 -13.75 -0.77
C GLU J 44 -22.11 -13.78 -0.98
N LEU J 45 -22.51 -13.43 -2.18
CA LEU J 45 -23.89 -13.46 -2.55
C LEU J 45 -24.41 -14.90 -2.80
N LEU J 46 -25.56 -15.25 -2.24
CA LEU J 46 -26.28 -16.48 -2.56
C LEU J 46 -27.29 -16.23 -3.67
N ILE J 47 -28.16 -15.19 -3.53
CA ILE J 47 -29.23 -14.98 -4.51
C ILE J 47 -29.71 -13.55 -4.43
N TYR J 48 -30.16 -12.99 -5.53
CA TYR J 48 -31.00 -11.77 -5.38
C TYR J 48 -32.27 -11.94 -6.23
N PHE J 49 -33.34 -11.26 -5.80
CA PHE J 49 -34.63 -11.21 -6.45
C PHE J 49 -34.87 -9.74 -6.86
N ASN J 50 -35.67 -9.59 -7.92
CA ASN J 50 -36.29 -8.34 -8.29
C ASN J 50 -37.76 -8.64 -8.54
N ASN J 51 -38.61 -7.82 -7.95
CA ASN J 51 -40.05 -8.02 -8.08
C ASN J 51 -40.48 -9.44 -7.76
N ASN J 52 -39.89 -10.02 -6.73
CA ASN J 52 -40.22 -11.36 -6.23
C ASN J 52 -39.68 -12.51 -7.09
N VAL J 53 -38.94 -12.22 -8.18
CA VAL J 53 -38.37 -13.27 -8.97
C VAL J 53 -36.85 -13.39 -8.86
N PRO J 54 -36.39 -14.65 -8.71
CA PRO J 54 -34.98 -14.90 -8.61
C PRO J 54 -34.27 -14.43 -9.92
N ILE J 55 -33.27 -13.60 -9.79
CA ILE J 55 -32.54 -13.09 -10.98
C ILE J 55 -31.17 -13.78 -11.14
N ASP J 56 -30.43 -13.88 -10.06
CA ASP J 56 -29.13 -14.47 -10.07
C ASP J 56 -29.04 -15.35 -8.88
N ASP J 57 -29.08 -16.65 -9.09
CA ASP J 57 -28.85 -17.62 -8.03
C ASP J 57 -27.58 -18.45 -8.18
N SER J 58 -26.57 -17.89 -8.91
CA SER J 58 -25.34 -18.60 -9.21
C SER J 58 -24.53 -18.88 -7.93
N GLY J 59 -24.60 -18.02 -6.94
CA GLY J 59 -23.95 -18.32 -5.66
C GLY J 59 -24.66 -19.32 -4.71
N MET J 60 -25.85 -19.80 -5.09
CA MET J 60 -26.59 -20.70 -4.19
C MET J 60 -25.89 -22.04 -4.13
N PRO J 61 -25.68 -22.62 -2.95
CA PRO J 61 -25.33 -24.06 -2.94
C PRO J 61 -26.23 -24.96 -3.80
N GLU J 62 -25.64 -25.90 -4.47
CA GLU J 62 -26.36 -26.75 -5.40
C GLU J 62 -27.30 -27.71 -4.70
N ASP J 63 -27.10 -27.97 -3.42
CA ASP J 63 -27.94 -28.95 -2.79
C ASP J 63 -28.72 -28.48 -1.56
N ARG J 64 -28.24 -28.00 -0.49
CA ARG J 64 -29.36 -28.15 0.60
C ARG J 64 -30.23 -26.81 0.82
N PHE J 65 -30.17 -25.96 -0.16
CA PHE J 65 -30.51 -24.55 0.09
C PHE J 65 -31.62 -24.12 -0.82
N SER J 66 -32.55 -23.37 -0.31
CA SER J 66 -33.68 -22.98 -1.12
C SER J 66 -34.14 -21.58 -0.73
N ALA J 67 -34.41 -20.73 -1.70
CA ALA J 67 -34.78 -19.36 -1.38
C ALA J 67 -36.10 -19.00 -2.06
N LYS J 68 -37.00 -18.35 -1.36
CA LYS J 68 -38.27 -17.98 -1.96
C LYS J 68 -38.58 -16.52 -1.64
N MET J 69 -39.37 -15.95 -2.48
CA MET J 69 -39.98 -14.64 -2.11
C MET J 69 -41.49 -14.68 -2.42
N PRO J 70 -42.32 -15.18 -1.47
CA PRO J 70 -43.72 -15.34 -1.81
C PRO J 70 -44.48 -14.03 -2.01
N ASN J 71 -43.91 -12.91 -1.54
CA ASN J 71 -44.51 -11.59 -1.83
C ASN J 71 -43.49 -10.49 -1.55
N ALA J 72 -43.81 -9.27 -1.92
CA ALA J 72 -42.82 -8.21 -1.92
C ALA J 72 -42.34 -7.89 -0.50
N SER J 73 -43.02 -8.34 0.54
CA SER J 73 -42.54 -8.01 1.91
C SER J 73 -41.91 -9.14 2.65
N PHE J 74 -41.55 -10.25 1.99
CA PHE J 74 -41.13 -11.42 2.78
C PHE J 74 -40.34 -12.40 1.92
N SER J 75 -39.14 -12.76 2.39
CA SER J 75 -38.30 -13.76 1.74
C SER J 75 -37.78 -14.75 2.76
N THR J 76 -37.59 -15.98 2.30
CA THR J 76 -37.04 -16.98 3.18
C THR J 76 -35.90 -17.65 2.51
N LEU J 77 -34.99 -18.07 3.32
CA LEU J 77 -33.91 -18.93 2.90
C LEU J 77 -33.91 -20.13 3.81
N LYS J 78 -33.95 -21.31 3.23
CA LYS J 78 -33.94 -22.49 4.07
C LYS J 78 -32.98 -23.56 3.61
N ILE J 79 -32.53 -24.26 4.64
CA ILE J 79 -31.47 -25.19 4.57
C ILE J 79 -32.02 -26.41 5.20
N GLN J 80 -32.05 -27.50 4.43
CA GLN J 80 -32.52 -28.79 4.98
C GLN J 80 -31.90 -29.90 4.17
N PRO J 81 -31.31 -30.90 4.81
CA PRO J 81 -30.92 -30.87 6.24
C PRO J 81 -29.63 -30.04 6.49
N SER J 82 -29.59 -29.30 7.57
CA SER J 82 -28.48 -28.38 7.84
C SER J 82 -27.17 -29.15 8.23
N GLU J 83 -26.02 -28.58 7.88
CA GLU J 83 -24.71 -29.20 8.25
C GLU J 83 -23.78 -28.19 8.90
N PRO J 84 -22.81 -28.67 9.67
CA PRO J 84 -21.92 -27.72 10.37
C PRO J 84 -21.31 -26.66 9.50
N ARG J 85 -21.04 -27.03 8.27
CA ARG J 85 -20.42 -26.11 7.32
C ARG J 85 -21.31 -25.01 6.89
N ASP J 86 -22.61 -25.06 7.21
CA ASP J 86 -23.50 -24.01 6.88
C ASP J 86 -23.40 -22.87 7.86
N SER J 87 -22.68 -23.06 8.97
CA SER J 87 -22.46 -22.04 9.97
C SER J 87 -21.95 -20.72 9.36
N ALA J 88 -22.62 -19.60 9.62
CA ALA J 88 -22.20 -18.34 9.02
C ALA J 88 -23.02 -17.23 9.57
N VAL J 89 -22.71 -15.99 9.17
CA VAL J 89 -23.68 -14.88 9.32
C VAL J 89 -24.35 -14.76 7.95
N TYR J 90 -25.67 -14.72 7.93
CA TYR J 90 -26.40 -14.55 6.73
C TYR J 90 -26.97 -13.13 6.77
N PHE J 91 -26.78 -12.31 5.74
CA PHE J 91 -27.36 -11.01 5.70
C PHE J 91 -28.34 -10.90 4.57
N CYS J 92 -29.41 -10.16 4.77
CA CYS J 92 -30.34 -9.89 3.75
C CYS J 92 -30.17 -8.40 3.50
N ALA J 93 -30.36 -7.94 2.24
CA ALA J 93 -30.37 -6.54 1.92
C ALA J 93 -31.47 -6.25 0.95
N SER J 94 -31.92 -5.01 0.94
CA SER J 94 -32.84 -4.62 -0.07
C SER J 94 -32.40 -3.28 -0.71
N SER J 95 -32.87 -3.03 -1.91
CA SER J 95 -32.60 -1.82 -2.60
C SER J 95 -33.63 -1.47 -3.70
N LEU J 96 -33.31 -0.37 -4.39
CA LEU J 96 -34.11 0.20 -5.49
C LEU J 96 -33.13 0.52 -6.61
N TRP J 97 -33.62 0.57 -7.85
CA TRP J 97 -32.76 0.69 -8.98
C TRP J 97 -31.83 1.90 -8.83
N GLU J 98 -32.38 3.01 -8.40
CA GLU J 98 -31.66 4.27 -8.39
C GLU J 98 -30.57 4.23 -7.30
N LYS J 99 -30.72 3.41 -6.25
CA LYS J 99 -29.73 3.26 -5.24
C LYS J 99 -28.66 2.27 -5.72
N LEU J 100 -29.10 1.24 -6.41
CA LEU J 100 -28.21 0.25 -6.93
C LEU J 100 -27.30 0.85 -8.04
N ALA J 101 -27.77 1.87 -8.73
CA ALA J 101 -26.94 2.55 -9.80
C ALA J 101 -25.79 3.27 -9.16
N LYS J 102 -25.94 3.53 -7.87
CA LYS J 102 -24.87 4.08 -7.07
C LYS J 102 -24.22 3.05 -6.12
N ASN J 103 -24.50 1.80 -6.37
CA ASN J 103 -24.15 0.69 -5.54
C ASN J 103 -24.54 0.75 -4.08
N ILE J 104 -25.73 1.30 -3.81
CA ILE J 104 -26.20 1.39 -2.44
C ILE J 104 -27.20 0.25 -2.24
N GLN J 105 -27.09 -0.47 -1.14
CA GLN J 105 -28.12 -1.43 -0.71
C GLN J 105 -28.20 -1.27 0.76
N TYR J 106 -29.29 -1.78 1.36
CA TYR J 106 -29.55 -1.54 2.75
C TYR J 106 -29.55 -2.91 3.42
N PHE J 107 -28.68 -3.10 4.40
CA PHE J 107 -28.48 -4.37 5.06
C PHE J 107 -29.37 -4.53 6.30
N GLY J 108 -29.91 -5.75 6.50
CA GLY J 108 -30.38 -6.18 7.84
C GLY J 108 -29.23 -6.38 8.82
N ALA J 109 -29.55 -6.59 10.09
CA ALA J 109 -28.62 -6.91 11.18
C ALA J 109 -27.99 -8.31 11.09
N GLY J 110 -28.44 -9.12 10.17
CA GLY J 110 -27.98 -10.45 10.05
C GLY J 110 -28.51 -11.54 10.98
N THR J 111 -28.31 -12.78 10.58
CA THR J 111 -28.67 -13.95 11.40
C THR J 111 -27.40 -14.72 11.60
N ARG J 112 -27.00 -14.83 12.85
CA ARG J 112 -25.83 -15.59 13.20
C ARG J 112 -26.21 -17.07 13.41
N LEU J 113 -25.82 -17.95 12.49
CA LEU J 113 -26.16 -19.38 12.55
C LEU J 113 -24.96 -20.23 12.88
N SER J 114 -25.05 -20.96 14.00
CA SER J 114 -24.20 -22.10 14.30
C SER J 114 -24.97 -23.47 14.21
N VAL J 115 -24.54 -24.31 13.26
CA VAL J 115 -24.98 -25.69 13.13
C VAL J 115 -23.93 -26.59 13.70
N LEU J 116 -24.26 -27.33 14.76
CA LEU J 116 -23.30 -28.08 15.51
C LEU J 116 -23.48 -29.56 15.31
N GLU J 117 -22.36 -30.29 15.45
CA GLU J 117 -22.41 -31.74 15.41
C GLU J 117 -23.28 -32.33 16.51
N ASP J 118 -23.14 -31.75 17.69
CA ASP J 118 -23.56 -32.39 18.91
C ASP J 118 -23.93 -31.33 19.91
N LEU J 119 -25.19 -31.27 20.30
CA LEU J 119 -25.63 -30.26 21.28
C LEU J 119 -25.01 -30.35 22.69
N LYS J 120 -24.44 -31.48 23.02
CA LYS J 120 -23.84 -31.67 24.35
C LYS J 120 -22.57 -30.84 24.53
N ASN J 121 -22.16 -30.12 23.48
CA ASN J 121 -21.02 -29.20 23.51
C ASN J 121 -21.39 -27.77 23.96
N VAL J 122 -22.69 -27.52 24.01
CA VAL J 122 -23.22 -26.21 24.29
C VAL J 122 -23.17 -26.02 25.80
N PHE J 123 -22.66 -24.86 26.21
CA PHE J 123 -22.58 -24.52 27.62
C PHE J 123 -22.84 -23.04 27.72
N PRO J 124 -23.65 -22.63 28.70
CA PRO J 124 -23.86 -21.20 28.87
C PRO J 124 -22.67 -20.66 29.67
N PRO J 125 -22.47 -19.34 29.66
CA PRO J 125 -21.35 -18.76 30.40
C PRO J 125 -21.62 -18.73 31.92
N GLU J 126 -20.58 -18.87 32.72
CA GLU J 126 -20.58 -18.36 34.12
C GLU J 126 -20.06 -16.92 34.09
N VAL J 127 -20.55 -16.07 34.96
CA VAL J 127 -20.22 -14.67 34.84
C VAL J 127 -19.79 -14.15 36.19
N ALA J 128 -18.66 -13.47 36.23
CA ALA J 128 -18.17 -12.88 37.45
C ALA J 128 -17.81 -11.42 37.24
N VAL J 129 -18.04 -10.63 38.29
CA VAL J 129 -17.66 -9.25 38.30
C VAL J 129 -16.61 -9.03 39.38
N PHE J 130 -15.54 -8.35 39.02
CA PHE J 130 -14.43 -8.10 39.93
C PHE J 130 -14.37 -6.61 40.25
N GLU J 131 -14.12 -6.30 41.53
CA GLU J 131 -14.26 -4.95 42.04
C GLU J 131 -12.92 -4.24 41.89
N PRO J 132 -12.94 -2.88 41.80
CA PRO J 132 -11.72 -2.07 41.62
C PRO J 132 -10.59 -2.31 42.61
N SER J 133 -9.35 -2.30 42.13
CA SER J 133 -8.20 -2.30 42.99
C SER J 133 -8.22 -0.98 43.77
N GLU J 134 -7.88 -1.07 45.07
CA GLU J 134 -7.85 0.12 45.91
C GLU J 134 -6.61 0.98 45.56
N ALA J 135 -5.53 0.31 45.13
CA ALA J 135 -4.36 0.98 44.56
C ALA J 135 -4.76 1.91 43.42
N GLU J 136 -5.63 1.41 42.53
CA GLU J 136 -6.06 2.16 41.35
C GLU J 136 -6.76 3.43 41.80
N ILE J 137 -7.76 3.26 42.67
CA ILE J 137 -8.45 4.39 43.27
C ILE J 137 -7.46 5.48 43.79
N SER J 138 -6.33 5.06 44.37
CA SER J 138 -5.44 5.99 45.04
C SER J 138 -4.40 6.57 44.10
N HIS J 139 -3.91 5.75 43.18
CA HIS J 139 -2.90 6.18 42.21
C HIS J 139 -3.52 7.12 41.16
N THR J 140 -4.80 6.85 40.87
CA THR J 140 -5.51 7.41 39.71
C THR J 140 -6.82 8.14 40.01
N GLN J 141 -7.46 7.80 41.13
CA GLN J 141 -8.80 8.26 41.47
C GLN J 141 -9.78 7.83 40.40
N LYS J 142 -9.56 6.64 39.89
CA LYS J 142 -10.55 6.01 39.02
C LYS J 142 -10.64 4.57 39.47
N ALA J 143 -11.69 3.91 39.00
CA ALA J 143 -12.01 2.61 39.50
C ALA J 143 -12.52 1.79 38.34
N THR J 144 -11.77 0.76 37.98
CA THR J 144 -12.12 -0.09 36.86
C THR J 144 -12.67 -1.38 37.40
N LEU J 145 -13.86 -1.75 36.96
CA LEU J 145 -14.45 -3.08 37.25
C LEU J 145 -14.22 -3.99 36.08
N VAL J 146 -14.06 -5.28 36.34
CA VAL J 146 -13.89 -6.23 35.24
C VAL J 146 -14.94 -7.33 35.30
N CYS J 147 -15.59 -7.54 34.17
CA CYS J 147 -16.54 -8.64 34.03
C CYS J 147 -15.91 -9.73 33.21
N LEU J 148 -15.99 -10.93 33.74
CA LEU J 148 -15.56 -12.14 33.06
C LEU J 148 -16.74 -13.08 32.77
N ALA J 149 -16.95 -13.34 31.48
CA ALA J 149 -17.82 -14.42 31.02
C ALA J 149 -16.97 -15.61 30.57
N THR J 150 -17.15 -16.78 31.14
CA THR J 150 -16.28 -17.90 30.88
C THR J 150 -17.08 -19.19 30.64
N GLY J 151 -16.57 -20.06 29.81
CA GLY J 151 -17.05 -21.44 29.74
C GLY J 151 -18.20 -21.63 28.77
N PHE J 152 -18.40 -20.67 27.88
CA PHE J 152 -19.53 -20.74 26.99
C PHE J 152 -19.17 -21.31 25.64
N TYR J 153 -20.14 -22.02 25.11
CA TYR J 153 -20.10 -22.54 23.78
C TYR J 153 -21.54 -22.72 23.27
N PRO J 154 -21.82 -22.34 22.01
CA PRO J 154 -20.87 -21.73 21.05
C PRO J 154 -20.70 -20.26 21.34
N ASP J 155 -20.07 -19.47 20.47
CA ASP J 155 -19.90 -18.10 20.89
C ASP J 155 -21.00 -17.14 20.36
N HIS J 156 -22.08 -17.14 21.11
CA HIS J 156 -23.21 -16.30 20.78
C HIS J 156 -23.56 -15.58 22.06
N VAL J 157 -22.79 -14.54 22.40
CA VAL J 157 -23.04 -13.76 23.62
C VAL J 157 -23.06 -12.27 23.33
N GLU J 158 -23.93 -11.56 24.05
CA GLU J 158 -24.03 -10.08 24.05
C GLU J 158 -23.90 -9.64 25.50
N LEU J 159 -22.79 -8.96 25.76
CA LEU J 159 -22.42 -8.49 27.09
C LEU J 159 -22.72 -7.02 27.18
N SER J 160 -23.43 -6.61 28.22
CA SER J 160 -23.78 -5.19 28.47
C SER J 160 -23.56 -4.88 29.96
N TRP J 161 -23.45 -3.59 30.28
CA TRP J 161 -23.27 -3.12 31.65
C TRP J 161 -24.47 -2.32 32.02
N TRP J 162 -24.93 -2.43 33.27
CA TRP J 162 -26.09 -1.68 33.78
C TRP J 162 -25.66 -1.05 35.12
N VAL J 163 -25.85 0.26 35.25
CA VAL J 163 -25.54 0.95 36.48
C VAL J 163 -26.85 1.51 36.95
N ASN J 164 -27.20 1.22 38.18
CA ASN J 164 -28.46 1.67 38.73
C ASN J 164 -29.66 1.44 37.80
N GLY J 165 -29.65 0.30 37.09
CA GLY J 165 -30.79 -0.15 36.28
C GLY J 165 -30.95 0.44 34.88
N LYS J 166 -29.97 1.24 34.46
CA LYS J 166 -29.94 1.82 33.10
C LYS J 166 -28.71 1.22 32.44
N GLU J 167 -28.82 0.82 31.17
CA GLU J 167 -27.63 0.32 30.43
C GLU J 167 -26.71 1.51 30.15
N VAL J 168 -25.41 1.31 30.38
CA VAL J 168 -24.38 2.28 30.03
C VAL J 168 -23.44 1.85 28.90
N HIS J 169 -22.82 2.85 28.28
CA HIS J 169 -21.87 2.69 27.16
C HIS J 169 -20.55 3.40 27.43
N SER J 170 -20.66 4.57 28.06
CA SER J 170 -19.50 5.35 28.43
C SER J 170 -18.62 4.66 29.49
N GLY J 171 -17.37 4.42 29.17
CA GLY J 171 -16.43 3.82 30.11
C GLY J 171 -16.20 2.34 29.85
N VAL J 172 -16.93 1.80 28.90
CA VAL J 172 -16.94 0.35 28.67
C VAL J 172 -16.07 -0.05 27.49
N CYS J 173 -15.32 -1.16 27.65
CA CYS J 173 -14.52 -1.77 26.59
C CYS J 173 -14.68 -3.23 26.78
N THR J 174 -15.22 -3.87 25.76
CA THR J 174 -15.44 -5.33 25.74
C THR J 174 -14.58 -5.93 24.63
N ASP J 175 -13.84 -6.98 24.92
CA ASP J 175 -12.97 -7.59 23.90
C ASP J 175 -13.77 -7.79 22.63
N PRO J 176 -13.22 -7.37 21.48
CA PRO J 176 -14.00 -7.52 20.26
C PRO J 176 -14.19 -8.97 19.87
N GLN J 177 -13.43 -9.86 20.52
CA GLN J 177 -13.44 -11.30 20.20
C GLN J 177 -13.37 -12.08 21.48
N PRO J 178 -14.12 -13.21 21.56
CA PRO J 178 -13.97 -14.09 22.71
C PRO J 178 -12.60 -14.75 22.64
N LEU J 179 -12.20 -15.51 23.66
CA LEU J 179 -10.97 -16.26 23.48
C LEU J 179 -11.17 -17.74 23.78
N LYS J 180 -10.37 -18.58 23.16
CA LYS J 180 -10.52 -20.01 23.38
C LYS J 180 -9.81 -20.41 24.66
N GLU J 181 -10.51 -21.14 25.53
CA GLU J 181 -9.95 -21.59 26.81
C GLU J 181 -8.91 -22.71 26.62
N GLN J 182 -9.08 -23.46 25.54
CA GLN J 182 -8.11 -24.42 25.14
C GLN J 182 -8.08 -24.38 23.62
N PRO J 183 -7.21 -23.51 23.05
CA PRO J 183 -7.10 -23.30 21.59
C PRO J 183 -6.61 -24.53 20.83
N ALA J 184 -6.08 -25.51 21.56
CA ALA J 184 -5.79 -26.82 21.00
C ALA J 184 -7.01 -27.41 20.35
N LEU J 185 -8.16 -27.31 21.01
CA LEU J 185 -9.39 -27.92 20.49
C LEU J 185 -10.04 -27.03 19.45
N ASN J 186 -10.61 -27.66 18.44
CA ASN J 186 -11.23 -26.93 17.36
C ASN J 186 -12.50 -26.30 17.89
N ASP J 187 -13.28 -27.14 18.56
CA ASP J 187 -14.34 -26.69 19.43
C ASP J 187 -13.82 -26.71 20.88
N SER J 188 -13.73 -25.53 21.46
CA SER J 188 -13.44 -25.37 22.86
C SER J 188 -14.37 -24.31 23.37
N ARG J 189 -14.66 -24.37 24.67
CA ARG J 189 -15.37 -23.31 25.35
C ARG J 189 -14.63 -21.97 25.23
N TYR J 190 -15.38 -20.88 25.46
CA TYR J 190 -14.88 -19.56 25.28
C TYR J 190 -14.96 -18.73 26.52
N ALA J 191 -14.17 -17.65 26.47
CA ALA J 191 -14.17 -16.66 27.54
C ALA J 191 -14.18 -15.23 27.00
N LEU J 192 -14.72 -14.31 27.78
CA LEU J 192 -14.76 -12.93 27.35
C LEU J 192 -14.62 -12.00 28.53
N SER J 193 -13.85 -10.92 28.36
CA SER J 193 -13.69 -9.86 29.35
C SER J 193 -14.31 -8.54 28.90
N SER J 194 -14.87 -7.84 29.86
CA SER J 194 -15.21 -6.44 29.68
C SER J 194 -14.71 -5.64 30.89
N ARG J 195 -14.52 -4.33 30.68
CA ARG J 195 -14.16 -3.41 31.75
C ARG J 195 -15.11 -2.24 31.76
N LEU J 196 -15.48 -1.81 32.96
CA LEU J 196 -16.23 -0.58 33.14
C LEU J 196 -15.46 0.28 34.13
N ARG J 197 -15.17 1.50 33.74
CA ARG J 197 -14.37 2.35 34.58
C ARG J 197 -15.11 3.64 34.87
N VAL J 198 -15.00 4.06 36.13
CA VAL J 198 -15.75 5.22 36.63
C VAL J 198 -14.86 6.03 37.52
N SER J 199 -15.31 7.23 37.89
CA SER J 199 -14.52 8.06 38.82
C SER J 199 -14.42 7.36 40.19
N ALA J 200 -13.33 7.60 40.92
CA ALA J 200 -13.19 6.98 42.24
C ALA J 200 -14.40 7.25 43.16
N THR J 201 -14.85 8.51 43.19
CA THR J 201 -16.02 8.89 43.99
C THR J 201 -17.28 8.08 43.61
N PHE J 202 -17.43 7.75 42.33
CA PHE J 202 -18.63 7.07 41.88
C PHE J 202 -18.70 5.59 42.31
N TRP J 203 -17.54 4.94 42.34
CA TRP J 203 -17.43 3.61 42.91
C TRP J 203 -17.76 3.67 44.41
N GLN J 204 -17.30 4.75 45.05
CA GLN J 204 -17.34 4.93 46.51
C GLN J 204 -18.66 5.33 47.16
N ASP J 205 -19.62 5.77 46.34
CA ASP J 205 -20.97 5.90 46.83
C ASP J 205 -21.50 4.46 47.02
N PRO J 206 -21.87 4.09 48.26
CA PRO J 206 -22.58 2.80 48.44
C PRO J 206 -24.01 2.68 47.83
N ARG J 207 -24.64 3.77 47.38
CA ARG J 207 -25.92 3.67 46.65
C ARG J 207 -25.82 3.00 45.29
N ASN J 208 -24.61 3.00 44.70
CA ASN J 208 -24.45 2.65 43.29
C ASN J 208 -24.46 1.16 42.96
N HIS J 209 -25.27 0.80 41.98
CA HIS J 209 -25.49 -0.59 41.58
C HIS J 209 -24.95 -0.96 40.17
N PHE J 210 -23.95 -1.83 40.14
CA PHE J 210 -23.33 -2.29 38.92
C PHE J 210 -23.73 -3.72 38.60
N ARG J 211 -24.00 -3.97 37.32
CA ARG J 211 -24.27 -5.32 36.84
C ARG J 211 -23.73 -5.58 35.42
N CYS J 212 -22.78 -6.49 35.32
CA CYS J 212 -22.41 -7.09 34.07
C CYS J 212 -23.47 -8.09 33.70
N GLN J 213 -23.97 -7.97 32.47
CA GLN J 213 -25.00 -8.85 31.97
C GLN J 213 -24.58 -9.56 30.66
N VAL J 214 -24.74 -10.89 30.60
CA VAL J 214 -24.49 -11.65 29.37
C VAL J 214 -25.71 -12.42 28.85
N GLN J 215 -26.18 -11.98 27.68
CA GLN J 215 -27.20 -12.75 26.95
C GLN J 215 -26.46 -13.87 26.23
N PHE J 216 -26.91 -15.10 26.47
CA PHE J 216 -26.36 -16.27 25.80
C PHE J 216 -27.41 -16.84 24.86
N TYR J 217 -27.02 -17.15 23.63
CA TYR J 217 -27.89 -17.89 22.72
C TYR J 217 -27.49 -19.35 22.58
N GLY J 218 -28.45 -20.22 22.81
CA GLY J 218 -28.26 -21.68 22.89
C GLY J 218 -29.50 -22.45 22.49
N LEU J 219 -29.86 -23.47 23.25
CA LEU J 219 -30.95 -24.33 22.85
C LEU J 219 -32.29 -23.68 23.10
N SER J 220 -33.33 -24.16 22.44
CA SER J 220 -34.66 -23.64 22.76
C SER J 220 -35.62 -24.78 23.11
N GLU J 221 -36.88 -24.42 23.27
CA GLU J 221 -37.88 -25.30 23.86
C GLU J 221 -38.00 -26.55 23.08
N ASN J 222 -37.97 -26.45 21.77
CA ASN J 222 -38.19 -27.64 20.97
C ASN J 222 -36.97 -28.58 20.85
N ASP J 223 -35.76 -28.10 21.13
CA ASP J 223 -34.59 -28.97 21.17
C ASP J 223 -34.73 -29.99 22.27
N GLU J 224 -34.36 -31.22 21.93
CA GLU J 224 -34.35 -32.35 22.86
C GLU J 224 -33.22 -32.26 23.88
N TRP J 225 -33.44 -32.73 25.10
CA TRP J 225 -32.33 -32.74 26.04
C TRP J 225 -32.55 -33.74 27.15
N THR J 226 -31.73 -34.76 27.12
CA THR J 226 -31.86 -35.83 28.03
C THR J 226 -30.49 -36.05 28.58
N GLN J 227 -30.09 -35.15 29.45
CA GLN J 227 -29.07 -35.52 30.39
C GLN J 227 -29.05 -34.59 31.56
N ASP J 228 -28.08 -34.82 32.45
CA ASP J 228 -28.16 -34.38 33.82
C ASP J 228 -27.98 -32.92 33.95
N ARG J 229 -26.95 -32.40 33.30
CA ARG J 229 -26.79 -30.96 33.31
C ARG J 229 -28.15 -30.39 33.01
N ALA J 230 -28.36 -29.18 33.52
CA ALA J 230 -29.40 -28.30 33.06
C ALA J 230 -29.24 -28.04 31.57
N LYS J 231 -30.35 -28.06 30.86
CA LYS J 231 -30.41 -27.75 29.45
C LYS J 231 -29.83 -26.34 29.13
N PRO J 232 -28.85 -26.28 28.24
CA PRO J 232 -28.23 -24.99 28.07
C PRO J 232 -28.99 -24.12 27.11
N VAL J 233 -30.16 -23.67 27.56
CA VAL J 233 -30.96 -22.80 26.76
C VAL J 233 -30.42 -21.39 26.66
N THR J 234 -30.93 -20.72 25.65
CA THR J 234 -30.87 -19.26 25.58
C THR J 234 -31.26 -18.67 26.92
N GLN J 235 -30.41 -17.81 27.45
CA GLN J 235 -30.59 -17.26 28.77
C GLN J 235 -29.69 -16.05 29.01
N ILE J 236 -30.07 -15.27 30.01
CA ILE J 236 -29.22 -14.26 30.59
C ILE J 236 -28.61 -14.72 31.90
N VAL J 237 -27.30 -14.54 31.98
CA VAL J 237 -26.52 -14.78 33.15
C VAL J 237 -25.83 -13.50 33.53
N SER J 238 -25.83 -13.20 34.80
CA SER J 238 -25.23 -11.95 35.25
C SER J 238 -24.64 -12.00 36.67
N ALA J 239 -23.75 -11.03 36.93
CA ALA J 239 -23.06 -10.86 38.20
C ALA J 239 -23.18 -9.38 38.52
N GLU J 240 -23.05 -9.03 39.80
CA GLU J 240 -23.20 -7.65 40.23
C GLU J 240 -22.29 -7.21 41.37
N ALA J 241 -22.21 -5.90 41.57
CA ALA J 241 -21.42 -5.32 42.65
C ALA J 241 -22.01 -4.01 43.12
N TRP J 242 -21.81 -3.75 44.41
CA TRP J 242 -22.28 -2.52 45.01
C TRP J 242 -21.11 -1.64 45.33
N GLY J 243 -21.29 -0.34 45.09
CA GLY J 243 -20.35 0.66 45.55
C GLY J 243 -20.14 0.55 47.06
N ARG J 244 -19.09 1.20 47.56
CA ARG J 244 -18.62 1.01 48.93
C ARG J 244 -17.39 1.86 49.17
N ALA J 245 -17.25 2.40 50.37
CA ALA J 245 -16.06 3.17 50.72
C ALA J 245 -15.27 2.36 51.74
N ASP J 246 -14.41 3.04 52.49
CA ASP J 246 -13.96 2.55 53.81
C ASP J 246 -13.29 3.67 54.62
S SO4 K . 44.14 10.83 17.96
O1 SO4 K . 44.21 11.03 16.48
O2 SO4 K . 44.58 9.43 18.21
O3 SO4 K . 44.91 11.77 18.85
O4 SO4 K . 42.72 11.04 18.32
S SO4 L . 51.03 6.68 30.41
O1 SO4 L . 49.99 7.58 29.88
O2 SO4 L . 52.02 6.35 29.35
O3 SO4 L . 51.70 7.41 31.52
O4 SO4 L . 50.41 5.40 30.93
C1 EDO M . 48.18 12.52 29.20
O1 EDO M . 49.10 13.40 29.90
C2 EDO M . 48.60 11.06 29.37
O2 EDO M . 48.22 10.64 30.67
C1 EDO N . 24.31 9.19 6.03
O1 EDO N . 24.30 8.72 7.36
C2 EDO N . 23.38 10.41 5.97
O2 EDO N . 22.09 10.04 5.46
S SO4 O . 6.44 18.79 -7.63
O1 SO4 O . 5.10 19.18 -7.12
O2 SO4 O . 6.33 18.43 -9.08
O3 SO4 O . 7.32 19.95 -7.42
O4 SO4 O . 7.08 17.68 -6.88
C1 EDO P . 32.63 19.75 10.93
O1 EDO P . 32.18 19.16 12.20
C2 EDO P . 31.91 19.40 9.66
O2 EDO P . 31.96 17.99 9.39
C1 GOL Q . -37.09 -17.78 -15.46
O1 GOL Q . -38.07 -18.40 -16.31
C2 GOL Q . -37.70 -17.29 -14.14
O2 GOL Q . -36.69 -17.22 -13.11
C3 GOL Q . -38.45 -15.96 -14.33
O3 GOL Q . -37.68 -14.81 -14.86
C1 GOL R . -54.12 -4.49 -18.82
O1 GOL R . -55.37 -4.05 -18.12
C2 GOL R . -52.79 -3.81 -18.47
O2 GOL R . -51.94 -4.77 -17.84
C3 GOL R . -52.09 -2.93 -19.50
O3 GOL R . -51.27 -1.69 -19.17
C1 GOL S . -62.03 -5.06 -12.69
O1 GOL S . -62.10 -5.88 -13.90
C2 GOL S . -62.56 -3.57 -12.88
O2 GOL S . -63.28 -3.01 -11.71
C3 GOL S . -61.52 -2.47 -13.23
O3 GOL S . -60.16 -2.94 -13.22
C1 EDO T . -42.63 -12.13 -17.01
O1 EDO T . -43.51 -11.91 -15.93
C2 EDO T . -43.41 -12.57 -18.24
O2 EDO T . -44.02 -11.42 -18.86
S SO4 U . -41.70 10.54 -27.51
O1 SO4 U . -41.14 11.15 -28.75
O2 SO4 U . -41.67 9.05 -27.66
O3 SO4 U . -40.87 10.83 -26.33
O4 SO4 U . -43.03 11.20 -27.27
C1 EDO V . -47.78 -12.50 -29.93
O1 EDO V . -48.45 -11.27 -29.43
C2 EDO V . -47.37 -12.52 -31.43
O2 EDO V . -48.39 -12.14 -32.47
C1 EDO W . -43.11 -14.45 -55.96
O1 EDO W . -44.32 -15.21 -55.67
C2 EDO W . -41.91 -14.38 -54.99
O2 EDO W . -40.78 -13.75 -55.64
C1 GOL X . -27.36 -0.27 -14.81
O1 GOL X . -28.67 -0.71 -15.27
C2 GOL X . -27.37 0.01 -13.29
O2 GOL X . -27.86 1.27 -13.33
C3 GOL X . -26.16 0.31 -12.38
O3 GOL X . -24.96 -0.39 -12.67
C1 GOL Y . 0.18 -1.78 -9.72
O1 GOL Y . 0.98 -1.95 -10.91
C2 GOL Y . -0.32 -0.34 -9.44
O2 GOL Y . -0.57 -0.36 -8.03
C3 GOL Y . -1.64 0.07 -10.14
O3 GOL Y . -2.09 1.45 -10.24
C1 EDO Z . -25.02 -2.92 -5.20
O1 EDO Z . -23.62 -2.64 -5.02
C2 EDO Z . -25.14 -4.39 -5.69
O2 EDO Z . -24.80 -4.44 -7.06
C1 EDO AA . 1.95 -2.26 9.66
O1 EDO AA . 1.16 -3.21 10.41
C2 EDO AA . 1.33 -0.85 9.54
O2 EDO AA . 1.99 0.29 10.25
S SO4 BA . -3.16 11.46 0.77
O1 SO4 BA . -4.07 12.21 -0.14
O2 SO4 BA . -2.12 10.68 0.07
O3 SO4 BA . -2.35 12.38 1.62
O4 SO4 BA . -4.04 10.53 1.53
C1 GOL CA . -36.06 -0.67 -10.70
O1 GOL CA . -36.06 -1.65 -11.77
C2 GOL CA . -37.24 0.24 -10.19
O2 GOL CA . -37.32 1.29 -11.07
C3 GOL CA . -37.12 0.85 -8.79
O3 GOL CA . -36.29 -0.11 -8.09
C1 GOL DA . -39.49 -2.79 7.24
O1 GOL DA . -38.71 -3.84 6.59
C2 GOL DA . -39.99 -1.78 6.19
O2 GOL DA . -41.19 -2.25 5.59
C3 GOL DA . -40.27 -0.35 6.65
O3 GOL DA . -39.14 0.53 6.45
C1 EDO EA . -22.48 -25.19 2.04
O1 EDO EA . -22.85 -24.44 3.25
C2 EDO EA . -21.00 -25.04 1.63
O2 EDO EA . -20.21 -24.31 2.63
S SO4 FA . -22.35 -30.73 -1.89
O1 SO4 FA . -23.39 -29.70 -2.32
O2 SO4 FA . -21.97 -31.66 -3.00
O3 SO4 FA . -21.11 -30.07 -1.40
O4 SO4 FA . -22.77 -31.67 -0.81
#